data_2J7J
# 
_entry.id   2J7J 
# 
_audit_conform.dict_name       mmcif_pdbx.dic 
_audit_conform.dict_version    5.391 
_audit_conform.dict_location   http://mmcif.pdb.org/dictionaries/ascii/mmcif_pdbx.dic 
# 
loop_
_database_2.database_id 
_database_2.database_code 
_database_2.pdbx_database_accession 
_database_2.pdbx_DOI 
PDB   2J7J         pdb_00002j7j 10.2210/pdb2j7j/pdb 
PDBE  EBI-30188    ?            ?                   
WWPDB D_1290030188 ?            ?                   
# 
loop_
_pdbx_audit_revision_history.ordinal 
_pdbx_audit_revision_history.data_content_type 
_pdbx_audit_revision_history.major_revision 
_pdbx_audit_revision_history.minor_revision 
_pdbx_audit_revision_history.revision_date 
1 'Structure model' 1 0 2007-10-09 
2 'Structure model' 1 1 2012-10-10 
3 'Structure model' 1 2 2024-05-08 
# 
_pdbx_audit_revision_details.ordinal             1 
_pdbx_audit_revision_details.revision_ordinal    1 
_pdbx_audit_revision_details.data_content_type   'Structure model' 
_pdbx_audit_revision_details.provider            repository 
_pdbx_audit_revision_details.type                'Initial release' 
_pdbx_audit_revision_details.description         ? 
_pdbx_audit_revision_details.details             ? 
# 
loop_
_pdbx_audit_revision_group.ordinal 
_pdbx_audit_revision_group.revision_ordinal 
_pdbx_audit_revision_group.data_content_type 
_pdbx_audit_revision_group.group 
1 2 'Structure model' 'Database references'       
2 2 'Structure model' 'Derived calculations'      
3 2 'Structure model' 'Non-polymer description'   
4 2 'Structure model' Other                       
5 2 'Structure model' 'Version format compliance' 
6 3 'Structure model' 'Data collection'           
7 3 'Structure model' 'Database references'       
8 3 'Structure model' 'Derived calculations'      
# 
loop_
_pdbx_audit_revision_category.ordinal 
_pdbx_audit_revision_category.revision_ordinal 
_pdbx_audit_revision_category.data_content_type 
_pdbx_audit_revision_category.category 
1 3 'Structure model' chem_comp_atom         
2 3 'Structure model' chem_comp_bond         
3 3 'Structure model' database_2             
4 3 'Structure model' pdbx_struct_conn_angle 
5 3 'Structure model' struct_conn            
6 3 'Structure model' struct_site            
# 
loop_
_pdbx_audit_revision_item.ordinal 
_pdbx_audit_revision_item.revision_ordinal 
_pdbx_audit_revision_item.data_content_type 
_pdbx_audit_revision_item.item 
1  3 'Structure model' '_database_2.pdbx_DOI'                        
2  3 'Structure model' '_database_2.pdbx_database_accession'         
3  3 'Structure model' '_pdbx_struct_conn_angle.ptnr1_auth_comp_id'  
4  3 'Structure model' '_pdbx_struct_conn_angle.ptnr1_auth_seq_id'   
5  3 'Structure model' '_pdbx_struct_conn_angle.ptnr1_label_atom_id' 
6  3 'Structure model' '_pdbx_struct_conn_angle.ptnr1_label_comp_id' 
7  3 'Structure model' '_pdbx_struct_conn_angle.ptnr1_label_seq_id'  
8  3 'Structure model' '_pdbx_struct_conn_angle.ptnr3_auth_comp_id'  
9  3 'Structure model' '_pdbx_struct_conn_angle.ptnr3_auth_seq_id'   
10 3 'Structure model' '_pdbx_struct_conn_angle.ptnr3_label_atom_id' 
11 3 'Structure model' '_pdbx_struct_conn_angle.ptnr3_label_comp_id' 
12 3 'Structure model' '_pdbx_struct_conn_angle.ptnr3_label_seq_id'  
13 3 'Structure model' '_pdbx_struct_conn_angle.value'               
14 3 'Structure model' '_struct_conn.pdbx_dist_value'                
15 3 'Structure model' '_struct_conn.ptnr1_auth_comp_id'             
16 3 'Structure model' '_struct_conn.ptnr1_auth_seq_id'              
17 3 'Structure model' '_struct_conn.ptnr1_label_asym_id'            
18 3 'Structure model' '_struct_conn.ptnr1_label_atom_id'            
19 3 'Structure model' '_struct_conn.ptnr1_label_comp_id'            
20 3 'Structure model' '_struct_conn.ptnr1_label_seq_id'             
21 3 'Structure model' '_struct_conn.ptnr2_auth_comp_id'             
22 3 'Structure model' '_struct_conn.ptnr2_auth_seq_id'              
23 3 'Structure model' '_struct_conn.ptnr2_label_asym_id'            
24 3 'Structure model' '_struct_conn.ptnr2_label_atom_id'            
25 3 'Structure model' '_struct_conn.ptnr2_label_comp_id'            
26 3 'Structure model' '_struct_conn.ptnr2_label_seq_id'             
27 3 'Structure model' '_struct_site.pdbx_auth_asym_id'              
28 3 'Structure model' '_struct_site.pdbx_auth_comp_id'              
29 3 'Structure model' '_struct_site.pdbx_auth_seq_id'               
# 
_pdbx_database_status.status_code                     REL 
_pdbx_database_status.entry_id                        2J7J 
_pdbx_database_status.deposit_site                    PDBE 
_pdbx_database_status.process_site                    PDBE 
_pdbx_database_status.SG_entry                        . 
_pdbx_database_status.recvd_initial_deposition_date   2006-10-10 
_pdbx_database_status.pdb_format_compatible           Y 
_pdbx_database_status.status_code_sf                  ? 
_pdbx_database_status.status_code_mr                  ? 
_pdbx_database_status.status_code_cs                  ? 
_pdbx_database_status.methods_development_category    ? 
_pdbx_database_status.status_code_nmr_data            ? 
# 
loop_
_pdbx_database_related.db_name 
_pdbx_database_related.db_id 
_pdbx_database_related.content_type 
_pdbx_database_related.details 
PDB 1TF3 unspecified 'TFIIIA FINGER 1-3 BOUND TO DEOXYRIBONUCLEIC ACID, NMR, 22 STRUCTURES' 
PDB 1TF6 unspecified 
'CO-CRYSTAL STRUCTURE OF XENOPUS TFIIIA ZINC FINGER DOMAIN BOUND TO THE 5S RIBOSOMAL RIBONUCLEIC ACID GENE INTERNAL CONTROL REGION' 
PDB 1UN6 unspecified 'THE CRYSTAL STRUCTURE OF A ZINC FINGER - RNA COMPLEX REVEALS TWO MODES OF MOLECULAR RECOGNITION' 
# 
loop_
_audit_author.name 
_audit_author.pdbx_ordinal 
'Lu, D.'   1 
'Klug, A.' 2 
# 
_citation.id                        primary 
_citation.title                     
'Invariance of the Zinc Finger Module: A Comparison of the Free Structure with Those in Nucleic-Acid Complexes.' 
_citation.journal_abbrev            Proteins 
_citation.journal_volume            67 
_citation.page_first                508 
_citation.page_last                 ? 
_citation.year                      2007 
_citation.journal_id_ASTM           PSFGEY 
_citation.country                   US 
_citation.journal_id_ISSN           0887-3585 
_citation.journal_id_CSD            0867 
_citation.book_publisher            ? 
_citation.pdbx_database_id_PubMed   17335000 
_citation.pdbx_database_id_DOI      10.1002/PROT.21289 
# 
loop_
_citation_author.citation_id 
_citation_author.name 
_citation_author.ordinal 
_citation_author.identifier_ORCID 
primary 'Lu, D.'   1 ? 
primary 'Klug, A.' 2 ? 
# 
loop_
_entity.id 
_entity.type 
_entity.src_method 
_entity.pdbx_description 
_entity.formula_weight 
_entity.pdbx_number_of_molecules 
_entity.pdbx_ec 
_entity.pdbx_mutation 
_entity.pdbx_fragment 
_entity.details 
1 polymer     man 'TRANSCRIPTION FACTOR IIIA' 10056.620 1   ? ? 'ZINC FINGER 4-6, RESIDUES 127-210' ? 
2 non-polymer syn 'ZINC ION'                  65.409    3   ? ? ?                                   ? 
3 non-polymer syn 'SULFATE ION'               96.063    1   ? ? ?                                   ? 
4 water       nat water                       18.015    128 ? ? ?                                   ? 
# 
_entity_name_com.entity_id   1 
_entity_name_com.name        'FACTOR A, TFIIIA, S-TFIIIA/O-TFIIIA' 
# 
_entity_poly.entity_id                      1 
_entity_poly.type                           'polypeptide(L)' 
_entity_poly.nstd_linkage                   no 
_entity_poly.nstd_monomer                   no 
_entity_poly.pdbx_seq_one_letter_code       
;MYVCHFENCGKAFKKHNQLKVHQFSHTQQLPYECPHEGCDKRFSLPSRLKRHEKVHAGYPCKKDDSCSFVGKTWTLYLKH
VAECH
;
_entity_poly.pdbx_seq_one_letter_code_can   
;MYVCHFENCGKAFKKHNQLKVHQFSHTQQLPYECPHEGCDKRFSLPSRLKRHEKVHAGYPCKKDDSCSFVGKTWTLYLKH
VAECH
;
_entity_poly.pdbx_strand_id                 A 
_entity_poly.pdbx_target_identifier         ? 
# 
loop_
_pdbx_entity_nonpoly.entity_id 
_pdbx_entity_nonpoly.name 
_pdbx_entity_nonpoly.comp_id 
2 'ZINC ION'    ZN  
3 'SULFATE ION' SO4 
4 water         HOH 
# 
loop_
_entity_poly_seq.entity_id 
_entity_poly_seq.num 
_entity_poly_seq.mon_id 
_entity_poly_seq.hetero 
1 1  MET n 
1 2  TYR n 
1 3  VAL n 
1 4  CYS n 
1 5  HIS n 
1 6  PHE n 
1 7  GLU n 
1 8  ASN n 
1 9  CYS n 
1 10 GLY n 
1 11 LYS n 
1 12 ALA n 
1 13 PHE n 
1 14 LYS n 
1 15 LYS n 
1 16 HIS n 
1 17 ASN n 
1 18 GLN n 
1 19 LEU n 
1 20 LYS n 
1 21 VAL n 
1 22 HIS n 
1 23 GLN n 
1 24 PHE n 
1 25 SER n 
1 26 HIS n 
1 27 THR n 
1 28 GLN n 
1 29 GLN n 
1 30 LEU n 
1 31 PRO n 
1 32 TYR n 
1 33 GLU n 
1 34 CYS n 
1 35 PRO n 
1 36 HIS n 
1 37 GLU n 
1 38 GLY n 
1 39 CYS n 
1 40 ASP n 
1 41 LYS n 
1 42 ARG n 
1 43 PHE n 
1 44 SER n 
1 45 LEU n 
1 46 PRO n 
1 47 SER n 
1 48 ARG n 
1 49 LEU n 
1 50 LYS n 
1 51 ARG n 
1 52 HIS n 
1 53 GLU n 
1 54 LYS n 
1 55 VAL n 
1 56 HIS n 
1 57 ALA n 
1 58 GLY n 
1 59 TYR n 
1 60 PRO n 
1 61 CYS n 
1 62 LYS n 
1 63 LYS n 
1 64 ASP n 
1 65 ASP n 
1 66 SER n 
1 67 CYS n 
1 68 SER n 
1 69 PHE n 
1 70 VAL n 
1 71 GLY n 
1 72 LYS n 
1 73 THR n 
1 74 TRP n 
1 75 THR n 
1 76 LEU n 
1 77 TYR n 
1 78 LEU n 
1 79 LYS n 
1 80 HIS n 
1 81 VAL n 
1 82 ALA n 
1 83 GLU n 
1 84 CYS n 
1 85 HIS n 
# 
_entity_src_gen.entity_id                          1 
_entity_src_gen.pdbx_src_id                        1 
_entity_src_gen.pdbx_alt_source_flag               sample 
_entity_src_gen.pdbx_seq_type                      ? 
_entity_src_gen.pdbx_beg_seq_num                   ? 
_entity_src_gen.pdbx_end_seq_num                   ? 
_entity_src_gen.gene_src_common_name               'AFRICAN CLAWED FROG' 
_entity_src_gen.gene_src_genus                     ? 
_entity_src_gen.pdbx_gene_src_gene                 ? 
_entity_src_gen.gene_src_species                   ? 
_entity_src_gen.gene_src_strain                    ? 
_entity_src_gen.gene_src_tissue                    ? 
_entity_src_gen.gene_src_tissue_fraction           ? 
_entity_src_gen.gene_src_details                   ? 
_entity_src_gen.pdbx_gene_src_fragment             ? 
_entity_src_gen.pdbx_gene_src_scientific_name      'XENOPUS LAEVIS' 
_entity_src_gen.pdbx_gene_src_ncbi_taxonomy_id     8355 
_entity_src_gen.pdbx_gene_src_variant              ? 
_entity_src_gen.pdbx_gene_src_cell_line            ? 
_entity_src_gen.pdbx_gene_src_atcc                 ? 
_entity_src_gen.pdbx_gene_src_organ                ? 
_entity_src_gen.pdbx_gene_src_organelle            ? 
_entity_src_gen.pdbx_gene_src_cell                 OOCYTE 
_entity_src_gen.pdbx_gene_src_cellular_location    ? 
_entity_src_gen.host_org_common_name               ? 
_entity_src_gen.pdbx_host_org_scientific_name      'ESCHERICHIA COLI' 
_entity_src_gen.pdbx_host_org_ncbi_taxonomy_id     469008 
_entity_src_gen.host_org_genus                     ? 
_entity_src_gen.pdbx_host_org_gene                 ? 
_entity_src_gen.pdbx_host_org_organ                ? 
_entity_src_gen.host_org_species                   ? 
_entity_src_gen.pdbx_host_org_tissue               ? 
_entity_src_gen.pdbx_host_org_tissue_fraction      ? 
_entity_src_gen.pdbx_host_org_strain               'BL21(DE3)' 
_entity_src_gen.pdbx_host_org_variant              ? 
_entity_src_gen.pdbx_host_org_cell_line            ? 
_entity_src_gen.pdbx_host_org_atcc                 ? 
_entity_src_gen.pdbx_host_org_culture_collection   ? 
_entity_src_gen.pdbx_host_org_cell                 ? 
_entity_src_gen.pdbx_host_org_organelle            ? 
_entity_src_gen.pdbx_host_org_cellular_location    ? 
_entity_src_gen.pdbx_host_org_vector_type          ? 
_entity_src_gen.pdbx_host_org_vector               ? 
_entity_src_gen.host_org_details                   ? 
_entity_src_gen.expression_system_id               ? 
_entity_src_gen.plasmid_name                       PET13A 
_entity_src_gen.plasmid_details                    ? 
_entity_src_gen.pdbx_description                   ? 
# 
loop_
_chem_comp.id 
_chem_comp.type 
_chem_comp.mon_nstd_flag 
_chem_comp.name 
_chem_comp.pdbx_synonyms 
_chem_comp.formula 
_chem_comp.formula_weight 
ALA 'L-peptide linking' y ALANINE         ? 'C3 H7 N O2'     89.093  
ARG 'L-peptide linking' y ARGININE        ? 'C6 H15 N4 O2 1' 175.209 
ASN 'L-peptide linking' y ASPARAGINE      ? 'C4 H8 N2 O3'    132.118 
ASP 'L-peptide linking' y 'ASPARTIC ACID' ? 'C4 H7 N O4'     133.103 
CYS 'L-peptide linking' y CYSTEINE        ? 'C3 H7 N O2 S'   121.158 
GLN 'L-peptide linking' y GLUTAMINE       ? 'C5 H10 N2 O3'   146.144 
GLU 'L-peptide linking' y 'GLUTAMIC ACID' ? 'C5 H9 N O4'     147.129 
GLY 'peptide linking'   y GLYCINE         ? 'C2 H5 N O2'     75.067  
HIS 'L-peptide linking' y HISTIDINE       ? 'C6 H10 N3 O2 1' 156.162 
HOH non-polymer         . WATER           ? 'H2 O'           18.015  
LEU 'L-peptide linking' y LEUCINE         ? 'C6 H13 N O2'    131.173 
LYS 'L-peptide linking' y LYSINE          ? 'C6 H15 N2 O2 1' 147.195 
MET 'L-peptide linking' y METHIONINE      ? 'C5 H11 N O2 S'  149.211 
PHE 'L-peptide linking' y PHENYLALANINE   ? 'C9 H11 N O2'    165.189 
PRO 'L-peptide linking' y PROLINE         ? 'C5 H9 N O2'     115.130 
SER 'L-peptide linking' y SERINE          ? 'C3 H7 N O3'     105.093 
SO4 non-polymer         . 'SULFATE ION'   ? 'O4 S -2'        96.063  
THR 'L-peptide linking' y THREONINE       ? 'C4 H9 N O3'     119.119 
TRP 'L-peptide linking' y TRYPTOPHAN      ? 'C11 H12 N2 O2'  204.225 
TYR 'L-peptide linking' y TYROSINE        ? 'C9 H11 N O3'    181.189 
VAL 'L-peptide linking' y VALINE          ? 'C5 H11 N O2'    117.146 
ZN  non-polymer         . 'ZINC ION'      ? 'Zn 2'           65.409  
# 
loop_
_pdbx_poly_seq_scheme.asym_id 
_pdbx_poly_seq_scheme.entity_id 
_pdbx_poly_seq_scheme.seq_id 
_pdbx_poly_seq_scheme.mon_id 
_pdbx_poly_seq_scheme.ndb_seq_num 
_pdbx_poly_seq_scheme.pdb_seq_num 
_pdbx_poly_seq_scheme.auth_seq_num 
_pdbx_poly_seq_scheme.pdb_mon_id 
_pdbx_poly_seq_scheme.auth_mon_id 
_pdbx_poly_seq_scheme.pdb_strand_id 
_pdbx_poly_seq_scheme.pdb_ins_code 
_pdbx_poly_seq_scheme.hetero 
A 1 1  MET 1  1  1  MET MET A . n 
A 1 2  TYR 2  2  2  TYR TYR A . n 
A 1 3  VAL 3  3  3  VAL VAL A . n 
A 1 4  CYS 4  4  4  CYS CYS A . n 
A 1 5  HIS 5  5  5  HIS HIS A . n 
A 1 6  PHE 6  6  6  PHE PHE A . n 
A 1 7  GLU 7  7  7  GLU GLU A . n 
A 1 8  ASN 8  8  8  ASN ASN A . n 
A 1 9  CYS 9  9  9  CYS CYS A . n 
A 1 10 GLY 10 10 10 GLY GLY A . n 
A 1 11 LYS 11 11 11 LYS LYS A . n 
A 1 12 ALA 12 12 12 ALA ALA A . n 
A 1 13 PHE 13 13 13 PHE PHE A . n 
A 1 14 LYS 14 14 14 LYS LYS A . n 
A 1 15 LYS 15 15 15 LYS LYS A . n 
A 1 16 HIS 16 16 16 HIS HIS A . n 
A 1 17 ASN 17 17 17 ASN ASN A . n 
A 1 18 GLN 18 18 18 GLN GLN A . n 
A 1 19 LEU 19 19 19 LEU LEU A . n 
A 1 20 LYS 20 20 20 LYS LYS A . n 
A 1 21 VAL 21 21 21 VAL VAL A . n 
A 1 22 HIS 22 22 22 HIS HIS A . n 
A 1 23 GLN 23 23 23 GLN GLN A . n 
A 1 24 PHE 24 24 24 PHE PHE A . n 
A 1 25 SER 25 25 25 SER SER A . n 
A 1 26 HIS 26 26 26 HIS HIS A . n 
A 1 27 THR 27 27 27 THR THR A . n 
A 1 28 GLN 28 28 28 GLN GLN A . n 
A 1 29 GLN 29 29 29 GLN GLN A . n 
A 1 30 LEU 30 30 30 LEU LEU A . n 
A 1 31 PRO 31 31 31 PRO PRO A . n 
A 1 32 TYR 32 32 32 TYR TYR A . n 
A 1 33 GLU 33 33 33 GLU GLU A . n 
A 1 34 CYS 34 34 34 CYS CYS A . n 
A 1 35 PRO 35 35 35 PRO PRO A . n 
A 1 36 HIS 36 36 36 HIS HIS A . n 
A 1 37 GLU 37 37 37 GLU GLU A . n 
A 1 38 GLY 38 38 38 GLY GLY A . n 
A 1 39 CYS 39 39 39 CYS CYS A . n 
A 1 40 ASP 40 40 40 ASP ASP A . n 
A 1 41 LYS 41 41 41 LYS LYS A . n 
A 1 42 ARG 42 42 42 ARG ARG A . n 
A 1 43 PHE 43 43 43 PHE PHE A . n 
A 1 44 SER 44 44 44 SER SER A . n 
A 1 45 LEU 45 45 45 LEU LEU A . n 
A 1 46 PRO 46 46 46 PRO PRO A . n 
A 1 47 SER 47 47 47 SER SER A . n 
A 1 48 ARG 48 48 48 ARG ARG A . n 
A 1 49 LEU 49 49 49 LEU LEU A . n 
A 1 50 LYS 50 50 50 LYS LYS A . n 
A 1 51 ARG 51 51 51 ARG ARG A . n 
A 1 52 HIS 52 52 52 HIS HIS A . n 
A 1 53 GLU 53 53 53 GLU GLU A . n 
A 1 54 LYS 54 54 54 LYS LYS A . n 
A 1 55 VAL 55 55 55 VAL VAL A . n 
A 1 56 HIS 56 56 56 HIS HIS A . n 
A 1 57 ALA 57 57 57 ALA ALA A . n 
A 1 58 GLY 58 58 58 GLY GLY A . n 
A 1 59 TYR 59 59 59 TYR TYR A . n 
A 1 60 PRO 60 60 60 PRO PRO A . n 
A 1 61 CYS 61 61 61 CYS CYS A . n 
A 1 62 LYS 62 62 62 LYS LYS A . n 
A 1 63 LYS 63 63 63 LYS LYS A . n 
A 1 64 ASP 64 64 64 ASP ASP A . n 
A 1 65 ASP 65 65 65 ASP ASP A . n 
A 1 66 SER 66 66 66 SER SER A . n 
A 1 67 CYS 67 67 67 CYS CYS A . n 
A 1 68 SER 68 68 68 SER SER A . n 
A 1 69 PHE 69 69 69 PHE PHE A . n 
A 1 70 VAL 70 70 70 VAL VAL A . n 
A 1 71 GLY 71 71 71 GLY GLY A . n 
A 1 72 LYS 72 72 72 LYS LYS A . n 
A 1 73 THR 73 73 73 THR THR A . n 
A 1 74 TRP 74 74 74 TRP TRP A . n 
A 1 75 THR 75 75 75 THR THR A . n 
A 1 76 LEU 76 76 76 LEU LEU A . n 
A 1 77 TYR 77 77 77 TYR TYR A . n 
A 1 78 LEU 78 78 78 LEU LEU A . n 
A 1 79 LYS 79 79 79 LYS LYS A . n 
A 1 80 HIS 80 80 80 HIS HIS A . n 
A 1 81 VAL 81 81 81 VAL VAL A . n 
A 1 82 ALA 82 82 82 ALA ALA A . n 
A 1 83 GLU 83 83 83 GLU GLU A . n 
A 1 84 CYS 84 84 84 CYS CYS A . n 
A 1 85 HIS 85 85 85 HIS HIS A . n 
# 
loop_
_pdbx_nonpoly_scheme.asym_id 
_pdbx_nonpoly_scheme.entity_id 
_pdbx_nonpoly_scheme.mon_id 
_pdbx_nonpoly_scheme.ndb_seq_num 
_pdbx_nonpoly_scheme.pdb_seq_num 
_pdbx_nonpoly_scheme.auth_seq_num 
_pdbx_nonpoly_scheme.pdb_mon_id 
_pdbx_nonpoly_scheme.auth_mon_id 
_pdbx_nonpoly_scheme.pdb_strand_id 
_pdbx_nonpoly_scheme.pdb_ins_code 
B 2 ZN  1   1086 1086 ZN  ZN  A . 
C 2 ZN  1   1087 1087 ZN  ZN  A . 
D 2 ZN  1   1088 1088 ZN  ZN  A . 
E 3 SO4 1   1089 1089 SO4 SO4 A . 
F 4 HOH 1   2001 2001 HOH HOH A . 
F 4 HOH 2   2002 2002 HOH HOH A . 
F 4 HOH 3   2003 2003 HOH HOH A . 
F 4 HOH 4   2004 2004 HOH HOH A . 
F 4 HOH 5   2005 2005 HOH HOH A . 
F 4 HOH 6   2006 2006 HOH HOH A . 
F 4 HOH 7   2007 2007 HOH HOH A . 
F 4 HOH 8   2008 2008 HOH HOH A . 
F 4 HOH 9   2009 2009 HOH HOH A . 
F 4 HOH 10  2010 2010 HOH HOH A . 
F 4 HOH 11  2011 2011 HOH HOH A . 
F 4 HOH 12  2012 2012 HOH HOH A . 
F 4 HOH 13  2013 2013 HOH HOH A . 
F 4 HOH 14  2014 2014 HOH HOH A . 
F 4 HOH 15  2015 2015 HOH HOH A . 
F 4 HOH 16  2016 2016 HOH HOH A . 
F 4 HOH 17  2017 2017 HOH HOH A . 
F 4 HOH 18  2018 2018 HOH HOH A . 
F 4 HOH 19  2019 2019 HOH HOH A . 
F 4 HOH 20  2020 2020 HOH HOH A . 
F 4 HOH 21  2021 2021 HOH HOH A . 
F 4 HOH 22  2022 2022 HOH HOH A . 
F 4 HOH 23  2023 2023 HOH HOH A . 
F 4 HOH 24  2024 2024 HOH HOH A . 
F 4 HOH 25  2025 2025 HOH HOH A . 
F 4 HOH 26  2026 2026 HOH HOH A . 
F 4 HOH 27  2027 2027 HOH HOH A . 
F 4 HOH 28  2028 2028 HOH HOH A . 
F 4 HOH 29  2029 2029 HOH HOH A . 
F 4 HOH 30  2030 2030 HOH HOH A . 
F 4 HOH 31  2031 2031 HOH HOH A . 
F 4 HOH 32  2032 2032 HOH HOH A . 
F 4 HOH 33  2033 2033 HOH HOH A . 
F 4 HOH 34  2034 2034 HOH HOH A . 
F 4 HOH 35  2035 2035 HOH HOH A . 
F 4 HOH 36  2036 2036 HOH HOH A . 
F 4 HOH 37  2037 2037 HOH HOH A . 
F 4 HOH 38  2038 2038 HOH HOH A . 
F 4 HOH 39  2039 2039 HOH HOH A . 
F 4 HOH 40  2040 2040 HOH HOH A . 
F 4 HOH 41  2041 2041 HOH HOH A . 
F 4 HOH 42  2042 2042 HOH HOH A . 
F 4 HOH 43  2043 2043 HOH HOH A . 
F 4 HOH 44  2044 2044 HOH HOH A . 
F 4 HOH 45  2045 2045 HOH HOH A . 
F 4 HOH 46  2046 2046 HOH HOH A . 
F 4 HOH 47  2047 2047 HOH HOH A . 
F 4 HOH 48  2048 2048 HOH HOH A . 
F 4 HOH 49  2049 2049 HOH HOH A . 
F 4 HOH 50  2050 2050 HOH HOH A . 
F 4 HOH 51  2051 2051 HOH HOH A . 
F 4 HOH 52  2052 2052 HOH HOH A . 
F 4 HOH 53  2053 2053 HOH HOH A . 
F 4 HOH 54  2054 2054 HOH HOH A . 
F 4 HOH 55  2055 2055 HOH HOH A . 
F 4 HOH 56  2056 2056 HOH HOH A . 
F 4 HOH 57  2057 2057 HOH HOH A . 
F 4 HOH 58  2058 2058 HOH HOH A . 
F 4 HOH 59  2059 2059 HOH HOH A . 
F 4 HOH 60  2060 2060 HOH HOH A . 
F 4 HOH 61  2061 2061 HOH HOH A . 
F 4 HOH 62  2062 2062 HOH HOH A . 
F 4 HOH 63  2063 2063 HOH HOH A . 
F 4 HOH 64  2064 2064 HOH HOH A . 
F 4 HOH 65  2065 2065 HOH HOH A . 
F 4 HOH 66  2066 2066 HOH HOH A . 
F 4 HOH 67  2067 2067 HOH HOH A . 
F 4 HOH 68  2068 2068 HOH HOH A . 
F 4 HOH 69  2069 2069 HOH HOH A . 
F 4 HOH 70  2070 2070 HOH HOH A . 
F 4 HOH 71  2071 2071 HOH HOH A . 
F 4 HOH 72  2072 2072 HOH HOH A . 
F 4 HOH 73  2073 2073 HOH HOH A . 
F 4 HOH 74  2074 2074 HOH HOH A . 
F 4 HOH 75  2075 2075 HOH HOH A . 
F 4 HOH 76  2076 2076 HOH HOH A . 
F 4 HOH 77  2077 2077 HOH HOH A . 
F 4 HOH 78  2078 2078 HOH HOH A . 
F 4 HOH 79  2079 2079 HOH HOH A . 
F 4 HOH 80  2080 2080 HOH HOH A . 
F 4 HOH 81  2081 2081 HOH HOH A . 
F 4 HOH 82  2082 2082 HOH HOH A . 
F 4 HOH 83  2083 2083 HOH HOH A . 
F 4 HOH 84  2084 2084 HOH HOH A . 
F 4 HOH 85  2085 2085 HOH HOH A . 
F 4 HOH 86  2086 2086 HOH HOH A . 
F 4 HOH 87  2087 2087 HOH HOH A . 
F 4 HOH 88  2088 2088 HOH HOH A . 
F 4 HOH 89  2089 2089 HOH HOH A . 
F 4 HOH 90  2090 2090 HOH HOH A . 
F 4 HOH 91  2091 2091 HOH HOH A . 
F 4 HOH 92  2092 2092 HOH HOH A . 
F 4 HOH 93  2093 2093 HOH HOH A . 
F 4 HOH 94  2094 2094 HOH HOH A . 
F 4 HOH 95  2095 2095 HOH HOH A . 
F 4 HOH 96  2096 2096 HOH HOH A . 
F 4 HOH 97  2097 2097 HOH HOH A . 
F 4 HOH 98  2098 2098 HOH HOH A . 
F 4 HOH 99  2099 2099 HOH HOH A . 
F 4 HOH 100 2100 2100 HOH HOH A . 
F 4 HOH 101 2101 2101 HOH HOH A . 
F 4 HOH 102 2102 2102 HOH HOH A . 
F 4 HOH 103 2103 2103 HOH HOH A . 
F 4 HOH 104 2104 2104 HOH HOH A . 
F 4 HOH 105 2105 2105 HOH HOH A . 
F 4 HOH 106 2106 2106 HOH HOH A . 
F 4 HOH 107 2107 2107 HOH HOH A . 
F 4 HOH 108 2108 2108 HOH HOH A . 
F 4 HOH 109 2109 2109 HOH HOH A . 
F 4 HOH 110 2110 2110 HOH HOH A . 
F 4 HOH 111 2111 2111 HOH HOH A . 
F 4 HOH 112 2112 2112 HOH HOH A . 
F 4 HOH 113 2113 2113 HOH HOH A . 
F 4 HOH 114 2114 2114 HOH HOH A . 
F 4 HOH 115 2115 2115 HOH HOH A . 
F 4 HOH 116 2116 2116 HOH HOH A . 
F 4 HOH 117 2117 2117 HOH HOH A . 
F 4 HOH 118 2118 2118 HOH HOH A . 
F 4 HOH 119 2119 2119 HOH HOH A . 
F 4 HOH 120 2120 2120 HOH HOH A . 
F 4 HOH 121 2121 2121 HOH HOH A . 
F 4 HOH 122 2122 2122 HOH HOH A . 
F 4 HOH 123 2123 2123 HOH HOH A . 
F 4 HOH 124 2124 2124 HOH HOH A . 
F 4 HOH 125 2125 2125 HOH HOH A . 
F 4 HOH 126 2126 2126 HOH HOH A . 
F 4 HOH 127 2127 2127 HOH HOH A . 
F 4 HOH 128 2128 2128 HOH HOH A . 
# 
loop_
_software.name 
_software.classification 
_software.version 
_software.citation_id 
_software.pdbx_ordinal 
REFMAC refinement       5.1.24 ? 1 
MOSFLM 'data reduction' .      ? 2 
SCALA  'data scaling'   .      ? 3 
SHARP  phasing          .      ? 4 
# 
_cell.entry_id           2J7J 
_cell.length_a           50.954 
_cell.length_b           50.954 
_cell.length_c           173.431 
_cell.angle_alpha        90.00 
_cell.angle_beta         90.00 
_cell.angle_gamma        120.00 
_cell.Z_PDB              12 
_cell.pdbx_unique_axis   ? 
# 
_symmetry.entry_id                         2J7J 
_symmetry.space_group_name_H-M             'P 61 2 2' 
_symmetry.pdbx_full_space_group_name_H-M   ? 
_symmetry.cell_setting                     ? 
_symmetry.Int_Tables_number                178 
# 
_exptl.entry_id          2J7J 
_exptl.method            'X-RAY DIFFRACTION' 
_exptl.crystals_number   1 
# 
_exptl_crystal.id                    1 
_exptl_crystal.density_meas          ? 
_exptl_crystal.density_Matthews      3.23 
_exptl_crystal.density_percent_sol   50 
_exptl_crystal.description           NONE 
# 
_exptl_crystal_grow.crystal_id      1 
_exptl_crystal_grow.method          ? 
_exptl_crystal_grow.temp            ? 
_exptl_crystal_grow.temp_details    ? 
_exptl_crystal_grow.pH              8.5 
_exptl_crystal_grow.pdbx_pH_range   ? 
_exptl_crystal_grow.pdbx_details    '1.6M (NH4)2SO4, 25MM MGSO4, 50MM TRIS.HCL PH8.5' 
# 
_diffrn.id                     1 
_diffrn.ambient_temp           100 
_diffrn.ambient_temp_details   ? 
_diffrn.crystal_id             1 
# 
_diffrn_detector.diffrn_id              1 
_diffrn_detector.detector               CCD 
_diffrn_detector.type                   'ADSC CCD' 
_diffrn_detector.pdbx_collection_date   2003-02-24 
_diffrn_detector.details                ? 
# 
_diffrn_radiation.diffrn_id                        1 
_diffrn_radiation.wavelength_id                    1 
_diffrn_radiation.pdbx_monochromatic_or_laue_m_l   M 
_diffrn_radiation.monochromator                    ? 
_diffrn_radiation.pdbx_diffrn_protocol             'SINGLE WAVELENGTH' 
_diffrn_radiation.pdbx_scattering_type             x-ray 
# 
loop_
_diffrn_radiation_wavelength.id 
_diffrn_radiation_wavelength.wavelength 
_diffrn_radiation_wavelength.wt 
1 0.9791 1.0 
2 1.2824 1.0 
3 1.2828 1.0 
4 1.2651 1.0 
# 
_diffrn_source.diffrn_id                   1 
_diffrn_source.source                      SYNCHROTRON 
_diffrn_source.type                        'ESRF BEAMLINE ID29' 
_diffrn_source.pdbx_synchrotron_site       ESRF 
_diffrn_source.pdbx_synchrotron_beamline   ID29 
_diffrn_source.pdbx_wavelength             ? 
_diffrn_source.pdbx_wavelength_list        '0.9791, 1.2824, 1.2828, 1.2651' 
# 
_reflns.pdbx_diffrn_id               1 
_reflns.pdbx_ordinal                 1 
_reflns.entry_id                     2J7J 
_reflns.observed_criterion_sigma_I   2.0 
_reflns.observed_criterion_sigma_F   ? 
_reflns.d_resolution_low             57.83 
_reflns.d_resolution_high            1.65 
_reflns.number_obs                   17038 
_reflns.number_all                   ? 
_reflns.percent_possible_obs         100.0 
_reflns.pdbx_Rmerge_I_obs            0.09 
_reflns.pdbx_Rsym_value              ? 
_reflns.pdbx_netI_over_sigmaI        16.20 
_reflns.B_iso_Wilson_estimate        18.03 
_reflns.pdbx_redundancy              9.5 
# 
_reflns_shell.pdbx_diffrn_id         1 
_reflns_shell.pdbx_ordinal           1 
_reflns_shell.d_res_high             1.65 
_reflns_shell.d_res_low              1.74 
_reflns_shell.percent_possible_all   100.0 
_reflns_shell.Rmerge_I_obs           0.38 
_reflns_shell.pdbx_Rsym_value        ? 
_reflns_shell.meanI_over_sigI_obs    2.00 
_reflns_shell.pdbx_redundancy        10 
# 
_refine.pdbx_refine_id                           'X-RAY DIFFRACTION' 
_refine.entry_id                                 2J7J 
_refine.pdbx_diffrn_id                           1 
_refine.pdbx_TLS_residual_ADP_flag               ? 
_refine.ls_number_reflns_obs                     16099 
_refine.ls_number_reflns_all                     ? 
_refine.pdbx_ls_sigma_I                          ? 
_refine.pdbx_ls_sigma_F                          2.000 
_refine.pdbx_data_cutoff_high_absF               ? 
_refine.pdbx_data_cutoff_low_absF                ? 
_refine.pdbx_data_cutoff_high_rms_absF           ? 
_refine.ls_d_res_low                             44.28 
_refine.ls_d_res_high                            1.65 
_refine.ls_percent_reflns_obs                    100.0 
_refine.ls_R_factor_obs                          0.218 
_refine.ls_R_factor_all                          ? 
_refine.ls_R_factor_R_work                       0.217 
_refine.ls_R_factor_R_free                       0.228 
_refine.ls_R_factor_R_free_error                 ? 
_refine.ls_R_factor_R_free_error_details         ? 
_refine.ls_percent_reflns_R_free                 5.100 
_refine.ls_number_reflns_R_free                  858 
_refine.ls_number_parameters                     ? 
_refine.ls_number_restraints                     ? 
_refine.occupancy_min                            ? 
_refine.occupancy_max                            ? 
_refine.correlation_coeff_Fo_to_Fc               0.948 
_refine.correlation_coeff_Fo_to_Fc_free          0.943 
_refine.B_iso_mean                               19.99 
_refine.aniso_B[1][1]                            1.42000 
_refine.aniso_B[2][2]                            1.42000 
_refine.aniso_B[3][3]                            -2.12000 
_refine.aniso_B[1][2]                            0.71000 
_refine.aniso_B[1][3]                            0.00000 
_refine.aniso_B[2][3]                            0.00000 
_refine.solvent_model_details                    'BABINET MODEL WITH MASK' 
_refine.solvent_model_param_ksol                 ? 
_refine.solvent_model_param_bsol                 ? 
_refine.pdbx_solvent_vdw_probe_radii             1.40 
_refine.pdbx_solvent_ion_probe_radii             0.80 
_refine.pdbx_solvent_shrinkage_radii             0.80 
_refine.pdbx_ls_cross_valid_method               THROUGHOUT 
_refine.details                                  'HYDROGENS HAVE BEEN ADDED IN THE RIDING POSITIONS.' 
_refine.pdbx_starting_model                      NONE 
_refine.pdbx_method_to_determine_struct          MAD 
_refine.pdbx_isotropic_thermal_model             ? 
_refine.pdbx_stereochemistry_target_values       'MAXIMUM LIKELIHOODWITH PHASES' 
_refine.pdbx_stereochem_target_val_spec_case     ? 
_refine.pdbx_R_Free_selection_details            RANDOM 
_refine.pdbx_overall_ESU_R                       0.094 
_refine.pdbx_overall_ESU_R_Free                  0.088 
_refine.overall_SU_ML                            0.060 
_refine.pdbx_overall_phase_error                 ? 
_refine.overall_SU_B                             1.828 
_refine.overall_SU_R_Cruickshank_DPI             ? 
_refine.pdbx_overall_SU_R_free_Cruickshank_DPI   ? 
_refine.pdbx_overall_SU_R_Blow_DPI               ? 
_refine.pdbx_overall_SU_R_free_Blow_DPI          ? 
# 
_refine_hist.pdbx_refine_id                   'X-RAY DIFFRACTION' 
_refine_hist.cycle_id                         LAST 
_refine_hist.pdbx_number_atoms_protein        703 
_refine_hist.pdbx_number_atoms_nucleic_acid   0 
_refine_hist.pdbx_number_atoms_ligand         8 
_refine_hist.number_atoms_solvent             128 
_refine_hist.number_atoms_total               839 
_refine_hist.d_res_high                       1.65 
_refine_hist.d_res_low                        44.28 
# 
loop_
_refine_ls_restr.type 
_refine_ls_restr.dev_ideal 
_refine_ls_restr.dev_ideal_target 
_refine_ls_restr.weight 
_refine_ls_restr.number 
_refine_ls_restr.pdbx_refine_id 
_refine_ls_restr.pdbx_restraint_function 
r_bond_refined_d             0.005 0.021 ? 742  'X-RAY DIFFRACTION' ? 
r_bond_other_d               0.002 0.020 ? 610  'X-RAY DIFFRACTION' ? 
r_angle_refined_deg          0.878 1.917 ? 996  'X-RAY DIFFRACTION' ? 
r_angle_other_deg            0.694 3.000 ? 1448 'X-RAY DIFFRACTION' ? 
r_dihedral_angle_1_deg       4.517 5.000 ? 84   'X-RAY DIFFRACTION' ? 
r_dihedral_angle_2_deg       ?     ?     ? ?    'X-RAY DIFFRACTION' ? 
r_dihedral_angle_3_deg       ?     ?     ? ?    'X-RAY DIFFRACTION' ? 
r_dihedral_angle_4_deg       ?     ?     ? ?    'X-RAY DIFFRACTION' ? 
r_chiral_restr               0.055 0.200 ? 96   'X-RAY DIFFRACTION' ? 
r_gen_planes_refined         0.004 0.020 ? 806  'X-RAY DIFFRACTION' ? 
r_gen_planes_other           0.003 0.020 ? 156  'X-RAY DIFFRACTION' ? 
r_nbd_refined                0.183 0.200 ? 152  'X-RAY DIFFRACTION' ? 
r_nbd_other                  0.207 0.200 ? 634  'X-RAY DIFFRACTION' ? 
r_nbtor_refined              ?     ?     ? ?    'X-RAY DIFFRACTION' ? 
r_nbtor_other                0.079 0.200 ? 394  'X-RAY DIFFRACTION' ? 
r_xyhbond_nbd_refined        0.138 0.200 ? 85   'X-RAY DIFFRACTION' ? 
r_xyhbond_nbd_other          ?     ?     ? ?    'X-RAY DIFFRACTION' ? 
r_metal_ion_refined          ?     ?     ? ?    'X-RAY DIFFRACTION' ? 
r_metal_ion_other            ?     ?     ? ?    'X-RAY DIFFRACTION' ? 
r_symmetry_vdw_refined       0.139 0.200 ? 13   'X-RAY DIFFRACTION' ? 
r_symmetry_vdw_other         0.298 0.200 ? 49   'X-RAY DIFFRACTION' ? 
r_symmetry_hbond_refined     0.113 0.200 ? 24   'X-RAY DIFFRACTION' ? 
r_symmetry_hbond_other       ?     ?     ? ?    'X-RAY DIFFRACTION' ? 
r_symmetry_metal_ion_refined ?     ?     ? ?    'X-RAY DIFFRACTION' ? 
r_symmetry_metal_ion_other   ?     ?     ? ?    'X-RAY DIFFRACTION' ? 
r_mcbond_it                  0.620 1.500 ? 425  'X-RAY DIFFRACTION' ? 
r_mcbond_other               ?     ?     ? ?    'X-RAY DIFFRACTION' ? 
r_mcangle_it                 1.196 2.000 ? 687  'X-RAY DIFFRACTION' ? 
r_mcangle_other              ?     ?     ? ?    'X-RAY DIFFRACTION' ? 
r_scbond_it                  1.362 3.000 ? 317  'X-RAY DIFFRACTION' ? 
r_scbond_other               ?     ?     ? ?    'X-RAY DIFFRACTION' ? 
r_scangle_it                 2.266 4.500 ? 309  'X-RAY DIFFRACTION' ? 
r_scangle_other              ?     ?     ? ?    'X-RAY DIFFRACTION' ? 
r_long_range_B_refined       ?     ?     ? ?    'X-RAY DIFFRACTION' ? 
r_long_range_B_other         ?     ?     ? ?    'X-RAY DIFFRACTION' ? 
r_rigid_bond_restr           ?     ?     ? ?    'X-RAY DIFFRACTION' ? 
r_sphericity_free            ?     ?     ? ?    'X-RAY DIFFRACTION' ? 
r_sphericity_bonded          ?     ?     ? ?    'X-RAY DIFFRACTION' ? 
# 
_refine_ls_shell.pdbx_refine_id                   'X-RAY DIFFRACTION' 
_refine_ls_shell.pdbx_total_number_of_bins_used   20 
_refine_ls_shell.d_res_high                       1.65 
_refine_ls_shell.d_res_low                        1.69 
_refine_ls_shell.number_reflns_R_work             1143 
_refine_ls_shell.R_factor_R_work                  0.2520 
_refine_ls_shell.percent_reflns_obs               ? 
_refine_ls_shell.R_factor_R_free                  0.2510 
_refine_ls_shell.R_factor_R_free_error            ? 
_refine_ls_shell.percent_reflns_R_free            ? 
_refine_ls_shell.number_reflns_R_free             71 
_refine_ls_shell.number_reflns_all                ? 
_refine_ls_shell.R_factor_all                     ? 
# 
_struct.entry_id                  2J7J 
_struct.title                     
'Invariance of the zinc finger module: a comparison of the free structure with those in nucleic-acid complexes' 
_struct.pdbx_model_details        ? 
_struct.pdbx_CASP_flag            ? 
_struct.pdbx_model_type_details   ? 
# 
_struct_keywords.entry_id        2J7J 
_struct_keywords.pdbx_keywords   TRANSCRIPTION 
_struct_keywords.text            
;ZINC FINGER MODULE, ALTERNATIVE INITIATION, NUCLEAR PROTEIN, PHOSPHORYLATION, HYDROPHOBIC CORE, ZINC, RNA-BINDING, ZINC-FINGER, DNA-BINDING, TRANSCRIPTION REGULATION, POLYMORPHISM, TRANSCRIPTION, METAL-BINDING
;
# 
loop_
_struct_asym.id 
_struct_asym.pdbx_blank_PDB_chainid_flag 
_struct_asym.pdbx_modified 
_struct_asym.entity_id 
_struct_asym.details 
A N N 1 ? 
B N N 2 ? 
C N N 2 ? 
D N N 2 ? 
E N N 3 ? 
F N N 4 ? 
# 
loop_
_struct_ref.id 
_struct_ref.db_name 
_struct_ref.db_code 
_struct_ref.entity_id 
_struct_ref.pdbx_seq_one_letter_code 
_struct_ref.pdbx_align_begin 
_struct_ref.pdbx_db_accession 
_struct_ref.pdbx_db_isoform 
1 PDB 2J7J       1 ? ? 2J7J   ? 
2 UNP TF3A_XENLA 1 ? ? P03001 ? 
# 
loop_
_struct_ref_seq.align_id 
_struct_ref_seq.ref_id 
_struct_ref_seq.pdbx_PDB_id_code 
_struct_ref_seq.pdbx_strand_id 
_struct_ref_seq.seq_align_beg 
_struct_ref_seq.pdbx_seq_align_beg_ins_code 
_struct_ref_seq.seq_align_end 
_struct_ref_seq.pdbx_seq_align_end_ins_code 
_struct_ref_seq.pdbx_db_accession 
_struct_ref_seq.db_align_beg 
_struct_ref_seq.pdbx_db_align_beg_ins_code 
_struct_ref_seq.db_align_end 
_struct_ref_seq.pdbx_db_align_end_ins_code 
_struct_ref_seq.pdbx_auth_seq_align_beg 
_struct_ref_seq.pdbx_auth_seq_align_end 
1 1 2J7J A 1 ? 1  ? 2J7J   1   ? 1   ? 1 1  
2 2 2J7J A 2 ? 85 ? P03001 127 ? 210 ? 2 85 
# 
_pdbx_struct_assembly.id                   1 
_pdbx_struct_assembly.details              author_and_software_defined_assembly 
_pdbx_struct_assembly.method_details       PISA 
_pdbx_struct_assembly.oligomeric_details   dimeric 
_pdbx_struct_assembly.oligomeric_count     2 
# 
loop_
_pdbx_struct_assembly_prop.biol_id 
_pdbx_struct_assembly_prop.type 
_pdbx_struct_assembly_prop.value 
_pdbx_struct_assembly_prop.details 
1 'ABSA (A^2)' 2840  ? 
1 MORE         -37.5 ? 
1 'SSA (A^2)'  11380 ? 
# 
_pdbx_struct_assembly_gen.assembly_id       1 
_pdbx_struct_assembly_gen.oper_expression   1,2 
_pdbx_struct_assembly_gen.asym_id_list      A,B,C,D,E,F 
# 
loop_
_pdbx_struct_oper_list.id 
_pdbx_struct_oper_list.type 
_pdbx_struct_oper_list.name 
_pdbx_struct_oper_list.symmetry_operation 
_pdbx_struct_oper_list.matrix[1][1] 
_pdbx_struct_oper_list.matrix[1][2] 
_pdbx_struct_oper_list.matrix[1][3] 
_pdbx_struct_oper_list.vector[1] 
_pdbx_struct_oper_list.matrix[2][1] 
_pdbx_struct_oper_list.matrix[2][2] 
_pdbx_struct_oper_list.matrix[2][3] 
_pdbx_struct_oper_list.vector[2] 
_pdbx_struct_oper_list.matrix[3][1] 
_pdbx_struct_oper_list.matrix[3][2] 
_pdbx_struct_oper_list.matrix[3][3] 
_pdbx_struct_oper_list.vector[3] 
1 'identity operation'         1_555 x,y,z         1.0000000000 0.0000000000 0.0000000000  0.0000000000 0.0000000000 1.0000000000  0.0000000000  0.0000000000   0.0000000000  0.0000000000  1.0000000000  0.0000000000  
2 'crystal symmetry operation' 8_675 x-y+1,-y+2,-z 0.2150777111 0.7108179472 -0.6696860639 5.5061121636 0.7108179472 -0.5841729714 -0.3917649619 -10.6113650911 -0.6696860639 -0.3917649619 -0.6309047396 -1.2728271238 
# 
_struct_biol.id   1 
# 
loop_
_struct_conf.conf_type_id 
_struct_conf.id 
_struct_conf.pdbx_PDB_helix_id 
_struct_conf.beg_label_comp_id 
_struct_conf.beg_label_asym_id 
_struct_conf.beg_label_seq_id 
_struct_conf.pdbx_beg_PDB_ins_code 
_struct_conf.end_label_comp_id 
_struct_conf.end_label_asym_id 
_struct_conf.end_label_seq_id 
_struct_conf.pdbx_end_PDB_ins_code 
_struct_conf.beg_auth_comp_id 
_struct_conf.beg_auth_asym_id 
_struct_conf.beg_auth_seq_id 
_struct_conf.end_auth_comp_id 
_struct_conf.end_auth_asym_id 
_struct_conf.end_auth_seq_id 
_struct_conf.pdbx_PDB_helix_class 
_struct_conf.details 
_struct_conf.pdbx_PDB_helix_length 
HELX_P HELX_P1 1 LYS A 15 ? GLN A 28 ? LYS A 15 GLN A 28 1 ? 14 
HELX_P HELX_P2 2 LEU A 45 ? GLY A 58 ? LEU A 45 GLY A 58 1 ? 14 
HELX_P HELX_P3 3 THR A 73 ? CYS A 84 ? THR A 73 CYS A 84 1 ? 12 
# 
_struct_conf_type.id          HELX_P 
_struct_conf_type.criteria    ? 
_struct_conf_type.reference   ? 
# 
loop_
_struct_conn.id 
_struct_conn.conn_type_id 
_struct_conn.pdbx_leaving_atom_flag 
_struct_conn.pdbx_PDB_id 
_struct_conn.ptnr1_label_asym_id 
_struct_conn.ptnr1_label_comp_id 
_struct_conn.ptnr1_label_seq_id 
_struct_conn.ptnr1_label_atom_id 
_struct_conn.pdbx_ptnr1_label_alt_id 
_struct_conn.pdbx_ptnr1_PDB_ins_code 
_struct_conn.pdbx_ptnr1_standard_comp_id 
_struct_conn.ptnr1_symmetry 
_struct_conn.ptnr2_label_asym_id 
_struct_conn.ptnr2_label_comp_id 
_struct_conn.ptnr2_label_seq_id 
_struct_conn.ptnr2_label_atom_id 
_struct_conn.pdbx_ptnr2_label_alt_id 
_struct_conn.pdbx_ptnr2_PDB_ins_code 
_struct_conn.ptnr1_auth_asym_id 
_struct_conn.ptnr1_auth_comp_id 
_struct_conn.ptnr1_auth_seq_id 
_struct_conn.ptnr2_auth_asym_id 
_struct_conn.ptnr2_auth_comp_id 
_struct_conn.ptnr2_auth_seq_id 
_struct_conn.ptnr2_symmetry 
_struct_conn.pdbx_ptnr3_label_atom_id 
_struct_conn.pdbx_ptnr3_label_seq_id 
_struct_conn.pdbx_ptnr3_label_comp_id 
_struct_conn.pdbx_ptnr3_label_asym_id 
_struct_conn.pdbx_ptnr3_label_alt_id 
_struct_conn.pdbx_ptnr3_PDB_ins_code 
_struct_conn.details 
_struct_conn.pdbx_dist_value 
_struct_conn.pdbx_value_order 
_struct_conn.pdbx_role 
metalc1  metalc ? ? A CYS 4  SG  ? ? ? 1_555 B ZN . ZN ? ? A CYS 4  A ZN 1086 1_555 ? ? ? ? ? ? ? 2.274 ? ? 
metalc2  metalc ? ? A CYS 9  SG  ? ? ? 1_555 B ZN . ZN ? ? A CYS 9  A ZN 1086 1_555 ? ? ? ? ? ? ? 2.280 ? ? 
metalc3  metalc ? ? A HIS 22 NE2 ? ? ? 1_555 B ZN . ZN ? ? A HIS 22 A ZN 1086 1_555 ? ? ? ? ? ? ? 2.058 ? ? 
metalc4  metalc ? ? A HIS 26 NE2 ? ? ? 1_555 B ZN . ZN ? ? A HIS 26 A ZN 1086 1_555 ? ? ? ? ? ? ? 2.030 ? ? 
metalc5  metalc ? ? A CYS 34 SG  ? ? ? 1_555 C ZN . ZN ? ? A CYS 34 A ZN 1087 1_555 ? ? ? ? ? ? ? 2.277 ? ? 
metalc6  metalc ? ? A CYS 39 SG  ? ? ? 1_555 C ZN . ZN ? ? A CYS 39 A ZN 1087 1_555 ? ? ? ? ? ? ? 2.239 ? ? 
metalc7  metalc ? ? A HIS 52 NE2 ? ? ? 1_555 C ZN . ZN ? ? A HIS 52 A ZN 1087 1_555 ? ? ? ? ? ? ? 2.153 ? ? 
metalc8  metalc ? ? A HIS 56 NE2 ? ? ? 1_555 C ZN . ZN ? ? A HIS 56 A ZN 1087 1_555 ? ? ? ? ? ? ? 2.089 ? ? 
metalc9  metalc ? ? A CYS 61 SG  ? ? ? 1_555 D ZN . ZN ? ? A CYS 61 A ZN 1088 1_555 ? ? ? ? ? ? ? 2.161 ? ? 
metalc10 metalc ? ? A CYS 67 SG  ? ? ? 1_555 D ZN . ZN ? ? A CYS 67 A ZN 1088 1_555 ? ? ? ? ? ? ? 2.327 ? ? 
metalc11 metalc ? ? A HIS 80 NE2 ? ? ? 1_555 D ZN . ZN ? ? A HIS 80 A ZN 1088 1_555 ? ? ? ? ? ? ? 2.083 ? ? 
metalc12 metalc ? ? A HIS 85 NE2 ? ? ? 1_555 D ZN . ZN ? ? A HIS 85 A ZN 1088 1_555 ? ? ? ? ? ? ? 2.083 ? ? 
# 
_struct_conn_type.id          metalc 
_struct_conn_type.criteria    ? 
_struct_conn_type.reference   ? 
# 
loop_
_pdbx_struct_conn_angle.id 
_pdbx_struct_conn_angle.ptnr1_label_atom_id 
_pdbx_struct_conn_angle.ptnr1_label_alt_id 
_pdbx_struct_conn_angle.ptnr1_label_asym_id 
_pdbx_struct_conn_angle.ptnr1_label_comp_id 
_pdbx_struct_conn_angle.ptnr1_label_seq_id 
_pdbx_struct_conn_angle.ptnr1_auth_atom_id 
_pdbx_struct_conn_angle.ptnr1_auth_asym_id 
_pdbx_struct_conn_angle.ptnr1_auth_comp_id 
_pdbx_struct_conn_angle.ptnr1_auth_seq_id 
_pdbx_struct_conn_angle.ptnr1_PDB_ins_code 
_pdbx_struct_conn_angle.ptnr1_symmetry 
_pdbx_struct_conn_angle.ptnr2_label_atom_id 
_pdbx_struct_conn_angle.ptnr2_label_alt_id 
_pdbx_struct_conn_angle.ptnr2_label_asym_id 
_pdbx_struct_conn_angle.ptnr2_label_comp_id 
_pdbx_struct_conn_angle.ptnr2_label_seq_id 
_pdbx_struct_conn_angle.ptnr2_auth_atom_id 
_pdbx_struct_conn_angle.ptnr2_auth_asym_id 
_pdbx_struct_conn_angle.ptnr2_auth_comp_id 
_pdbx_struct_conn_angle.ptnr2_auth_seq_id 
_pdbx_struct_conn_angle.ptnr2_PDB_ins_code 
_pdbx_struct_conn_angle.ptnr2_symmetry 
_pdbx_struct_conn_angle.ptnr3_label_atom_id 
_pdbx_struct_conn_angle.ptnr3_label_alt_id 
_pdbx_struct_conn_angle.ptnr3_label_asym_id 
_pdbx_struct_conn_angle.ptnr3_label_comp_id 
_pdbx_struct_conn_angle.ptnr3_label_seq_id 
_pdbx_struct_conn_angle.ptnr3_auth_atom_id 
_pdbx_struct_conn_angle.ptnr3_auth_asym_id 
_pdbx_struct_conn_angle.ptnr3_auth_comp_id 
_pdbx_struct_conn_angle.ptnr3_auth_seq_id 
_pdbx_struct_conn_angle.ptnr3_PDB_ins_code 
_pdbx_struct_conn_angle.ptnr3_symmetry 
_pdbx_struct_conn_angle.value 
_pdbx_struct_conn_angle.value_esd 
1  SG  ? A CYS 4  ? A CYS 4  ? 1_555 ZN ? B ZN . ? A ZN 1086 ? 1_555 SG  ? A CYS 9  ? A CYS 9  ? 1_555 114.2 ? 
2  SG  ? A CYS 4  ? A CYS 4  ? 1_555 ZN ? B ZN . ? A ZN 1086 ? 1_555 NE2 ? A HIS 22 ? A HIS 22 ? 1_555 108.0 ? 
3  SG  ? A CYS 9  ? A CYS 9  ? 1_555 ZN ? B ZN . ? A ZN 1086 ? 1_555 NE2 ? A HIS 22 ? A HIS 22 ? 1_555 106.9 ? 
4  SG  ? A CYS 4  ? A CYS 4  ? 1_555 ZN ? B ZN . ? A ZN 1086 ? 1_555 NE2 ? A HIS 26 ? A HIS 26 ? 1_555 102.9 ? 
5  SG  ? A CYS 9  ? A CYS 9  ? 1_555 ZN ? B ZN . ? A ZN 1086 ? 1_555 NE2 ? A HIS 26 ? A HIS 26 ? 1_555 117.0 ? 
6  NE2 ? A HIS 22 ? A HIS 22 ? 1_555 ZN ? B ZN . ? A ZN 1086 ? 1_555 NE2 ? A HIS 26 ? A HIS 26 ? 1_555 107.4 ? 
7  SG  ? A CYS 34 ? A CYS 34 ? 1_555 ZN ? C ZN . ? A ZN 1087 ? 1_555 SG  ? A CYS 39 ? A CYS 39 ? 1_555 115.6 ? 
8  SG  ? A CYS 34 ? A CYS 34 ? 1_555 ZN ? C ZN . ? A ZN 1087 ? 1_555 NE2 ? A HIS 52 ? A HIS 52 ? 1_555 106.0 ? 
9  SG  ? A CYS 39 ? A CYS 39 ? 1_555 ZN ? C ZN . ? A ZN 1087 ? 1_555 NE2 ? A HIS 52 ? A HIS 52 ? 1_555 109.2 ? 
10 SG  ? A CYS 34 ? A CYS 34 ? 1_555 ZN ? C ZN . ? A ZN 1087 ? 1_555 NE2 ? A HIS 56 ? A HIS 56 ? 1_555 108.1 ? 
11 SG  ? A CYS 39 ? A CYS 39 ? 1_555 ZN ? C ZN . ? A ZN 1087 ? 1_555 NE2 ? A HIS 56 ? A HIS 56 ? 1_555 117.2 ? 
12 NE2 ? A HIS 52 ? A HIS 52 ? 1_555 ZN ? C ZN . ? A ZN 1087 ? 1_555 NE2 ? A HIS 56 ? A HIS 56 ? 1_555 98.9  ? 
13 SG  ? A CYS 61 ? A CYS 61 ? 1_555 ZN ? D ZN . ? A ZN 1088 ? 1_555 SG  ? A CYS 67 ? A CYS 67 ? 1_555 118.9 ? 
14 SG  ? A CYS 61 ? A CYS 61 ? 1_555 ZN ? D ZN . ? A ZN 1088 ? 1_555 NE2 ? A HIS 80 ? A HIS 80 ? 1_555 113.0 ? 
15 SG  ? A CYS 67 ? A CYS 67 ? 1_555 ZN ? D ZN . ? A ZN 1088 ? 1_555 NE2 ? A HIS 80 ? A HIS 80 ? 1_555 105.5 ? 
16 SG  ? A CYS 61 ? A CYS 61 ? 1_555 ZN ? D ZN . ? A ZN 1088 ? 1_555 NE2 ? A HIS 85 ? A HIS 85 ? 1_555 94.7  ? 
17 SG  ? A CYS 67 ? A CYS 67 ? 1_555 ZN ? D ZN . ? A ZN 1088 ? 1_555 NE2 ? A HIS 85 ? A HIS 85 ? 1_555 117.1 ? 
18 NE2 ? A HIS 80 ? A HIS 80 ? 1_555 ZN ? D ZN . ? A ZN 1088 ? 1_555 NE2 ? A HIS 85 ? A HIS 85 ? 1_555 107.2 ? 
# 
loop_
_struct_sheet.id 
_struct_sheet.type 
_struct_sheet.number_strands 
_struct_sheet.details 
AA ? 2 ? 
AB ? 2 ? 
AC ? 2 ? 
# 
loop_
_struct_sheet_order.sheet_id 
_struct_sheet_order.range_id_1 
_struct_sheet_order.range_id_2 
_struct_sheet_order.offset 
_struct_sheet_order.sense 
AA 1 2 ? anti-parallel 
AB 1 2 ? anti-parallel 
AC 1 2 ? anti-parallel 
# 
loop_
_struct_sheet_range.sheet_id 
_struct_sheet_range.id 
_struct_sheet_range.beg_label_comp_id 
_struct_sheet_range.beg_label_asym_id 
_struct_sheet_range.beg_label_seq_id 
_struct_sheet_range.pdbx_beg_PDB_ins_code 
_struct_sheet_range.end_label_comp_id 
_struct_sheet_range.end_label_asym_id 
_struct_sheet_range.end_label_seq_id 
_struct_sheet_range.pdbx_end_PDB_ins_code 
_struct_sheet_range.beg_auth_comp_id 
_struct_sheet_range.beg_auth_asym_id 
_struct_sheet_range.beg_auth_seq_id 
_struct_sheet_range.end_auth_comp_id 
_struct_sheet_range.end_auth_asym_id 
_struct_sheet_range.end_auth_seq_id 
AA 1 TYR A 2  ? VAL A 3  ? TYR A 2  VAL A 3  
AA 2 ALA A 12 ? PHE A 13 ? ALA A 12 PHE A 13 
AB 1 TYR A 32 ? GLU A 33 ? TYR A 32 GLU A 33 
AB 2 ARG A 42 ? PHE A 43 ? ARG A 42 PHE A 43 
AC 1 TYR A 59 ? PRO A 60 ? TYR A 59 PRO A 60 
AC 2 VAL A 70 ? GLY A 71 ? VAL A 70 GLY A 71 
# 
loop_
_pdbx_struct_sheet_hbond.sheet_id 
_pdbx_struct_sheet_hbond.range_id_1 
_pdbx_struct_sheet_hbond.range_id_2 
_pdbx_struct_sheet_hbond.range_1_label_atom_id 
_pdbx_struct_sheet_hbond.range_1_label_comp_id 
_pdbx_struct_sheet_hbond.range_1_label_asym_id 
_pdbx_struct_sheet_hbond.range_1_label_seq_id 
_pdbx_struct_sheet_hbond.range_1_PDB_ins_code 
_pdbx_struct_sheet_hbond.range_1_auth_atom_id 
_pdbx_struct_sheet_hbond.range_1_auth_comp_id 
_pdbx_struct_sheet_hbond.range_1_auth_asym_id 
_pdbx_struct_sheet_hbond.range_1_auth_seq_id 
_pdbx_struct_sheet_hbond.range_2_label_atom_id 
_pdbx_struct_sheet_hbond.range_2_label_comp_id 
_pdbx_struct_sheet_hbond.range_2_label_asym_id 
_pdbx_struct_sheet_hbond.range_2_label_seq_id 
_pdbx_struct_sheet_hbond.range_2_PDB_ins_code 
_pdbx_struct_sheet_hbond.range_2_auth_atom_id 
_pdbx_struct_sheet_hbond.range_2_auth_comp_id 
_pdbx_struct_sheet_hbond.range_2_auth_asym_id 
_pdbx_struct_sheet_hbond.range_2_auth_seq_id 
AA 1 2 N TYR A 2  ? N TYR A 2  O PHE A 13 ? O PHE A 13 
AB 1 2 N TYR A 32 ? N TYR A 32 O PHE A 43 ? O PHE A 43 
AC 1 2 N TYR A 59 ? N TYR A 59 O GLY A 71 ? O GLY A 71 
# 
loop_
_struct_site.id 
_struct_site.pdbx_evidence_code 
_struct_site.pdbx_auth_asym_id 
_struct_site.pdbx_auth_comp_id 
_struct_site.pdbx_auth_seq_id 
_struct_site.pdbx_auth_ins_code 
_struct_site.pdbx_num_residues 
_struct_site.details 
AC1 Software A ZN  1086 ? 4 'BINDING SITE FOR RESIDUE ZN A 1086'  
AC2 Software A ZN  1087 ? 4 'BINDING SITE FOR RESIDUE ZN A 1087'  
AC3 Software A ZN  1088 ? 4 'BINDING SITE FOR RESIDUE ZN A 1088'  
AC4 Software A SO4 1089 ? 4 'BINDING SITE FOR RESIDUE SO4 A 1089' 
# 
loop_
_struct_site_gen.id 
_struct_site_gen.site_id 
_struct_site_gen.pdbx_num_res 
_struct_site_gen.label_comp_id 
_struct_site_gen.label_asym_id 
_struct_site_gen.label_seq_id 
_struct_site_gen.pdbx_auth_ins_code 
_struct_site_gen.auth_comp_id 
_struct_site_gen.auth_asym_id 
_struct_site_gen.auth_seq_id 
_struct_site_gen.label_atom_id 
_struct_site_gen.label_alt_id 
_struct_site_gen.symmetry 
_struct_site_gen.details 
1  AC1 4 CYS A 4  ? CYS A 4    . ? 1_555 ? 
2  AC1 4 CYS A 9  ? CYS A 9    . ? 1_555 ? 
3  AC1 4 HIS A 22 ? HIS A 22   . ? 1_555 ? 
4  AC1 4 HIS A 26 ? HIS A 26   . ? 1_555 ? 
5  AC2 4 CYS A 34 ? CYS A 34   . ? 1_555 ? 
6  AC2 4 CYS A 39 ? CYS A 39   . ? 1_555 ? 
7  AC2 4 HIS A 52 ? HIS A 52   . ? 1_555 ? 
8  AC2 4 HIS A 56 ? HIS A 56   . ? 1_555 ? 
9  AC3 4 CYS A 61 ? CYS A 61   . ? 1_555 ? 
10 AC3 4 CYS A 67 ? CYS A 67   . ? 1_555 ? 
11 AC3 4 HIS A 80 ? HIS A 80   . ? 1_555 ? 
12 AC3 4 HIS A 85 ? HIS A 85   . ? 1_555 ? 
13 AC4 4 LYS A 11 ? LYS A 11   . ? 8_675 ? 
14 AC4 4 ARG A 48 ? ARG A 48   . ? 1_555 ? 
15 AC4 4 ARG A 51 ? ARG A 51   . ? 1_555 ? 
16 AC4 4 HOH F .  ? HOH A 2128 . ? 1_555 ? 
# 
_pdbx_validate_rmsd_angle.id                         1 
_pdbx_validate_rmsd_angle.PDB_model_num              1 
_pdbx_validate_rmsd_angle.auth_atom_id_1             CB 
_pdbx_validate_rmsd_angle.auth_asym_id_1             A 
_pdbx_validate_rmsd_angle.auth_comp_id_1             ASP 
_pdbx_validate_rmsd_angle.auth_seq_id_1              65 
_pdbx_validate_rmsd_angle.PDB_ins_code_1             ? 
_pdbx_validate_rmsd_angle.label_alt_id_1             ? 
_pdbx_validate_rmsd_angle.auth_atom_id_2             CG 
_pdbx_validate_rmsd_angle.auth_asym_id_2             A 
_pdbx_validate_rmsd_angle.auth_comp_id_2             ASP 
_pdbx_validate_rmsd_angle.auth_seq_id_2              65 
_pdbx_validate_rmsd_angle.PDB_ins_code_2             ? 
_pdbx_validate_rmsd_angle.label_alt_id_2             ? 
_pdbx_validate_rmsd_angle.auth_atom_id_3             OD2 
_pdbx_validate_rmsd_angle.auth_asym_id_3             A 
_pdbx_validate_rmsd_angle.auth_comp_id_3             ASP 
_pdbx_validate_rmsd_angle.auth_seq_id_3              65 
_pdbx_validate_rmsd_angle.PDB_ins_code_3             ? 
_pdbx_validate_rmsd_angle.label_alt_id_3             ? 
_pdbx_validate_rmsd_angle.angle_value                123.80 
_pdbx_validate_rmsd_angle.angle_target_value         118.30 
_pdbx_validate_rmsd_angle.angle_deviation            5.50 
_pdbx_validate_rmsd_angle.angle_standard_deviation   0.90 
_pdbx_validate_rmsd_angle.linker_flag                N 
# 
_pdbx_validate_torsion.id              1 
_pdbx_validate_torsion.PDB_model_num   1 
_pdbx_validate_torsion.auth_comp_id    CYS 
_pdbx_validate_torsion.auth_asym_id    A 
_pdbx_validate_torsion.auth_seq_id     9 
_pdbx_validate_torsion.PDB_ins_code    ? 
_pdbx_validate_torsion.label_alt_id    ? 
_pdbx_validate_torsion.phi             -130.32 
_pdbx_validate_torsion.psi             -102.19 
# 
loop_
_chem_comp_atom.comp_id 
_chem_comp_atom.atom_id 
_chem_comp_atom.type_symbol 
_chem_comp_atom.pdbx_aromatic_flag 
_chem_comp_atom.pdbx_stereo_config 
_chem_comp_atom.pdbx_ordinal 
ALA N    N  N N 1   
ALA CA   C  N S 2   
ALA C    C  N N 3   
ALA O    O  N N 4   
ALA CB   C  N N 5   
ALA OXT  O  N N 6   
ALA H    H  N N 7   
ALA H2   H  N N 8   
ALA HA   H  N N 9   
ALA HB1  H  N N 10  
ALA HB2  H  N N 11  
ALA HB3  H  N N 12  
ALA HXT  H  N N 13  
ARG N    N  N N 14  
ARG CA   C  N S 15  
ARG C    C  N N 16  
ARG O    O  N N 17  
ARG CB   C  N N 18  
ARG CG   C  N N 19  
ARG CD   C  N N 20  
ARG NE   N  N N 21  
ARG CZ   C  N N 22  
ARG NH1  N  N N 23  
ARG NH2  N  N N 24  
ARG OXT  O  N N 25  
ARG H    H  N N 26  
ARG H2   H  N N 27  
ARG HA   H  N N 28  
ARG HB2  H  N N 29  
ARG HB3  H  N N 30  
ARG HG2  H  N N 31  
ARG HG3  H  N N 32  
ARG HD2  H  N N 33  
ARG HD3  H  N N 34  
ARG HE   H  N N 35  
ARG HH11 H  N N 36  
ARG HH12 H  N N 37  
ARG HH21 H  N N 38  
ARG HH22 H  N N 39  
ARG HXT  H  N N 40  
ASN N    N  N N 41  
ASN CA   C  N S 42  
ASN C    C  N N 43  
ASN O    O  N N 44  
ASN CB   C  N N 45  
ASN CG   C  N N 46  
ASN OD1  O  N N 47  
ASN ND2  N  N N 48  
ASN OXT  O  N N 49  
ASN H    H  N N 50  
ASN H2   H  N N 51  
ASN HA   H  N N 52  
ASN HB2  H  N N 53  
ASN HB3  H  N N 54  
ASN HD21 H  N N 55  
ASN HD22 H  N N 56  
ASN HXT  H  N N 57  
ASP N    N  N N 58  
ASP CA   C  N S 59  
ASP C    C  N N 60  
ASP O    O  N N 61  
ASP CB   C  N N 62  
ASP CG   C  N N 63  
ASP OD1  O  N N 64  
ASP OD2  O  N N 65  
ASP OXT  O  N N 66  
ASP H    H  N N 67  
ASP H2   H  N N 68  
ASP HA   H  N N 69  
ASP HB2  H  N N 70  
ASP HB3  H  N N 71  
ASP HD2  H  N N 72  
ASP HXT  H  N N 73  
CYS N    N  N N 74  
CYS CA   C  N R 75  
CYS C    C  N N 76  
CYS O    O  N N 77  
CYS CB   C  N N 78  
CYS SG   S  N N 79  
CYS OXT  O  N N 80  
CYS H    H  N N 81  
CYS H2   H  N N 82  
CYS HA   H  N N 83  
CYS HB2  H  N N 84  
CYS HB3  H  N N 85  
CYS HG   H  N N 86  
CYS HXT  H  N N 87  
GLN N    N  N N 88  
GLN CA   C  N S 89  
GLN C    C  N N 90  
GLN O    O  N N 91  
GLN CB   C  N N 92  
GLN CG   C  N N 93  
GLN CD   C  N N 94  
GLN OE1  O  N N 95  
GLN NE2  N  N N 96  
GLN OXT  O  N N 97  
GLN H    H  N N 98  
GLN H2   H  N N 99  
GLN HA   H  N N 100 
GLN HB2  H  N N 101 
GLN HB3  H  N N 102 
GLN HG2  H  N N 103 
GLN HG3  H  N N 104 
GLN HE21 H  N N 105 
GLN HE22 H  N N 106 
GLN HXT  H  N N 107 
GLU N    N  N N 108 
GLU CA   C  N S 109 
GLU C    C  N N 110 
GLU O    O  N N 111 
GLU CB   C  N N 112 
GLU CG   C  N N 113 
GLU CD   C  N N 114 
GLU OE1  O  N N 115 
GLU OE2  O  N N 116 
GLU OXT  O  N N 117 
GLU H    H  N N 118 
GLU H2   H  N N 119 
GLU HA   H  N N 120 
GLU HB2  H  N N 121 
GLU HB3  H  N N 122 
GLU HG2  H  N N 123 
GLU HG3  H  N N 124 
GLU HE2  H  N N 125 
GLU HXT  H  N N 126 
GLY N    N  N N 127 
GLY CA   C  N N 128 
GLY C    C  N N 129 
GLY O    O  N N 130 
GLY OXT  O  N N 131 
GLY H    H  N N 132 
GLY H2   H  N N 133 
GLY HA2  H  N N 134 
GLY HA3  H  N N 135 
GLY HXT  H  N N 136 
HIS N    N  N N 137 
HIS CA   C  N S 138 
HIS C    C  N N 139 
HIS O    O  N N 140 
HIS CB   C  N N 141 
HIS CG   C  Y N 142 
HIS ND1  N  Y N 143 
HIS CD2  C  Y N 144 
HIS CE1  C  Y N 145 
HIS NE2  N  Y N 146 
HIS OXT  O  N N 147 
HIS H    H  N N 148 
HIS H2   H  N N 149 
HIS HA   H  N N 150 
HIS HB2  H  N N 151 
HIS HB3  H  N N 152 
HIS HD1  H  N N 153 
HIS HD2  H  N N 154 
HIS HE1  H  N N 155 
HIS HE2  H  N N 156 
HIS HXT  H  N N 157 
HOH O    O  N N 158 
HOH H1   H  N N 159 
HOH H2   H  N N 160 
LEU N    N  N N 161 
LEU CA   C  N S 162 
LEU C    C  N N 163 
LEU O    O  N N 164 
LEU CB   C  N N 165 
LEU CG   C  N N 166 
LEU CD1  C  N N 167 
LEU CD2  C  N N 168 
LEU OXT  O  N N 169 
LEU H    H  N N 170 
LEU H2   H  N N 171 
LEU HA   H  N N 172 
LEU HB2  H  N N 173 
LEU HB3  H  N N 174 
LEU HG   H  N N 175 
LEU HD11 H  N N 176 
LEU HD12 H  N N 177 
LEU HD13 H  N N 178 
LEU HD21 H  N N 179 
LEU HD22 H  N N 180 
LEU HD23 H  N N 181 
LEU HXT  H  N N 182 
LYS N    N  N N 183 
LYS CA   C  N S 184 
LYS C    C  N N 185 
LYS O    O  N N 186 
LYS CB   C  N N 187 
LYS CG   C  N N 188 
LYS CD   C  N N 189 
LYS CE   C  N N 190 
LYS NZ   N  N N 191 
LYS OXT  O  N N 192 
LYS H    H  N N 193 
LYS H2   H  N N 194 
LYS HA   H  N N 195 
LYS HB2  H  N N 196 
LYS HB3  H  N N 197 
LYS HG2  H  N N 198 
LYS HG3  H  N N 199 
LYS HD2  H  N N 200 
LYS HD3  H  N N 201 
LYS HE2  H  N N 202 
LYS HE3  H  N N 203 
LYS HZ1  H  N N 204 
LYS HZ2  H  N N 205 
LYS HZ3  H  N N 206 
LYS HXT  H  N N 207 
MET N    N  N N 208 
MET CA   C  N S 209 
MET C    C  N N 210 
MET O    O  N N 211 
MET CB   C  N N 212 
MET CG   C  N N 213 
MET SD   S  N N 214 
MET CE   C  N N 215 
MET OXT  O  N N 216 
MET H    H  N N 217 
MET H2   H  N N 218 
MET HA   H  N N 219 
MET HB2  H  N N 220 
MET HB3  H  N N 221 
MET HG2  H  N N 222 
MET HG3  H  N N 223 
MET HE1  H  N N 224 
MET HE2  H  N N 225 
MET HE3  H  N N 226 
MET HXT  H  N N 227 
PHE N    N  N N 228 
PHE CA   C  N S 229 
PHE C    C  N N 230 
PHE O    O  N N 231 
PHE CB   C  N N 232 
PHE CG   C  Y N 233 
PHE CD1  C  Y N 234 
PHE CD2  C  Y N 235 
PHE CE1  C  Y N 236 
PHE CE2  C  Y N 237 
PHE CZ   C  Y N 238 
PHE OXT  O  N N 239 
PHE H    H  N N 240 
PHE H2   H  N N 241 
PHE HA   H  N N 242 
PHE HB2  H  N N 243 
PHE HB3  H  N N 244 
PHE HD1  H  N N 245 
PHE HD2  H  N N 246 
PHE HE1  H  N N 247 
PHE HE2  H  N N 248 
PHE HZ   H  N N 249 
PHE HXT  H  N N 250 
PRO N    N  N N 251 
PRO CA   C  N S 252 
PRO C    C  N N 253 
PRO O    O  N N 254 
PRO CB   C  N N 255 
PRO CG   C  N N 256 
PRO CD   C  N N 257 
PRO OXT  O  N N 258 
PRO H    H  N N 259 
PRO HA   H  N N 260 
PRO HB2  H  N N 261 
PRO HB3  H  N N 262 
PRO HG2  H  N N 263 
PRO HG3  H  N N 264 
PRO HD2  H  N N 265 
PRO HD3  H  N N 266 
PRO HXT  H  N N 267 
SER N    N  N N 268 
SER CA   C  N S 269 
SER C    C  N N 270 
SER O    O  N N 271 
SER CB   C  N N 272 
SER OG   O  N N 273 
SER OXT  O  N N 274 
SER H    H  N N 275 
SER H2   H  N N 276 
SER HA   H  N N 277 
SER HB2  H  N N 278 
SER HB3  H  N N 279 
SER HG   H  N N 280 
SER HXT  H  N N 281 
SO4 S    S  N N 282 
SO4 O1   O  N N 283 
SO4 O2   O  N N 284 
SO4 O3   O  N N 285 
SO4 O4   O  N N 286 
THR N    N  N N 287 
THR CA   C  N S 288 
THR C    C  N N 289 
THR O    O  N N 290 
THR CB   C  N R 291 
THR OG1  O  N N 292 
THR CG2  C  N N 293 
THR OXT  O  N N 294 
THR H    H  N N 295 
THR H2   H  N N 296 
THR HA   H  N N 297 
THR HB   H  N N 298 
THR HG1  H  N N 299 
THR HG21 H  N N 300 
THR HG22 H  N N 301 
THR HG23 H  N N 302 
THR HXT  H  N N 303 
TRP N    N  N N 304 
TRP CA   C  N S 305 
TRP C    C  N N 306 
TRP O    O  N N 307 
TRP CB   C  N N 308 
TRP CG   C  Y N 309 
TRP CD1  C  Y N 310 
TRP CD2  C  Y N 311 
TRP NE1  N  Y N 312 
TRP CE2  C  Y N 313 
TRP CE3  C  Y N 314 
TRP CZ2  C  Y N 315 
TRP CZ3  C  Y N 316 
TRP CH2  C  Y N 317 
TRP OXT  O  N N 318 
TRP H    H  N N 319 
TRP H2   H  N N 320 
TRP HA   H  N N 321 
TRP HB2  H  N N 322 
TRP HB3  H  N N 323 
TRP HD1  H  N N 324 
TRP HE1  H  N N 325 
TRP HE3  H  N N 326 
TRP HZ2  H  N N 327 
TRP HZ3  H  N N 328 
TRP HH2  H  N N 329 
TRP HXT  H  N N 330 
TYR N    N  N N 331 
TYR CA   C  N S 332 
TYR C    C  N N 333 
TYR O    O  N N 334 
TYR CB   C  N N 335 
TYR CG   C  Y N 336 
TYR CD1  C  Y N 337 
TYR CD2  C  Y N 338 
TYR CE1  C  Y N 339 
TYR CE2  C  Y N 340 
TYR CZ   C  Y N 341 
TYR OH   O  N N 342 
TYR OXT  O  N N 343 
TYR H    H  N N 344 
TYR H2   H  N N 345 
TYR HA   H  N N 346 
TYR HB2  H  N N 347 
TYR HB3  H  N N 348 
TYR HD1  H  N N 349 
TYR HD2  H  N N 350 
TYR HE1  H  N N 351 
TYR HE2  H  N N 352 
TYR HH   H  N N 353 
TYR HXT  H  N N 354 
VAL N    N  N N 355 
VAL CA   C  N S 356 
VAL C    C  N N 357 
VAL O    O  N N 358 
VAL CB   C  N N 359 
VAL CG1  C  N N 360 
VAL CG2  C  N N 361 
VAL OXT  O  N N 362 
VAL H    H  N N 363 
VAL H2   H  N N 364 
VAL HA   H  N N 365 
VAL HB   H  N N 366 
VAL HG11 H  N N 367 
VAL HG12 H  N N 368 
VAL HG13 H  N N 369 
VAL HG21 H  N N 370 
VAL HG22 H  N N 371 
VAL HG23 H  N N 372 
VAL HXT  H  N N 373 
ZN  ZN   ZN N N 374 
# 
loop_
_chem_comp_bond.comp_id 
_chem_comp_bond.atom_id_1 
_chem_comp_bond.atom_id_2 
_chem_comp_bond.value_order 
_chem_comp_bond.pdbx_aromatic_flag 
_chem_comp_bond.pdbx_stereo_config 
_chem_comp_bond.pdbx_ordinal 
ALA N   CA   sing N N 1   
ALA N   H    sing N N 2   
ALA N   H2   sing N N 3   
ALA CA  C    sing N N 4   
ALA CA  CB   sing N N 5   
ALA CA  HA   sing N N 6   
ALA C   O    doub N N 7   
ALA C   OXT  sing N N 8   
ALA CB  HB1  sing N N 9   
ALA CB  HB2  sing N N 10  
ALA CB  HB3  sing N N 11  
ALA OXT HXT  sing N N 12  
ARG N   CA   sing N N 13  
ARG N   H    sing N N 14  
ARG N   H2   sing N N 15  
ARG CA  C    sing N N 16  
ARG CA  CB   sing N N 17  
ARG CA  HA   sing N N 18  
ARG C   O    doub N N 19  
ARG C   OXT  sing N N 20  
ARG CB  CG   sing N N 21  
ARG CB  HB2  sing N N 22  
ARG CB  HB3  sing N N 23  
ARG CG  CD   sing N N 24  
ARG CG  HG2  sing N N 25  
ARG CG  HG3  sing N N 26  
ARG CD  NE   sing N N 27  
ARG CD  HD2  sing N N 28  
ARG CD  HD3  sing N N 29  
ARG NE  CZ   sing N N 30  
ARG NE  HE   sing N N 31  
ARG CZ  NH1  sing N N 32  
ARG CZ  NH2  doub N N 33  
ARG NH1 HH11 sing N N 34  
ARG NH1 HH12 sing N N 35  
ARG NH2 HH21 sing N N 36  
ARG NH2 HH22 sing N N 37  
ARG OXT HXT  sing N N 38  
ASN N   CA   sing N N 39  
ASN N   H    sing N N 40  
ASN N   H2   sing N N 41  
ASN CA  C    sing N N 42  
ASN CA  CB   sing N N 43  
ASN CA  HA   sing N N 44  
ASN C   O    doub N N 45  
ASN C   OXT  sing N N 46  
ASN CB  CG   sing N N 47  
ASN CB  HB2  sing N N 48  
ASN CB  HB3  sing N N 49  
ASN CG  OD1  doub N N 50  
ASN CG  ND2  sing N N 51  
ASN ND2 HD21 sing N N 52  
ASN ND2 HD22 sing N N 53  
ASN OXT HXT  sing N N 54  
ASP N   CA   sing N N 55  
ASP N   H    sing N N 56  
ASP N   H2   sing N N 57  
ASP CA  C    sing N N 58  
ASP CA  CB   sing N N 59  
ASP CA  HA   sing N N 60  
ASP C   O    doub N N 61  
ASP C   OXT  sing N N 62  
ASP CB  CG   sing N N 63  
ASP CB  HB2  sing N N 64  
ASP CB  HB3  sing N N 65  
ASP CG  OD1  doub N N 66  
ASP CG  OD2  sing N N 67  
ASP OD2 HD2  sing N N 68  
ASP OXT HXT  sing N N 69  
CYS N   CA   sing N N 70  
CYS N   H    sing N N 71  
CYS N   H2   sing N N 72  
CYS CA  C    sing N N 73  
CYS CA  CB   sing N N 74  
CYS CA  HA   sing N N 75  
CYS C   O    doub N N 76  
CYS C   OXT  sing N N 77  
CYS CB  SG   sing N N 78  
CYS CB  HB2  sing N N 79  
CYS CB  HB3  sing N N 80  
CYS SG  HG   sing N N 81  
CYS OXT HXT  sing N N 82  
GLN N   CA   sing N N 83  
GLN N   H    sing N N 84  
GLN N   H2   sing N N 85  
GLN CA  C    sing N N 86  
GLN CA  CB   sing N N 87  
GLN CA  HA   sing N N 88  
GLN C   O    doub N N 89  
GLN C   OXT  sing N N 90  
GLN CB  CG   sing N N 91  
GLN CB  HB2  sing N N 92  
GLN CB  HB3  sing N N 93  
GLN CG  CD   sing N N 94  
GLN CG  HG2  sing N N 95  
GLN CG  HG3  sing N N 96  
GLN CD  OE1  doub N N 97  
GLN CD  NE2  sing N N 98  
GLN NE2 HE21 sing N N 99  
GLN NE2 HE22 sing N N 100 
GLN OXT HXT  sing N N 101 
GLU N   CA   sing N N 102 
GLU N   H    sing N N 103 
GLU N   H2   sing N N 104 
GLU CA  C    sing N N 105 
GLU CA  CB   sing N N 106 
GLU CA  HA   sing N N 107 
GLU C   O    doub N N 108 
GLU C   OXT  sing N N 109 
GLU CB  CG   sing N N 110 
GLU CB  HB2  sing N N 111 
GLU CB  HB3  sing N N 112 
GLU CG  CD   sing N N 113 
GLU CG  HG2  sing N N 114 
GLU CG  HG3  sing N N 115 
GLU CD  OE1  doub N N 116 
GLU CD  OE2  sing N N 117 
GLU OE2 HE2  sing N N 118 
GLU OXT HXT  sing N N 119 
GLY N   CA   sing N N 120 
GLY N   H    sing N N 121 
GLY N   H2   sing N N 122 
GLY CA  C    sing N N 123 
GLY CA  HA2  sing N N 124 
GLY CA  HA3  sing N N 125 
GLY C   O    doub N N 126 
GLY C   OXT  sing N N 127 
GLY OXT HXT  sing N N 128 
HIS N   CA   sing N N 129 
HIS N   H    sing N N 130 
HIS N   H2   sing N N 131 
HIS CA  C    sing N N 132 
HIS CA  CB   sing N N 133 
HIS CA  HA   sing N N 134 
HIS C   O    doub N N 135 
HIS C   OXT  sing N N 136 
HIS CB  CG   sing N N 137 
HIS CB  HB2  sing N N 138 
HIS CB  HB3  sing N N 139 
HIS CG  ND1  sing Y N 140 
HIS CG  CD2  doub Y N 141 
HIS ND1 CE1  doub Y N 142 
HIS ND1 HD1  sing N N 143 
HIS CD2 NE2  sing Y N 144 
HIS CD2 HD2  sing N N 145 
HIS CE1 NE2  sing Y N 146 
HIS CE1 HE1  sing N N 147 
HIS NE2 HE2  sing N N 148 
HIS OXT HXT  sing N N 149 
HOH O   H1   sing N N 150 
HOH O   H2   sing N N 151 
LEU N   CA   sing N N 152 
LEU N   H    sing N N 153 
LEU N   H2   sing N N 154 
LEU CA  C    sing N N 155 
LEU CA  CB   sing N N 156 
LEU CA  HA   sing N N 157 
LEU C   O    doub N N 158 
LEU C   OXT  sing N N 159 
LEU CB  CG   sing N N 160 
LEU CB  HB2  sing N N 161 
LEU CB  HB3  sing N N 162 
LEU CG  CD1  sing N N 163 
LEU CG  CD2  sing N N 164 
LEU CG  HG   sing N N 165 
LEU CD1 HD11 sing N N 166 
LEU CD1 HD12 sing N N 167 
LEU CD1 HD13 sing N N 168 
LEU CD2 HD21 sing N N 169 
LEU CD2 HD22 sing N N 170 
LEU CD2 HD23 sing N N 171 
LEU OXT HXT  sing N N 172 
LYS N   CA   sing N N 173 
LYS N   H    sing N N 174 
LYS N   H2   sing N N 175 
LYS CA  C    sing N N 176 
LYS CA  CB   sing N N 177 
LYS CA  HA   sing N N 178 
LYS C   O    doub N N 179 
LYS C   OXT  sing N N 180 
LYS CB  CG   sing N N 181 
LYS CB  HB2  sing N N 182 
LYS CB  HB3  sing N N 183 
LYS CG  CD   sing N N 184 
LYS CG  HG2  sing N N 185 
LYS CG  HG3  sing N N 186 
LYS CD  CE   sing N N 187 
LYS CD  HD2  sing N N 188 
LYS CD  HD3  sing N N 189 
LYS CE  NZ   sing N N 190 
LYS CE  HE2  sing N N 191 
LYS CE  HE3  sing N N 192 
LYS NZ  HZ1  sing N N 193 
LYS NZ  HZ2  sing N N 194 
LYS NZ  HZ3  sing N N 195 
LYS OXT HXT  sing N N 196 
MET N   CA   sing N N 197 
MET N   H    sing N N 198 
MET N   H2   sing N N 199 
MET CA  C    sing N N 200 
MET CA  CB   sing N N 201 
MET CA  HA   sing N N 202 
MET C   O    doub N N 203 
MET C   OXT  sing N N 204 
MET CB  CG   sing N N 205 
MET CB  HB2  sing N N 206 
MET CB  HB3  sing N N 207 
MET CG  SD   sing N N 208 
MET CG  HG2  sing N N 209 
MET CG  HG3  sing N N 210 
MET SD  CE   sing N N 211 
MET CE  HE1  sing N N 212 
MET CE  HE2  sing N N 213 
MET CE  HE3  sing N N 214 
MET OXT HXT  sing N N 215 
PHE N   CA   sing N N 216 
PHE N   H    sing N N 217 
PHE N   H2   sing N N 218 
PHE CA  C    sing N N 219 
PHE CA  CB   sing N N 220 
PHE CA  HA   sing N N 221 
PHE C   O    doub N N 222 
PHE C   OXT  sing N N 223 
PHE CB  CG   sing N N 224 
PHE CB  HB2  sing N N 225 
PHE CB  HB3  sing N N 226 
PHE CG  CD1  doub Y N 227 
PHE CG  CD2  sing Y N 228 
PHE CD1 CE1  sing Y N 229 
PHE CD1 HD1  sing N N 230 
PHE CD2 CE2  doub Y N 231 
PHE CD2 HD2  sing N N 232 
PHE CE1 CZ   doub Y N 233 
PHE CE1 HE1  sing N N 234 
PHE CE2 CZ   sing Y N 235 
PHE CE2 HE2  sing N N 236 
PHE CZ  HZ   sing N N 237 
PHE OXT HXT  sing N N 238 
PRO N   CA   sing N N 239 
PRO N   CD   sing N N 240 
PRO N   H    sing N N 241 
PRO CA  C    sing N N 242 
PRO CA  CB   sing N N 243 
PRO CA  HA   sing N N 244 
PRO C   O    doub N N 245 
PRO C   OXT  sing N N 246 
PRO CB  CG   sing N N 247 
PRO CB  HB2  sing N N 248 
PRO CB  HB3  sing N N 249 
PRO CG  CD   sing N N 250 
PRO CG  HG2  sing N N 251 
PRO CG  HG3  sing N N 252 
PRO CD  HD2  sing N N 253 
PRO CD  HD3  sing N N 254 
PRO OXT HXT  sing N N 255 
SER N   CA   sing N N 256 
SER N   H    sing N N 257 
SER N   H2   sing N N 258 
SER CA  C    sing N N 259 
SER CA  CB   sing N N 260 
SER CA  HA   sing N N 261 
SER C   O    doub N N 262 
SER C   OXT  sing N N 263 
SER CB  OG   sing N N 264 
SER CB  HB2  sing N N 265 
SER CB  HB3  sing N N 266 
SER OG  HG   sing N N 267 
SER OXT HXT  sing N N 268 
SO4 S   O1   doub N N 269 
SO4 S   O2   doub N N 270 
SO4 S   O3   sing N N 271 
SO4 S   O4   sing N N 272 
THR N   CA   sing N N 273 
THR N   H    sing N N 274 
THR N   H2   sing N N 275 
THR CA  C    sing N N 276 
THR CA  CB   sing N N 277 
THR CA  HA   sing N N 278 
THR C   O    doub N N 279 
THR C   OXT  sing N N 280 
THR CB  OG1  sing N N 281 
THR CB  CG2  sing N N 282 
THR CB  HB   sing N N 283 
THR OG1 HG1  sing N N 284 
THR CG2 HG21 sing N N 285 
THR CG2 HG22 sing N N 286 
THR CG2 HG23 sing N N 287 
THR OXT HXT  sing N N 288 
TRP N   CA   sing N N 289 
TRP N   H    sing N N 290 
TRP N   H2   sing N N 291 
TRP CA  C    sing N N 292 
TRP CA  CB   sing N N 293 
TRP CA  HA   sing N N 294 
TRP C   O    doub N N 295 
TRP C   OXT  sing N N 296 
TRP CB  CG   sing N N 297 
TRP CB  HB2  sing N N 298 
TRP CB  HB3  sing N N 299 
TRP CG  CD1  doub Y N 300 
TRP CG  CD2  sing Y N 301 
TRP CD1 NE1  sing Y N 302 
TRP CD1 HD1  sing N N 303 
TRP CD2 CE2  doub Y N 304 
TRP CD2 CE3  sing Y N 305 
TRP NE1 CE2  sing Y N 306 
TRP NE1 HE1  sing N N 307 
TRP CE2 CZ2  sing Y N 308 
TRP CE3 CZ3  doub Y N 309 
TRP CE3 HE3  sing N N 310 
TRP CZ2 CH2  doub Y N 311 
TRP CZ2 HZ2  sing N N 312 
TRP CZ3 CH2  sing Y N 313 
TRP CZ3 HZ3  sing N N 314 
TRP CH2 HH2  sing N N 315 
TRP OXT HXT  sing N N 316 
TYR N   CA   sing N N 317 
TYR N   H    sing N N 318 
TYR N   H2   sing N N 319 
TYR CA  C    sing N N 320 
TYR CA  CB   sing N N 321 
TYR CA  HA   sing N N 322 
TYR C   O    doub N N 323 
TYR C   OXT  sing N N 324 
TYR CB  CG   sing N N 325 
TYR CB  HB2  sing N N 326 
TYR CB  HB3  sing N N 327 
TYR CG  CD1  doub Y N 328 
TYR CG  CD2  sing Y N 329 
TYR CD1 CE1  sing Y N 330 
TYR CD1 HD1  sing N N 331 
TYR CD2 CE2  doub Y N 332 
TYR CD2 HD2  sing N N 333 
TYR CE1 CZ   doub Y N 334 
TYR CE1 HE1  sing N N 335 
TYR CE2 CZ   sing Y N 336 
TYR CE2 HE2  sing N N 337 
TYR CZ  OH   sing N N 338 
TYR OH  HH   sing N N 339 
TYR OXT HXT  sing N N 340 
VAL N   CA   sing N N 341 
VAL N   H    sing N N 342 
VAL N   H2   sing N N 343 
VAL CA  C    sing N N 344 
VAL CA  CB   sing N N 345 
VAL CA  HA   sing N N 346 
VAL C   O    doub N N 347 
VAL C   OXT  sing N N 348 
VAL CB  CG1  sing N N 349 
VAL CB  CG2  sing N N 350 
VAL CB  HB   sing N N 351 
VAL CG1 HG11 sing N N 352 
VAL CG1 HG12 sing N N 353 
VAL CG1 HG13 sing N N 354 
VAL CG2 HG21 sing N N 355 
VAL CG2 HG22 sing N N 356 
VAL CG2 HG23 sing N N 357 
VAL OXT HXT  sing N N 358 
# 
_atom_sites.entry_id                    2J7J 
_atom_sites.fract_transf_matrix[1][1]   0.00853536 
_atom_sites.fract_transf_matrix[1][2]   0.01270897 
_atom_sites.fract_transf_matrix[1][3]   -0.01670931 
_atom_sites.fract_transf_matrix[2][1]   -0.01352416 
_atom_sites.fract_transf_matrix[2][2]   0.00752000 
_atom_sites.fract_transf_matrix[2][3]   -0.01655635 
_atom_sites.fract_transf_matrix[3][1]   -0.00109885 
_atom_sites.fract_transf_matrix[3][2]   0.00476166 
_atom_sites.fract_transf_matrix[3][3]   0.00306037 
_atom_sites.fract_transf_vector[1]      0.656253 
_atom_sites.fract_transf_vector[2]      1.066611 
_atom_sites.fract_transf_vector[3]      0.030237 
# 
loop_
_atom_type.symbol 
C  
N  
O  
S  
ZN 
# 
loop_
_atom_site.group_PDB 
_atom_site.id 
_atom_site.type_symbol 
_atom_site.label_atom_id 
_atom_site.label_alt_id 
_atom_site.label_comp_id 
_atom_site.label_asym_id 
_atom_site.label_entity_id 
_atom_site.label_seq_id 
_atom_site.pdbx_PDB_ins_code 
_atom_site.Cartn_x 
_atom_site.Cartn_y 
_atom_site.Cartn_z 
_atom_site.occupancy 
_atom_site.B_iso_or_equiv 
_atom_site.pdbx_formal_charge 
_atom_site.auth_seq_id 
_atom_site.auth_comp_id 
_atom_site.auth_asym_id 
_atom_site.auth_atom_id 
_atom_site.pdbx_PDB_model_num 
ATOM   1   N  N   . MET A 1 1  ? 12.792  -15.896 12.096  1.00 23.94 ? 1    MET A N   1 
ATOM   2   C  CA  . MET A 1 1  ? 13.486  -14.727 11.479  1.00 23.74 ? 1    MET A CA  1 
ATOM   3   C  C   . MET A 1 1  ? 12.480  -13.630 11.152  1.00 22.76 ? 1    MET A C   1 
ATOM   4   O  O   . MET A 1 1  ? 11.356  -13.918 10.770  1.00 22.63 ? 1    MET A O   1 
ATOM   5   C  CB  . MET A 1 1  ? 14.195  -15.144 10.190  1.00 24.40 ? 1    MET A CB  1 
ATOM   6   C  CG  . MET A 1 1  ? 15.162  -16.303 10.338  1.00 26.70 ? 1    MET A CG  1 
ATOM   7   S  SD  . MET A 1 1  ? 16.638  -15.862 11.260  1.00 31.55 ? 1    MET A SD  1 
ATOM   8   C  CE  . MET A 1 1  ? 17.568  -14.940 10.017  1.00 30.53 ? 1    MET A CE  1 
ATOM   9   N  N   . TYR A 1 2  ? 12.896  -12.374 11.295  1.00 21.75 ? 2    TYR A N   1 
ATOM   10  C  CA  . TYR A 1 2  ? 12.078  -11.227 10.907  1.00 21.05 ? 2    TYR A CA  1 
ATOM   11  C  C   . TYR A 1 2  ? 12.408  -10.799 9.478   1.00 20.14 ? 2    TYR A C   1 
ATOM   12  O  O   . TYR A 1 2  ? 13.547  -10.463 9.174   1.00 19.69 ? 2    TYR A O   1 
ATOM   13  C  CB  . TYR A 1 2  ? 12.306  -10.075 11.882  1.00 21.30 ? 2    TYR A CB  1 
ATOM   14  C  CG  . TYR A 1 2  ? 11.795  -10.379 13.263  1.00 21.96 ? 2    TYR A CG  1 
ATOM   15  C  CD1 . TYR A 1 2  ? 10.481  -10.101 13.608  1.00 23.04 ? 2    TYR A CD1 1 
ATOM   16  C  CD2 . TYR A 1 2  ? 12.613  -10.977 14.217  1.00 23.09 ? 2    TYR A CD2 1 
ATOM   17  C  CE1 . TYR A 1 2  ? 9.995   -10.386 14.863  1.00 24.47 ? 2    TYR A CE1 1 
ATOM   18  C  CE2 . TYR A 1 2  ? 12.135  -11.266 15.482  1.00 23.28 ? 2    TYR A CE2 1 
ATOM   19  C  CZ  . TYR A 1 2  ? 10.822  -10.965 15.796  1.00 24.29 ? 2    TYR A CZ  1 
ATOM   20  O  OH  . TYR A 1 2  ? 10.315  -11.238 17.044  1.00 27.02 ? 2    TYR A OH  1 
ATOM   21  N  N   . VAL A 1 3  ? 11.399  -10.805 8.608   1.00 19.27 ? 3    VAL A N   1 
ATOM   22  C  CA  . VAL A 1 3  ? 11.604  -10.680 7.166   1.00 18.61 ? 3    VAL A CA  1 
ATOM   23  C  C   . VAL A 1 3  ? 11.148  -9.310  6.670   1.00 17.59 ? 3    VAL A C   1 
ATOM   24  O  O   . VAL A 1 3  ? 10.071  -8.848  7.019   1.00 17.54 ? 3    VAL A O   1 
ATOM   25  C  CB  . VAL A 1 3  ? 10.830  -11.782 6.415   1.00 18.76 ? 3    VAL A CB  1 
ATOM   26  C  CG1 . VAL A 1 3  ? 10.976  -11.633 4.894   1.00 19.36 ? 3    VAL A CG1 1 
ATOM   27  C  CG2 . VAL A 1 3  ? 11.298  -13.164 6.877   1.00 18.85 ? 3    VAL A CG2 1 
ATOM   28  N  N   . CYS A 1 4  ? 11.979  -8.684  5.845   1.00 17.28 ? 4    CYS A N   1 
ATOM   29  C  CA  . CYS A 1 4  ? 11.709  -7.354  5.319   1.00 17.06 ? 4    CYS A CA  1 
ATOM   30  C  C   . CYS A 1 4  ? 10.698  -7.425  4.173   1.00 17.57 ? 4    CYS A C   1 
ATOM   31  O  O   . CYS A 1 4  ? 10.940  -8.112  3.186   1.00 17.63 ? 4    CYS A O   1 
ATOM   32  C  CB  . CYS A 1 4  ? 12.996  -6.720  4.801   1.00 16.82 ? 4    CYS A CB  1 
ATOM   33  S  SG  . CYS A 1 4  ? 12.763  -5.034  4.186   1.00 16.15 ? 4    CYS A SG  1 
ATOM   34  N  N   . HIS A 1 5  ? 9.602   -6.681  4.309   1.00 18.19 ? 5    HIS A N   1 
ATOM   35  C  CA  . HIS A 1 5  ? 8.485   -6.708  3.361   1.00 18.71 ? 5    HIS A CA  1 
ATOM   36  C  C   . HIS A 1 5  ? 8.643   -5.732  2.193   1.00 17.96 ? 5    HIS A C   1 
ATOM   37  O  O   . HIS A 1 5  ? 7.823   -5.729  1.269   1.00 17.93 ? 5    HIS A O   1 
ATOM   38  C  CB  . HIS A 1 5  ? 7.164   -6.402  4.085   1.00 19.32 ? 5    HIS A CB  1 
ATOM   39  C  CG  . HIS A 1 5  ? 7.032   -4.974  4.534   1.00 22.23 ? 5    HIS A CG  1 
ATOM   40  N  ND1 . HIS A 1 5  ? 6.786   -3.934  3.660   1.00 25.45 ? 5    HIS A ND1 1 
ATOM   41  C  CD2 . HIS A 1 5  ? 7.126   -4.409  5.762   1.00 24.93 ? 5    HIS A CD2 1 
ATOM   42  C  CE1 . HIS A 1 5  ? 6.730   -2.798  4.330   1.00 25.34 ? 5    HIS A CE1 1 
ATOM   43  N  NE2 . HIS A 1 5  ? 6.937   -3.057  5.607   1.00 25.59 ? 5    HIS A NE2 1 
ATOM   44  N  N   . PHE A 1 6  ? 9.672   -4.892  2.228   1.00 17.37 ? 6    PHE A N   1 
ATOM   45  C  CA  . PHE A 1 6  ? 9.878   -3.916  1.160   1.00 16.81 ? 6    PHE A CA  1 
ATOM   46  C  C   . PHE A 1 6  ? 10.204  -4.605  -0.158  1.00 16.75 ? 6    PHE A C   1 
ATOM   47  O  O   . PHE A 1 6  ? 10.746  -5.706  -0.185  1.00 16.29 ? 6    PHE A O   1 
ATOM   48  C  CB  . PHE A 1 6  ? 10.949  -2.899  1.544   1.00 16.79 ? 6    PHE A CB  1 
ATOM   49  C  CG  . PHE A 1 6  ? 10.456  -1.861  2.511   1.00 16.60 ? 6    PHE A CG  1 
ATOM   50  C  CD1 . PHE A 1 6  ? 9.908   -0.676  2.048   1.00 16.75 ? 6    PHE A CD1 1 
ATOM   51  C  CD2 . PHE A 1 6  ? 10.507  -2.079  3.882   1.00 15.93 ? 6    PHE A CD2 1 
ATOM   52  C  CE1 . PHE A 1 6  ? 9.436   0.276   2.926   1.00 17.85 ? 6    PHE A CE1 1 
ATOM   53  C  CE2 . PHE A 1 6  ? 10.040  -1.125  4.769   1.00 16.80 ? 6    PHE A CE2 1 
ATOM   54  C  CZ  . PHE A 1 6  ? 9.500   0.055   4.290   1.00 17.32 ? 6    PHE A CZ  1 
ATOM   55  N  N   . GLU A 1 7  ? 9.832   -3.956  -1.255  1.00 16.50 ? 7    GLU A N   1 
ATOM   56  C  CA  . GLU A 1 7  ? 9.962   -4.541  -2.580  1.00 16.08 ? 7    GLU A CA  1 
ATOM   57  C  C   . GLU A 1 7  ? 11.403  -4.889  -2.939  1.00 15.73 ? 7    GLU A C   1 
ATOM   58  O  O   . GLU A 1 7  ? 12.329  -4.139  -2.639  1.00 15.37 ? 7    GLU A O   1 
ATOM   59  C  CB  . GLU A 1 7  ? 9.398   -3.568  -3.620  1.00 16.35 ? 7    GLU A CB  1 
ATOM   60  C  CG  . GLU A 1 7  ? 9.299   -4.137  -5.019  1.00 16.16 ? 7    GLU A CG  1 
ATOM   61  C  CD  . GLU A 1 7  ? 8.554   -3.195  -5.939  1.00 16.38 ? 7    GLU A CD  1 
ATOM   62  O  OE1 . GLU A 1 7  ? 9.218   -2.416  -6.651  1.00 17.59 ? 7    GLU A OE1 1 
ATOM   63  O  OE2 . GLU A 1 7  ? 7.314   -3.230  -5.908  1.00 16.73 ? 7    GLU A OE2 1 
ATOM   64  N  N   . ASN A 1 8  ? 11.573  -6.037  -3.595  1.00 15.66 ? 8    ASN A N   1 
ATOM   65  C  CA  . ASN A 1 8  ? 12.871  -6.514  -4.063  1.00 15.70 ? 8    ASN A CA  1 
ATOM   66  C  C   . ASN A 1 8  ? 13.894  -6.655  -2.940  1.00 15.79 ? 8    ASN A C   1 
ATOM   67  O  O   . ASN A 1 8  ? 15.083  -6.393  -3.127  1.00 16.62 ? 8    ASN A O   1 
ATOM   68  C  CB  . ASN A 1 8  ? 13.406  -5.617  -5.184  1.00 15.61 ? 8    ASN A CB  1 
ATOM   69  C  CG  . ASN A 1 8  ? 14.482  -6.289  -6.006  1.00 15.85 ? 8    ASN A CG  1 
ATOM   70  O  OD1 . ASN A 1 8  ? 14.593  -7.518  -6.027  1.00 14.90 ? 8    ASN A OD1 1 
ATOM   71  N  ND2 . ASN A 1 8  ? 15.300  -5.483  -6.679  1.00 15.88 ? 8    ASN A ND2 1 
ATOM   72  N  N   . CYS A 1 9  ? 13.417  -7.080  -1.777  1.00 15.82 ? 9    CYS A N   1 
ATOM   73  C  CA  . CYS A 1 9  ? 14.287  -7.281  -0.628  1.00 16.32 ? 9    CYS A CA  1 
ATOM   74  C  C   . CYS A 1 9  ? 14.060  -8.654  0.003   1.00 16.39 ? 9    CYS A C   1 
ATOM   75  O  O   . CYS A 1 9  ? 14.545  -9.645  -0.531  1.00 16.56 ? 9    CYS A O   1 
ATOM   76  C  CB  . CYS A 1 9  ? 14.129  -6.133  0.367   1.00 16.29 ? 9    CYS A CB  1 
ATOM   77  S  SG  . CYS A 1 9  ? 15.393  -6.179  1.657   1.00 17.05 ? 9    CYS A SG  1 
ATOM   78  N  N   . GLY A 1 10 ? 13.338  -8.725  1.116   1.00 16.82 ? 10   GLY A N   1 
ATOM   79  C  CA  . GLY A 1 10 ? 13.116  -9.989  1.795   1.00 17.41 ? 10   GLY A CA  1 
ATOM   80  C  C   . GLY A 1 10 ? 14.286  -10.432 2.656   1.00 18.02 ? 10   GLY A C   1 
ATOM   81  O  O   . GLY A 1 10 ? 14.322  -11.580 3.094   1.00 18.35 ? 10   GLY A O   1 
ATOM   82  N  N   . LYS A 1 11 ? 15.240  -9.537  2.905   1.00 18.44 ? 11   LYS A N   1 
ATOM   83  C  CA  . LYS A 1 11 ? 16.324  -9.825  3.845   1.00 19.12 ? 11   LYS A CA  1 
ATOM   84  C  C   . LYS A 1 11 ? 15.729  -10.206 5.190   1.00 19.17 ? 11   LYS A C   1 
ATOM   85  O  O   . LYS A 1 11 ? 14.711  -9.661  5.598   1.00 19.04 ? 11   LYS A O   1 
ATOM   86  C  CB  . LYS A 1 11 ? 17.240  -8.617  4.019   1.00 19.20 ? 11   LYS A CB  1 
ATOM   87  C  CG  . LYS A 1 11 ? 18.107  -8.314  2.830   1.00 21.45 ? 11   LYS A CG  1 
ATOM   88  C  CD  . LYS A 1 11 ? 18.967  -7.090  3.105   1.00 24.61 ? 11   LYS A CD  1 
ATOM   89  C  CE  . LYS A 1 11 ? 19.499  -6.461  1.834   1.00 26.84 ? 11   LYS A CE  1 
ATOM   90  N  NZ  . LYS A 1 11 ? 20.947  -6.715  1.648   1.00 29.48 ? 11   LYS A NZ  1 
ATOM   91  N  N   . ALA A 1 12 ? 16.356  -11.165 5.864   1.00 20.03 ? 12   ALA A N   1 
ATOM   92  C  CA  . ALA A 1 12 ? 15.843  -11.687 7.126   1.00 20.54 ? 12   ALA A CA  1 
ATOM   93  C  C   . ALA A 1 12 ? 16.860  -11.470 8.250   1.00 20.95 ? 12   ALA A C   1 
ATOM   94  O  O   . ALA A 1 12 ? 18.063  -11.521 8.018   1.00 21.12 ? 12   ALA A O   1 
ATOM   95  C  CB  . ALA A 1 12 ? 15.513  -13.163 6.984   1.00 20.77 ? 12   ALA A CB  1 
ATOM   96  N  N   . PHE A 1 13 ? 16.357  -11.240 9.456   1.00 21.87 ? 13   PHE A N   1 
ATOM   97  C  CA  . PHE A 1 13 ? 17.196  -10.909 10.612  1.00 22.96 ? 13   PHE A CA  1 
ATOM   98  C  C   . PHE A 1 13 ? 16.743  -11.665 11.851  1.00 24.23 ? 13   PHE A C   1 
ATOM   99  O  O   . PHE A 1 13 ? 15.555  -11.769 12.110  1.00 24.14 ? 13   PHE A O   1 
ATOM   100 C  CB  . PHE A 1 13 ? 17.142  -9.405  10.873  1.00 23.00 ? 13   PHE A CB  1 
ATOM   101 C  CG  . PHE A 1 13 ? 17.591  -8.579  9.701   1.00 22.53 ? 13   PHE A CG  1 
ATOM   102 C  CD1 . PHE A 1 13 ? 18.921  -8.207  9.566   1.00 22.43 ? 13   PHE A CD1 1 
ATOM   103 C  CD2 . PHE A 1 13 ? 16.684  -8.186  8.725   1.00 22.75 ? 13   PHE A CD2 1 
ATOM   104 C  CE1 . PHE A 1 13 ? 19.344  -7.455  8.482   1.00 22.68 ? 13   PHE A CE1 1 
ATOM   105 C  CE2 . PHE A 1 13 ? 17.098  -7.437  7.643   1.00 21.96 ? 13   PHE A CE2 1 
ATOM   106 C  CZ  . PHE A 1 13 ? 18.431  -7.068  7.515   1.00 22.26 ? 13   PHE A CZ  1 
ATOM   107 N  N   . LYS A 1 14 ? 17.700  -12.169 12.632  1.00 25.91 ? 14   LYS A N   1 
ATOM   108 C  CA  . LYS A 1 14 ? 17.393  -12.912 13.858  1.00 27.14 ? 14   LYS A CA  1 
ATOM   109 C  C   . LYS A 1 14 ? 16.543  -12.120 14.854  1.00 27.42 ? 14   LYS A C   1 
ATOM   110 O  O   . LYS A 1 14 ? 15.604  -12.655 15.442  1.00 27.45 ? 14   LYS A O   1 
ATOM   111 C  CB  . LYS A 1 14 ? 18.697  -13.352 14.531  1.00 27.63 ? 14   LYS A CB  1 
ATOM   112 C  CG  . LYS A 1 14 ? 18.519  -14.354 15.657  1.00 29.85 ? 14   LYS A CG  1 
ATOM   113 C  CD  . LYS A 1 14 ? 19.788  -15.192 15.854  1.00 32.29 ? 14   LYS A CD  1 
ATOM   114 C  CE  . LYS A 1 14 ? 19.864  -16.377 14.875  1.00 33.95 ? 14   LYS A CE  1 
ATOM   115 N  NZ  . LYS A 1 14 ? 21.092  -16.339 14.020  1.00 35.28 ? 14   LYS A NZ  1 
ATOM   116 N  N   . LYS A 1 15 ? 16.860  -10.838 15.026  1.00 28.08 ? 15   LYS A N   1 
ATOM   117 C  CA  . LYS A 1 15 ? 16.196  -9.996  16.019  1.00 28.72 ? 15   LYS A CA  1 
ATOM   118 C  C   . LYS A 1 15 ? 15.338  -8.930  15.357  1.00 28.61 ? 15   LYS A C   1 
ATOM   119 O  O   . LYS A 1 15 ? 15.689  -8.412  14.296  1.00 28.66 ? 15   LYS A O   1 
ATOM   120 C  CB  . LYS A 1 15 ? 17.230  -9.315  16.918  1.00 29.10 ? 15   LYS A CB  1 
ATOM   121 C  CG  . LYS A 1 15 ? 18.137  -10.279 17.663  1.00 30.71 ? 15   LYS A CG  1 
ATOM   122 C  CD  . LYS A 1 15 ? 19.092  -9.536  18.587  1.00 33.10 ? 15   LYS A CD  1 
ATOM   123 C  CE  . LYS A 1 15 ? 20.157  -10.464 19.147  1.00 34.77 ? 15   LYS A CE  1 
ATOM   124 N  NZ  . LYS A 1 15 ? 19.554  -11.614 19.891  1.00 36.24 ? 15   LYS A NZ  1 
ATOM   125 N  N   . HIS A 1 16 ? 14.227  -8.596  16.004  1.00 28.71 ? 16   HIS A N   1 
ATOM   126 C  CA  . HIS A 1 16 ? 13.288  -7.606  15.493  1.00 29.01 ? 16   HIS A CA  1 
ATOM   127 C  C   . HIS A 1 16 ? 13.914  -6.224  15.317  1.00 28.99 ? 16   HIS A C   1 
ATOM   128 O  O   . HIS A 1 16 ? 13.588  -5.514  14.368  1.00 28.79 ? 16   HIS A O   1 
ATOM   129 C  CB  . HIS A 1 16 ? 12.076  -7.488  16.417  1.00 29.35 ? 16   HIS A CB  1 
ATOM   130 C  CG  . HIS A 1 16 ? 11.038  -6.536  15.913  1.00 30.99 ? 16   HIS A CG  1 
ATOM   131 N  ND1 . HIS A 1 16 ? 11.159  -5.170  16.046  1.00 33.37 ? 16   HIS A ND1 1 
ATOM   132 C  CD2 . HIS A 1 16 ? 9.879   -6.749  15.248  1.00 32.83 ? 16   HIS A CD2 1 
ATOM   133 C  CE1 . HIS A 1 16 ? 10.113  -4.582  15.494  1.00 33.45 ? 16   HIS A CE1 1 
ATOM   134 N  NE2 . HIS A 1 16 ? 9.321   -5.518  15.001  1.00 33.63 ? 16   HIS A NE2 1 
ATOM   135 N  N   . ASN A 1 17 ? 14.792  -5.837  16.240  1.00 28.69 ? 17   ASN A N   1 
ATOM   136 C  CA  . ASN A 1 17 ? 15.416  -4.521  16.178  1.00 28.54 ? 17   ASN A CA  1 
ATOM   137 C  C   . ASN A 1 17 ? 16.398  -4.415  15.012  1.00 27.68 ? 17   ASN A C   1 
ATOM   138 O  O   . ASN A 1 17 ? 16.568  -3.338  14.453  1.00 27.67 ? 17   ASN A O   1 
ATOM   139 C  CB  . ASN A 1 17 ? 16.117  -4.177  17.497  1.00 28.89 ? 17   ASN A CB  1 
ATOM   140 C  CG  . ASN A 1 17 ? 16.712  -2.776  17.489  1.00 30.01 ? 17   ASN A CG  1 
ATOM   141 O  OD1 . ASN A 1 17 ? 15.984  -1.775  17.495  1.00 33.08 ? 17   ASN A OD1 1 
ATOM   142 N  ND2 . ASN A 1 17 ? 18.037  -2.698  17.454  1.00 31.78 ? 17   ASN A ND2 1 
ATOM   143 N  N   . GLN A 1 18 ? 17.038  -5.524  14.651  1.00 26.87 ? 18   GLN A N   1 
ATOM   144 C  CA  . GLN A 1 18 ? 17.933  -5.559  13.496  1.00 26.31 ? 18   GLN A CA  1 
ATOM   145 C  C   . GLN A 1 18 ? 17.171  -5.314  12.195  1.00 25.39 ? 18   GLN A C   1 
ATOM   146 O  O   . GLN A 1 18 ? 17.693  -4.681  11.283  1.00 24.68 ? 18   GLN A O   1 
ATOM   147 C  CB  . GLN A 1 18 ? 18.635  -6.905  13.374  1.00 26.74 ? 18   GLN A CB  1 
ATOM   148 C  CG  . GLN A 1 18 ? 19.673  -7.208  14.432  1.00 28.52 ? 18   GLN A CG  1 
ATOM   149 C  CD  . GLN A 1 18 ? 20.297  -8.573  14.194  1.00 31.39 ? 18   GLN A CD  1 
ATOM   150 O  OE1 . GLN A 1 18 ? 19.592  -9.585  14.221  1.00 33.01 ? 18   GLN A OE1 1 
ATOM   151 N  NE2 . GLN A 1 18 ? 21.604  -8.604  13.921  1.00 33.14 ? 18   GLN A NE2 1 
ATOM   152 N  N   . LEU A 1 19 ? 15.957  -5.856  12.105  1.00 24.42 ? 19   LEU A N   1 
ATOM   153 C  CA  . LEU A 1 19 ? 15.107  -5.596  10.948  1.00 23.69 ? 19   LEU A CA  1 
ATOM   154 C  C   . LEU A 1 19 ? 14.733  -4.122  10.921  1.00 23.51 ? 19   LEU A C   1 
ATOM   155 O  O   . LEU A 1 19 ? 14.816  -3.489  9.879   1.00 23.18 ? 19   LEU A O   1 
ATOM   156 C  CB  . LEU A 1 19 ? 13.835  -6.444  10.967  1.00 23.45 ? 19   LEU A CB  1 
ATOM   157 C  CG  . LEU A 1 19 ? 12.816  -6.103  9.871   1.00 22.28 ? 19   LEU A CG  1 
ATOM   158 C  CD1 . LEU A 1 19 ? 13.402  -6.339  8.488   1.00 21.25 ? 19   LEU A CD1 1 
ATOM   159 C  CD2 . LEU A 1 19 ? 11.542  -6.902  10.055  1.00 22.31 ? 19   LEU A CD2 1 
ATOM   160 N  N   . LYS A 1 20 ? 14.329  -3.577  12.067  1.00 23.46 ? 20   LYS A N   1 
ATOM   161 C  CA  . LYS A 1 20 ? 13.916  -2.171  12.129  1.00 23.57 ? 20   LYS A CA  1 
ATOM   162 C  C   . LYS A 1 20 ? 15.032  -1.237  11.676  1.00 22.74 ? 20   LYS A C   1 
ATOM   163 O  O   . LYS A 1 20 ? 14.791  -0.312  10.905  1.00 22.55 ? 20   LYS A O   1 
ATOM   164 C  CB  . LYS A 1 20 ? 13.430  -1.790  13.534  1.00 24.12 ? 20   LYS A CB  1 
ATOM   165 C  CG  . LYS A 1 20 ? 12.053  -2.357  13.903  1.00 26.20 ? 20   LYS A CG  1 
ATOM   166 C  CD  . LYS A 1 20 ? 11.029  -2.155  12.778  1.00 29.38 ? 20   LYS A CD  1 
ATOM   167 C  CE  . LYS A 1 20 ? 9.590   -2.149  13.262  1.00 30.22 ? 20   LYS A CE  1 
ATOM   168 N  NZ  . LYS A 1 20 ? 8.721   -1.322  12.382  1.00 31.73 ? 20   LYS A NZ  1 
ATOM   169 N  N   . VAL A 1 21 ? 16.257  -1.497  12.120  1.00 22.03 ? 21   VAL A N   1 
ATOM   170 C  CA  . VAL A 1 21 ? 17.390  -0.677  11.702  1.00 21.34 ? 21   VAL A CA  1 
ATOM   171 C  C   . VAL A 1 21 ? 17.645  -0.841  10.205  1.00 20.61 ? 21   VAL A C   1 
ATOM   172 O  O   . VAL A 1 21 ? 17.909  0.133   9.511   1.00 20.18 ? 21   VAL A O   1 
ATOM   173 C  CB  . VAL A 1 21 ? 18.668  -0.990  12.519  1.00 21.57 ? 21   VAL A CB  1 
ATOM   174 C  CG1 . VAL A 1 21 ? 19.886  -0.268  11.941  1.00 21.78 ? 21   VAL A CG1 1 
ATOM   175 C  CG2 . VAL A 1 21 ? 18.460  -0.594  13.981  1.00 21.64 ? 21   VAL A CG2 1 
ATOM   176 N  N   . HIS A 1 22 ? 17.555  -2.070  9.706   1.00 19.72 ? 22   HIS A N   1 
ATOM   177 C  CA  . HIS A 1 22 ? 17.731  -2.310  8.279   1.00 19.48 ? 22   HIS A CA  1 
ATOM   178 C  C   . HIS A 1 22 ? 16.708  -1.503  7.482   1.00 19.28 ? 22   HIS A C   1 
ATOM   179 O  O   . HIS A 1 22 ? 17.035  -0.908  6.459   1.00 19.13 ? 22   HIS A O   1 
ATOM   180 C  CB  . HIS A 1 22 ? 17.582  -3.803  7.936   1.00 19.31 ? 22   HIS A CB  1 
ATOM   181 C  CG  . HIS A 1 22 ? 17.189  -4.043  6.513   1.00 18.77 ? 22   HIS A CG  1 
ATOM   182 N  ND1 . HIS A 1 22 ? 17.994  -3.690  5.453   1.00 20.03 ? 22   HIS A ND1 1 
ATOM   183 C  CD2 . HIS A 1 22 ? 16.055  -4.548  5.975   1.00 18.96 ? 22   HIS A CD2 1 
ATOM   184 C  CE1 . HIS A 1 22 ? 17.379  -3.986  4.320   1.00 18.88 ? 22   HIS A CE1 1 
ATOM   185 N  NE2 . HIS A 1 22 ? 16.203  -4.510  4.611   1.00 17.68 ? 22   HIS A NE2 1 
ATOM   186 N  N   . GLN A 1 23 ? 15.477  -1.475  7.976   1.00 19.18 ? 23   GLN A N   1 
ATOM   187 C  CA  . GLN A 1 23 ? 14.368  -0.871  7.238   1.00 19.72 ? 23   GLN A CA  1 
ATOM   188 C  C   . GLN A 1 23 ? 14.472  0.646   7.116   1.00 20.36 ? 23   GLN A C   1 
ATOM   189 O  O   . GLN A 1 23 ? 13.840  1.235   6.249   1.00 20.11 ? 23   GLN A O   1 
ATOM   190 C  CB  . GLN A 1 23 ? 13.030  -1.301  7.841   1.00 19.85 ? 23   GLN A CB  1 
ATOM   191 C  CG  . GLN A 1 23 ? 12.747  -2.781  7.552   1.00 19.89 ? 23   GLN A CG  1 
ATOM   192 C  CD  . GLN A 1 23 ? 11.344  -3.225  7.882   1.00 20.70 ? 23   GLN A CD  1 
ATOM   193 O  OE1 . GLN A 1 23 ? 10.775  -2.820  8.895   1.00 22.72 ? 23   GLN A OE1 1 
ATOM   194 N  NE2 . GLN A 1 23 ? 10.789  -4.099  7.040   1.00 21.11 ? 23   GLN A NE2 1 
ATOM   195 N  N   . PHE A 1 24 ? 15.288  1.274   7.960   1.00 20.94 ? 24   PHE A N   1 
ATOM   196 C  CA  . PHE A 1 24 ? 15.582  2.695   7.797   1.00 21.30 ? 24   PHE A CA  1 
ATOM   197 C  C   . PHE A 1 24 ? 16.197  2.984   6.429   1.00 21.50 ? 24   PHE A C   1 
ATOM   198 O  O   . PHE A 1 24 ? 15.983  4.060   5.886   1.00 21.87 ? 24   PHE A O   1 
ATOM   199 C  CB  . PHE A 1 24 ? 16.515  3.208   8.906   1.00 21.29 ? 24   PHE A CB  1 
ATOM   200 C  CG  . PHE A 1 24 ? 15.887  3.249   10.272  1.00 21.87 ? 24   PHE A CG  1 
ATOM   201 C  CD1 . PHE A 1 24 ? 14.601  3.725   10.461  1.00 23.29 ? 24   PHE A CD1 1 
ATOM   202 C  CD2 . PHE A 1 24 ? 16.602  2.833   11.384  1.00 23.44 ? 24   PHE A CD2 1 
ATOM   203 C  CE1 . PHE A 1 24 ? 14.037  3.767   11.723  1.00 24.20 ? 24   PHE A CE1 1 
ATOM   204 C  CE2 . PHE A 1 24 ? 16.032  2.870   12.652  1.00 23.38 ? 24   PHE A CE2 1 
ATOM   205 C  CZ  . PHE A 1 24 ? 14.757  3.338   12.820  1.00 23.95 ? 24   PHE A CZ  1 
ATOM   206 N  N   . SER A 1 25 ? 16.956  2.040   5.876   1.00 21.74 ? 25   SER A N   1 
ATOM   207 C  CA  . SER A 1 25 ? 17.529  2.195   4.537   1.00 22.36 ? 25   SER A CA  1 
ATOM   208 C  C   . SER A 1 25 ? 16.456  2.365   3.453   1.00 22.10 ? 25   SER A C   1 
ATOM   209 O  O   . SER A 1 25 ? 16.685  3.061   2.461   1.00 22.59 ? 25   SER A O   1 
ATOM   210 C  CB  . SER A 1 25 ? 18.473  1.032   4.193   1.00 22.81 ? 25   SER A CB  1 
ATOM   211 O  OG  . SER A 1 25 ? 17.784  -0.194  4.001   1.00 24.15 ? 25   SER A OG  1 
ATOM   212 N  N   . HIS A 1 26 ? 15.298  1.738   3.653   1.00 21.30 ? 26   HIS A N   1 
ATOM   213 C  CA  . HIS A 1 26 ? 14.142  1.893   2.763   1.00 20.74 ? 26   HIS A CA  1 
ATOM   214 C  C   . HIS A 1 26 ? 13.369  3.179   3.046   1.00 20.39 ? 26   HIS A C   1 
ATOM   215 O  O   . HIS A 1 26 ? 13.083  3.939   2.125   1.00 20.50 ? 26   HIS A O   1 
ATOM   216 C  CB  . HIS A 1 26 ? 13.180  0.699   2.896   1.00 20.42 ? 26   HIS A CB  1 
ATOM   217 C  CG  . HIS A 1 26 ? 13.796  -0.624  2.556   1.00 19.60 ? 26   HIS A CG  1 
ATOM   218 N  ND1 . HIS A 1 26 ? 14.572  -0.827  1.432   1.00 20.41 ? 26   HIS A ND1 1 
ATOM   219 C  CD2 . HIS A 1 26 ? 13.739  -1.818  3.193   1.00 19.14 ? 26   HIS A CD2 1 
ATOM   220 C  CE1 . HIS A 1 26 ? 14.972  -2.087  1.399   1.00 19.65 ? 26   HIS A CE1 1 
ATOM   221 N  NE2 . HIS A 1 26 ? 14.480  -2.708  2.457   1.00 18.38 ? 26   HIS A NE2 1 
ATOM   222 N  N   . THR A 1 27 ? 13.024  3.413   4.314   1.00 19.90 ? 27   THR A N   1 
ATOM   223 C  CA  . THR A 1 27 ? 12.135  4.521   4.680   1.00 19.48 ? 27   THR A CA  1 
ATOM   224 C  C   . THR A 1 27 ? 12.771  5.899   4.479   1.00 19.63 ? 27   THR A C   1 
ATOM   225 O  O   . THR A 1 27 ? 12.059  6.878   4.272   1.00 19.37 ? 27   THR A O   1 
ATOM   226 C  CB  . THR A 1 27 ? 11.619  4.391   6.132   1.00 19.74 ? 27   THR A CB  1 
ATOM   227 O  OG1 . THR A 1 27 ? 12.722  4.337   7.045   1.00 19.30 ? 27   THR A OG1 1 
ATOM   228 C  CG2 . THR A 1 27 ? 10.871  3.071   6.346   1.00 19.71 ? 27   THR A CG2 1 
ATOM   229 N  N   . GLN A 1 28 ? 14.102  5.971   4.529   1.00 19.70 ? 28   GLN A N   1 
ATOM   230 C  CA  . GLN A 1 28 ? 14.829  7.210   4.233   1.00 20.18 ? 28   GLN A CA  1 
ATOM   231 C  C   . GLN A 1 28 ? 14.557  7.678   2.811   1.00 19.98 ? 28   GLN A C   1 
ATOM   232 O  O   . GLN A 1 28 ? 14.541  8.880   2.546   1.00 20.00 ? 28   GLN A O   1 
ATOM   233 C  CB  . GLN A 1 28 ? 16.338  7.009   4.350   1.00 20.61 ? 28   GLN A CB  1 
ATOM   234 C  CG  . GLN A 1 28 ? 16.868  7.042   5.741   1.00 21.80 ? 28   GLN A CG  1 
ATOM   235 C  CD  . GLN A 1 28 ? 18.292  6.507   5.825   1.00 22.03 ? 28   GLN A CD  1 
ATOM   236 O  OE1 . GLN A 1 28 ? 18.925  6.213   4.803   1.00 24.41 ? 28   GLN A OE1 1 
ATOM   237 N  NE2 . GLN A 1 28 ? 18.804  6.401   7.035   1.00 25.26 ? 28   GLN A NE2 1 
ATOM   238 N  N   . GLN A 1 29 ? 14.402  6.707   1.910   1.00 20.14 ? 29   GLN A N   1 
ATOM   239 C  CA  . GLN A 1 29 ? 14.140  6.947   0.494   1.00 20.29 ? 29   GLN A CA  1 
ATOM   240 C  C   . GLN A 1 29 ? 12.648  7.115   0.180   1.00 19.63 ? 29   GLN A C   1 
ATOM   241 O  O   . GLN A 1 29 ? 12.289  7.566   -0.910  1.00 20.01 ? 29   GLN A O   1 
ATOM   242 C  CB  . GLN A 1 29 ? 14.699  5.788   -0.340  1.00 20.99 ? 29   GLN A CB  1 
ATOM   243 C  CG  A GLN A 1 29 ? 16.209  5.628   -0.295  0.50 22.01 ? 29   GLN A CG  1 
ATOM   244 C  CG  B GLN A 1 29 ? 16.220  5.639   -0.285  0.50 22.00 ? 29   GLN A CG  1 
ATOM   245 C  CD  A GLN A 1 29 ? 16.670  4.358   -0.985  0.50 23.23 ? 29   GLN A CD  1 
ATOM   246 C  CD  B GLN A 1 29 ? 16.957  6.950   -0.510  0.50 23.08 ? 29   GLN A CD  1 
ATOM   247 O  OE1 A GLN A 1 29 ? 17.351  4.411   -2.012  0.50 25.23 ? 29   GLN A OE1 1 
ATOM   248 O  OE1 B GLN A 1 29 ? 17.778  7.354   0.312   0.50 24.89 ? 29   GLN A OE1 1 
ATOM   249 N  NE2 A GLN A 1 29 ? 16.295  3.211   -0.429  0.50 24.24 ? 29   GLN A NE2 1 
ATOM   250 N  NE2 B GLN A 1 29 ? 16.658  7.619   -1.616  0.50 24.86 ? 29   GLN A NE2 1 
ATOM   251 N  N   . LEU A 1 30 ? 11.795  6.748   1.132   1.00 18.69 ? 30   LEU A N   1 
ATOM   252 C  CA  . LEU A 1 30 ? 10.343  6.845   0.989   1.00 18.09 ? 30   LEU A CA  1 
ATOM   253 C  C   . LEU A 1 30 ? 9.759   7.587   2.198   1.00 17.98 ? 30   LEU A C   1 
ATOM   254 O  O   . LEU A 1 30 ? 9.069   6.980   3.018   1.00 17.95 ? 30   LEU A O   1 
ATOM   255 C  CB  . LEU A 1 30 ? 9.735   5.443   0.888   1.00 17.97 ? 30   LEU A CB  1 
ATOM   256 C  CG  . LEU A 1 30 ? 10.234  4.565   -0.269  1.00 17.66 ? 30   LEU A CG  1 
ATOM   257 C  CD1 . LEU A 1 30 ? 9.743   3.139   -0.099  1.00 18.65 ? 30   LEU A CD1 1 
ATOM   258 C  CD2 . LEU A 1 30 ? 9.796   5.136   -1.608  1.00 17.33 ? 30   LEU A CD2 1 
ATOM   259 N  N   . PRO A 1 31 ? 10.030  8.889   2.312   1.00 17.71 ? 31   PRO A N   1 
ATOM   260 C  CA  . PRO A 1 31 ? 9.658   9.647   3.520   1.00 17.90 ? 31   PRO A CA  1 
ATOM   261 C  C   . PRO A 1 31 ? 8.158   9.883   3.731   1.00 17.60 ? 31   PRO A C   1 
ATOM   262 O  O   . PRO A 1 31 ? 7.771   10.266  4.836   1.00 18.09 ? 31   PRO A O   1 
ATOM   263 C  CB  . PRO A 1 31 ? 10.369  10.997  3.325   1.00 18.17 ? 31   PRO A CB  1 
ATOM   264 C  CG  . PRO A 1 31 ? 11.264  10.837  2.156   1.00 18.37 ? 31   PRO A CG  1 
ATOM   265 C  CD  . PRO A 1 31 ? 10.713  9.745   1.330   1.00 17.80 ? 31   PRO A CD  1 
ATOM   266 N  N   . TYR A 1 32 ? 7.343   9.686   2.695   1.00 17.06 ? 32   TYR A N   1 
ATOM   267 C  CA  . TYR A 1 32 ? 5.915   10.002  2.750   1.00 16.96 ? 32   TYR A CA  1 
ATOM   268 C  C   . TYR A 1 32 ? 5.096   8.756   3.049   1.00 16.85 ? 32   TYR A C   1 
ATOM   269 O  O   . TYR A 1 32 ? 4.880   7.919   2.176   1.00 17.12 ? 32   TYR A O   1 
ATOM   270 C  CB  . TYR A 1 32 ? 5.476   10.688  1.448   1.00 16.69 ? 32   TYR A CB  1 
ATOM   271 C  CG  . TYR A 1 32 ? 6.234   11.974  1.249   1.00 16.48 ? 32   TYR A CG  1 
ATOM   272 C  CD1 . TYR A 1 32 ? 5.775   13.165  1.800   1.00 16.62 ? 32   TYR A CD1 1 
ATOM   273 C  CD2 . TYR A 1 32 ? 7.448   11.988  0.574   1.00 16.33 ? 32   TYR A CD2 1 
ATOM   274 C  CE1 . TYR A 1 32 ? 6.485   14.347  1.655   1.00 16.68 ? 32   TYR A CE1 1 
ATOM   275 C  CE2 . TYR A 1 32 ? 8.168   13.170  0.421   1.00 17.59 ? 32   TYR A CE2 1 
ATOM   276 C  CZ  . TYR A 1 32 ? 7.686   14.337  0.969   1.00 17.53 ? 32   TYR A CZ  1 
ATOM   277 O  OH  . TYR A 1 32 ? 8.402   15.499  0.812   1.00 21.67 ? 32   TYR A OH  1 
ATOM   278 N  N   . GLU A 1 33 ? 4.659   8.646   4.302   1.00 16.40 ? 33   GLU A N   1 
ATOM   279 C  CA  . GLU A 1 33 ? 3.955   7.475   4.802   1.00 16.76 ? 33   GLU A CA  1 
ATOM   280 C  C   . GLU A 1 33 ? 2.450   7.679   4.779   1.00 16.20 ? 33   GLU A C   1 
ATOM   281 O  O   . GLU A 1 33 ? 1.945   8.742   5.141   1.00 16.12 ? 33   GLU A O   1 
ATOM   282 C  CB  . GLU A 1 33 ? 4.390   7.185   6.245   1.00 16.99 ? 33   GLU A CB  1 
ATOM   283 C  CG  . GLU A 1 33 ? 3.928   5.830   6.747   1.00 19.09 ? 33   GLU A CG  1 
ATOM   284 C  CD  . GLU A 1 33 ? 4.246   5.577   8.211   1.00 21.68 ? 33   GLU A CD  1 
ATOM   285 O  OE1 . GLU A 1 33 ? 5.261   6.103   8.709   1.00 21.49 ? 33   GLU A OE1 1 
ATOM   286 O  OE2 . GLU A 1 33 ? 3.476   4.834   8.854   1.00 24.75 ? 33   GLU A OE2 1 
ATOM   287 N  N   . CYS A 1 34 ? 1.725   6.648   4.371   1.00 16.05 ? 34   CYS A N   1 
ATOM   288 C  CA  . CYS A 1 34 ? 0.275   6.693   4.426   1.00 16.10 ? 34   CYS A CA  1 
ATOM   289 C  C   . CYS A 1 34 ? -0.179  6.845   5.882   1.00 16.60 ? 34   CYS A C   1 
ATOM   290 O  O   . CYS A 1 34 ? 0.308   6.119   6.759   1.00 16.75 ? 34   CYS A O   1 
ATOM   291 C  CB  . CYS A 1 34 ? -0.324  5.423   3.831   1.00 15.63 ? 34   CYS A CB  1 
ATOM   292 S  SG  . CYS A 1 34 ? -2.124  5.485   3.864   1.00 16.74 ? 34   CYS A SG  1 
ATOM   293 N  N   . PRO A 1 35 ? -1.083  7.782   6.159   1.00 17.21 ? 35   PRO A N   1 
ATOM   294 C  CA  . PRO A 1 35 ? -1.548  8.007   7.537   1.00 18.17 ? 35   PRO A CA  1 
ATOM   295 C  C   . PRO A 1 35 ? -2.590  7.013   8.055   1.00 19.36 ? 35   PRO A C   1 
ATOM   296 O  O   . PRO A 1 35 ? -2.902  7.055   9.247   1.00 20.19 ? 35   PRO A O   1 
ATOM   297 C  CB  . PRO A 1 35 ? -2.162  9.403   7.462   1.00 18.03 ? 35   PRO A CB  1 
ATOM   298 C  CG  . PRO A 1 35 ? -2.699  9.481   6.074   1.00 17.23 ? 35   PRO A CG  1 
ATOM   299 C  CD  . PRO A 1 35 ? -1.701  8.740   5.225   1.00 17.07 ? 35   PRO A CD  1 
ATOM   300 N  N   . HIS A 1 36 ? -3.127  6.159   7.192   1.00 20.13 ? 36   HIS A N   1 
ATOM   301 C  CA  . HIS A 1 36 ? -4.139  5.189   7.605   1.00 21.14 ? 36   HIS A CA  1 
ATOM   302 C  C   . HIS A 1 36 ? -3.513  4.085   8.455   1.00 22.31 ? 36   HIS A C   1 
ATOM   303 O  O   . HIS A 1 36 ? -2.468  3.539   8.105   1.00 22.32 ? 36   HIS A O   1 
ATOM   304 C  CB  . HIS A 1 36 ? -4.835  4.588   6.383   1.00 20.98 ? 36   HIS A CB  1 
ATOM   305 C  CG  . HIS A 1 36 ? -5.748  5.546   5.687   1.00 20.71 ? 36   HIS A CG  1 
ATOM   306 N  ND1 . HIS A 1 36 ? -5.339  6.328   4.629   1.00 21.68 ? 36   HIS A ND1 1 
ATOM   307 C  CD2 . HIS A 1 36 ? -7.042  5.875   5.916   1.00 20.45 ? 36   HIS A CD2 1 
ATOM   308 C  CE1 . HIS A 1 36 ? -6.344  7.082   4.224   1.00 19.18 ? 36   HIS A CE1 1 
ATOM   309 N  NE2 . HIS A 1 36 ? -7.390  6.826   4.987   1.00 20.88 ? 36   HIS A NE2 1 
ATOM   310 N  N   . GLU A 1 37 ? -4.156  3.767   9.576   1.00 24.01 ? 37   GLU A N   1 
ATOM   311 C  CA  . GLU A 1 37 ? -3.668  2.715   10.466  1.00 25.28 ? 37   GLU A CA  1 
ATOM   312 C  C   . GLU A 1 37 ? -3.699  1.372   9.749   1.00 25.15 ? 37   GLU A C   1 
ATOM   313 O  O   . GLU A 1 37 ? -4.680  1.037   9.093   1.00 26.10 ? 37   GLU A O   1 
ATOM   314 C  CB  . GLU A 1 37 ? -4.504  2.651   11.754  1.00 25.84 ? 37   GLU A CB  1 
ATOM   315 C  CG  A GLU A 1 37 ? -3.944  3.493   12.889  0.50 27.12 ? 37   GLU A CG  1 
ATOM   316 C  CG  B GLU A 1 37 ? -3.989  3.544   12.875  0.50 27.04 ? 37   GLU A CG  1 
ATOM   317 C  CD  A GLU A 1 37 ? -2.519  3.108   13.253  0.50 28.86 ? 37   GLU A CD  1 
ATOM   318 C  CD  B GLU A 1 37 ? -5.063  3.913   13.888  0.50 28.63 ? 37   GLU A CD  1 
ATOM   319 O  OE1 A GLU A 1 37 ? -1.658  4.011   13.333  0.50 29.76 ? 37   GLU A OE1 1 
ATOM   320 O  OE1 B GLU A 1 37 ? -4.916  3.541   15.071  0.50 29.23 ? 37   GLU A OE1 1 
ATOM   321 O  OE2 A GLU A 1 37 ? -2.256  1.901   13.446  0.50 29.87 ? 37   GLU A OE2 1 
ATOM   322 O  OE2 B GLU A 1 37 ? -6.053  4.581   13.508  0.50 29.69 ? 37   GLU A OE2 1 
ATOM   323 N  N   . GLY A 1 38 ? -2.601  0.630   9.848   1.00 25.13 ? 38   GLY A N   1 
ATOM   324 C  CA  . GLY A 1 38 ? -2.491  -0.677  9.228   1.00 24.95 ? 38   GLY A CA  1 
ATOM   325 C  C   . GLY A 1 38 ? -1.929  -0.667  7.819   1.00 24.63 ? 38   GLY A C   1 
ATOM   326 O  O   . GLY A 1 38 ? -1.558  -1.721  7.306   1.00 25.06 ? 38   GLY A O   1 
ATOM   327 N  N   . CYS A 1 39 ? -1.857  0.510   7.194   1.00 23.83 ? 39   CYS A N   1 
ATOM   328 C  CA  . CYS A 1 39 ? -1.348  0.626   5.832   1.00 22.81 ? 39   CYS A CA  1 
ATOM   329 C  C   . CYS A 1 39 ? 0.144   0.934   5.821   1.00 22.75 ? 39   CYS A C   1 
ATOM   330 O  O   . CYS A 1 39 ? 0.581   1.941   6.370   1.00 22.81 ? 39   CYS A O   1 
ATOM   331 C  CB  . CYS A 1 39 ? -2.093  1.713   5.052   1.00 22.65 ? 39   CYS A CB  1 
ATOM   332 S  SG  . CYS A 1 39 ? -1.611  1.739   3.311   1.00 20.99 ? 39   CYS A SG  1 
ATOM   333 N  N   . ASP A 1 40 ? 0.910   0.075   5.156   1.00 22.71 ? 40   ASP A N   1 
ATOM   334 C  CA  . ASP A 1 40 ? 2.370   0.186   5.120   1.00 22.67 ? 40   ASP A CA  1 
ATOM   335 C  C   . ASP A 1 40 ? 2.891   0.904   3.867   1.00 21.92 ? 40   ASP A C   1 
ATOM   336 O  O   . ASP A 1 40 ? 4.101   0.936   3.629   1.00 21.93 ? 40   ASP A O   1 
ATOM   337 C  CB  A ASP A 1 40 ? 3.005   -1.206  5.221   0.50 22.91 ? 40   ASP A CB  1 
ATOM   338 C  CB  B ASP A 1 40 ? 3.027   -1.200  5.268   0.50 22.88 ? 40   ASP A CB  1 
ATOM   339 C  CG  A ASP A 1 40 ? 2.689   -1.903  6.533   0.50 24.01 ? 40   ASP A CG  1 
ATOM   340 C  CG  B ASP A 1 40 ? 2.658   -2.173  4.145   0.50 23.73 ? 40   ASP A CG  1 
ATOM   341 O  OD1 A ASP A 1 40 ? 2.473   -1.212  7.553   0.50 25.89 ? 40   ASP A OD1 1 
ATOM   342 O  OD1 B ASP A 1 40 ? 2.047   -1.764  3.132   0.50 25.26 ? 40   ASP A OD1 1 
ATOM   343 O  OD2 A ASP A 1 40 ? 2.645   -3.146  6.638   0.50 25.98 ? 40   ASP A OD2 1 
ATOM   344 O  OD2 B ASP A 1 40 ? 2.943   -3.391  4.198   0.50 26.14 ? 40   ASP A OD2 1 
ATOM   345 N  N   . LYS A 1 41 ? 1.992   1.489   3.077   1.00 20.39 ? 41   LYS A N   1 
ATOM   346 C  CA  . LYS A 1 41 ? 2.379   2.124   1.821   1.00 19.60 ? 41   LYS A CA  1 
ATOM   347 C  C   . LYS A 1 41 ? 3.161   3.411   2.070   1.00 18.50 ? 41   LYS A C   1 
ATOM   348 O  O   . LYS A 1 41 ? 2.770   4.220   2.900   1.00 18.11 ? 41   LYS A O   1 
ATOM   349 C  CB  . LYS A 1 41 ? 1.143   2.429   0.968   1.00 19.73 ? 41   LYS A CB  1 
ATOM   350 C  CG  . LYS A 1 41 ? 0.450   1.184   0.408   1.00 21.43 ? 41   LYS A CG  1 
ATOM   351 C  CD  . LYS A 1 41 ? 0.961   0.844   -0.985  1.00 22.80 ? 41   LYS A CD  1 
ATOM   352 C  CE  . LYS A 1 41 ? 0.279   -0.393  -1.558  1.00 24.05 ? 41   LYS A CE  1 
ATOM   353 N  NZ  . LYS A 1 41 ? 1.133   -1.073  -2.581  1.00 25.40 ? 41   LYS A NZ  1 
ATOM   354 N  N   . ARG A 1 42 ? 4.264   3.572   1.343   1.00 17.39 ? 42   ARG A N   1 
ATOM   355 C  CA  . ARG A 1 42 ? 5.131   4.742   1.450   1.00 17.07 ? 42   ARG A CA  1 
ATOM   356 C  C   . ARG A 1 42 ? 5.564   5.197   0.068   1.00 16.12 ? 42   ARG A C   1 
ATOM   357 O  O   . ARG A 1 42 ? 5.635   4.392   -0.860  1.00 15.47 ? 42   ARG A O   1 
ATOM   358 C  CB  . ARG A 1 42 ? 6.397   4.420   2.242   1.00 17.49 ? 42   ARG A CB  1 
ATOM   359 C  CG  . ARG A 1 42 ? 6.195   3.811   3.596   1.00 18.66 ? 42   ARG A CG  1 
ATOM   360 C  CD  . ARG A 1 42 ? 7.504   3.539   4.290   1.00 19.59 ? 42   ARG A CD  1 
ATOM   361 N  NE  . ARG A 1 42 ? 8.188   4.786   4.597   1.00 21.84 ? 42   ARG A NE  1 
ATOM   362 C  CZ  . ARG A 1 42 ? 8.051   5.461   5.734   1.00 22.80 ? 42   ARG A CZ  1 
ATOM   363 N  NH1 . ARG A 1 42 ? 7.272   5.009   6.708   1.00 24.41 ? 42   ARG A NH1 1 
ATOM   364 N  NH2 . ARG A 1 42 ? 8.715   6.597   5.908   1.00 23.82 ? 42   ARG A NH2 1 
ATOM   365 N  N   . PHE A 1 43 ? 5.912   6.477   -0.046  1.00 15.69 ? 43   PHE A N   1 
ATOM   366 C  CA  . PHE A 1 43 ? 6.276   7.099   -1.321  1.00 15.50 ? 43   PHE A CA  1 
ATOM   367 C  C   . PHE A 1 43 ? 7.426   8.087   -1.168  1.00 16.05 ? 43   PHE A C   1 
ATOM   368 O  O   . PHE A 1 43 ? 7.708   8.547   -0.071  1.00 15.86 ? 43   PHE A O   1 
ATOM   369 C  CB  . PHE A 1 43 ? 5.048   7.798   -1.935  1.00 15.27 ? 43   PHE A CB  1 
ATOM   370 C  CG  . PHE A 1 43 ? 3.849   6.915   -2.002  1.00 13.96 ? 43   PHE A CG  1 
ATOM   371 C  CD1 . PHE A 1 43 ? 3.611   6.120   -3.120  1.00 13.53 ? 43   PHE A CD1 1 
ATOM   372 C  CD2 . PHE A 1 43 ? 2.986   6.819   -0.920  1.00 13.20 ? 43   PHE A CD2 1 
ATOM   373 C  CE1 . PHE A 1 43 ? 2.519   5.271   -3.159  1.00 12.41 ? 43   PHE A CE1 1 
ATOM   374 C  CE2 . PHE A 1 43 ? 1.903   5.962   -0.956  1.00 12.90 ? 43   PHE A CE2 1 
ATOM   375 C  CZ  . PHE A 1 43 ? 1.668   5.194   -2.072  1.00 13.39 ? 43   PHE A CZ  1 
ATOM   376 N  N   . SER A 1 44 ? 8.073   8.421   -2.282  1.00 16.84 ? 44   SER A N   1 
ATOM   377 C  CA  . SER A 1 44 ? 9.186   9.370   -2.293  1.00 17.46 ? 44   SER A CA  1 
ATOM   378 C  C   . SER A 1 44 ? 8.739   10.801  -2.616  1.00 17.97 ? 44   SER A C   1 
ATOM   379 O  O   . SER A 1 44 ? 9.525   11.734  -2.467  1.00 18.36 ? 44   SER A O   1 
ATOM   380 C  CB  . SER A 1 44 ? 10.250  8.919   -3.303  1.00 17.54 ? 44   SER A CB  1 
ATOM   381 O  OG  . SER A 1 44 ? 9.760   8.979   -4.632  1.00 17.66 ? 44   SER A OG  1 
ATOM   382 N  N   . LEU A 1 45 ? 7.492   10.961  -3.069  1.00 18.37 ? 45   LEU A N   1 
ATOM   383 C  CA  . LEU A 1 45 ? 6.933   12.271  -3.411  1.00 18.70 ? 45   LEU A CA  1 
ATOM   384 C  C   . LEU A 1 45 ? 5.583   12.510  -2.740  1.00 18.66 ? 45   LEU A C   1 
ATOM   385 O  O   . LEU A 1 45 ? 4.762   11.592  -2.646  1.00 18.44 ? 45   LEU A O   1 
ATOM   386 C  CB  . LEU A 1 45 ? 6.735   12.380  -4.923  1.00 19.00 ? 45   LEU A CB  1 
ATOM   387 C  CG  . LEU A 1 45 ? 7.992   12.232  -5.776  1.00 20.35 ? 45   LEU A CG  1 
ATOM   388 C  CD1 . LEU A 1 45 ? 7.636   12.156  -7.249  1.00 21.56 ? 45   LEU A CD1 1 
ATOM   389 C  CD2 . LEU A 1 45 ? 8.960   13.376  -5.509  1.00 21.72 ? 45   LEU A CD2 1 
ATOM   390 N  N   . PRO A 1 46 ? 5.337   13.744  -2.304  1.00 18.67 ? 46   PRO A N   1 
ATOM   391 C  CA  . PRO A 1 46 ? 4.033   14.110  -1.737  1.00 18.65 ? 46   PRO A CA  1 
ATOM   392 C  C   . PRO A 1 46 ? 2.866   13.828  -2.684  1.00 18.18 ? 46   PRO A C   1 
ATOM   393 O  O   . PRO A 1 46 ? 1.824   13.395  -2.219  1.00 18.06 ? 46   PRO A O   1 
ATOM   394 C  CB  . PRO A 1 46 ? 4.148   15.621  -1.493  1.00 18.75 ? 46   PRO A CB  1 
ATOM   395 C  CG  . PRO A 1 46 ? 5.588   15.959  -1.578  1.00 19.19 ? 46   PRO A CG  1 
ATOM   396 C  CD  . PRO A 1 46 ? 6.286   14.868  -2.305  1.00 19.00 ? 46   PRO A CD  1 
ATOM   397 N  N   . SER A 1 47 ? 3.043   14.075  -3.982  1.00 18.43 ? 47   SER A N   1 
ATOM   398 C  CA  . SER A 1 47 ? 1.975   13.849  -4.957  1.00 18.30 ? 47   SER A CA  1 
ATOM   399 C  C   . SER A 1 47 ? 1.537   12.390  -5.009  1.00 17.83 ? 47   SER A C   1 
ATOM   400 O  O   . SER A 1 47 ? 0.353   12.106  -5.141  1.00 17.82 ? 47   SER A O   1 
ATOM   401 C  CB  . SER A 1 47 ? 2.387   14.326  -6.359  1.00 18.58 ? 47   SER A CB  1 
ATOM   402 O  OG  . SER A 1 47 ? 3.523   13.634  -6.850  1.00 20.01 ? 47   SER A OG  1 
ATOM   403 N  N   . ARG A 1 48 ? 2.489   11.460  -4.900  1.00 17.45 ? 48   ARG A N   1 
ATOM   404 C  CA  . ARG A 1 48 ? 2.158   10.032  -4.896  1.00 17.17 ? 48   ARG A CA  1 
ATOM   405 C  C   . ARG A 1 48 ? 1.414   9.621   -3.626  1.00 16.46 ? 48   ARG A C   1 
ATOM   406 O  O   . ARG A 1 48 ? 0.533   8.779   -3.682  1.00 16.60 ? 48   ARG A O   1 
ATOM   407 C  CB  . ARG A 1 48 ? 3.413   9.177   -5.060  1.00 17.26 ? 48   ARG A CB  1 
ATOM   408 C  CG  . ARG A 1 48 ? 4.141   9.403   -6.377  1.00 18.80 ? 48   ARG A CG  1 
ATOM   409 C  CD  . ARG A 1 48 ? 5.233   8.390   -6.680  1.00 21.37 ? 48   ARG A CD  1 
ATOM   410 N  NE  . ARG A 1 48 ? 5.898   8.744   -7.934  1.00 23.55 ? 48   ARG A NE  1 
ATOM   411 C  CZ  . ARG A 1 48 ? 7.182   8.533   -8.217  1.00 25.14 ? 48   ARG A CZ  1 
ATOM   412 N  NH1 . ARG A 1 48 ? 7.993   7.955   -7.340  1.00 25.27 ? 48   ARG A NH1 1 
ATOM   413 N  NH2 . ARG A 1 48 ? 7.658   8.917   -9.398  1.00 25.12 ? 48   ARG A NH2 1 
ATOM   414 N  N   . LEU A 1 49 ? 1.775   10.207  -2.487  1.00 16.53 ? 49   LEU A N   1 
ATOM   415 C  CA  . LEU A 1 49 ? 1.050   9.959   -1.248  1.00 16.47 ? 49   LEU A CA  1 
ATOM   416 C  C   . LEU A 1 49 ? -0.389  10.464  -1.378  1.00 16.71 ? 49   LEU A C   1 
ATOM   417 O  O   . LEU A 1 49 ? -1.325  9.781   -0.980  1.00 16.50 ? 49   LEU A O   1 
ATOM   418 C  CB  . LEU A 1 49 ? 1.738   10.620  -0.041  1.00 16.65 ? 49   LEU A CB  1 
ATOM   419 C  CG  . LEU A 1 49 ? 0.952   10.567  1.279   1.00 16.53 ? 49   LEU A CG  1 
ATOM   420 C  CD1 . LEU A 1 49 ? 0.599   9.155   1.662   1.00 16.49 ? 49   LEU A CD1 1 
ATOM   421 C  CD2 . LEU A 1 49 ? 1.715   11.248  2.421   1.00 17.00 ? 49   LEU A CD2 1 
ATOM   422 N  N   . LYS A 1 50 ? -0.558  11.659  -1.928  1.00 17.15 ? 50   LYS A N   1 
ATOM   423 C  CA  . LYS A 1 50 ? -1.888  12.253  -2.032  1.00 17.73 ? 50   LYS A CA  1 
ATOM   424 C  C   . LYS A 1 50 ? -2.792  11.404  -2.919  1.00 17.18 ? 50   LYS A C   1 
ATOM   425 O  O   . LYS A 1 50 ? -3.930  11.136  -2.564  1.00 17.01 ? 50   LYS A O   1 
ATOM   426 C  CB  . LYS A 1 50 ? -1.818  13.684  -2.565  1.00 18.21 ? 50   LYS A CB  1 
ATOM   427 C  CG  . LYS A 1 50 ? -3.166  14.380  -2.563  1.00 21.07 ? 50   LYS A CG  1 
ATOM   428 C  CD  . LYS A 1 50 ? -3.051  15.874  -2.822  1.00 23.99 ? 50   LYS A CD  1 
ATOM   429 C  CE  . LYS A 1 50 ? -4.352  16.571  -2.459  1.00 26.34 ? 50   LYS A CE  1 
ATOM   430 N  NZ  . LYS A 1 50 ? -4.316  18.045  -2.731  1.00 28.77 ? 50   LYS A NZ  1 
ATOM   431 N  N   . ARG A 1 51 ? -2.271  10.973  -4.065  1.00 17.15 ? 51   ARG A N   1 
ATOM   432 C  CA  . ARG A 1 51 ? -2.999  10.083  -4.962  1.00 16.91 ? 51   ARG A CA  1 
ATOM   433 C  C   . ARG A 1 51 ? -3.420  8.808   -4.239  1.00 16.68 ? 51   ARG A C   1 
ATOM   434 O  O   . ARG A 1 51 ? -4.547  8.338   -4.373  1.00 16.75 ? 51   ARG A O   1 
ATOM   435 C  CB  . ARG A 1 51 ? -2.125  9.742   -6.173  1.00 17.14 ? 51   ARG A CB  1 
ATOM   436 C  CG  . ARG A 1 51 ? -2.773  8.832   -7.187  1.00 17.66 ? 51   ARG A CG  1 
ATOM   437 C  CD  . ARG A 1 51 ? -1.973  8.683   -8.462  1.00 19.26 ? 51   ARG A CD  1 
ATOM   438 N  NE  . ARG A 1 51 ? -0.629  8.166   -8.200  1.00 19.92 ? 51   ARG A NE  1 
ATOM   439 C  CZ  . ARG A 1 51 ? 0.446   8.417   -8.941  1.00 20.79 ? 51   ARG A CZ  1 
ATOM   440 N  NH1 . ARG A 1 51 ? 0.372   9.177   -10.030 1.00 21.55 ? 51   ARG A NH1 1 
ATOM   441 N  NH2 . ARG A 1 51 ? 1.612   7.891   -8.602  1.00 20.53 ? 51   ARG A NH2 1 
ATOM   442 N  N   . HIS A 1 52 ? -2.507  8.252   -3.454  1.00 16.14 ? 52   HIS A N   1 
ATOM   443 C  CA  . HIS A 1 52 ? -2.791  7.046   -2.695  1.00 15.77 ? 52   HIS A CA  1 
ATOM   444 C  C   . HIS A 1 52 ? -3.893  7.257   -1.632  1.00 15.78 ? 52   HIS A C   1 
ATOM   445 O  O   . HIS A 1 52 ? -4.736  6.393   -1.424  1.00 15.88 ? 52   HIS A O   1 
ATOM   446 C  CB  . HIS A 1 52 ? -1.494  6.512   -2.064  1.00 15.51 ? 52   HIS A CB  1 
ATOM   447 C  CG  . HIS A 1 52 ? -1.722  5.394   -1.107  1.00 14.72 ? 52   HIS A CG  1 
ATOM   448 N  ND1 . HIS A 1 52 ? -2.153  4.152   -1.513  1.00 14.40 ? 52   HIS A ND1 1 
ATOM   449 C  CD2 . HIS A 1 52 ? -1.626  5.340   0.242   1.00 14.26 ? 52   HIS A CD2 1 
ATOM   450 C  CE1 . HIS A 1 52 ? -2.299  3.375   -0.455  1.00 15.14 ? 52   HIS A CE1 1 
ATOM   451 N  NE2 . HIS A 1 52 ? -1.984  4.073   0.621   1.00 14.56 ? 52   HIS A NE2 1 
ATOM   452 N  N   . GLU A 1 53 ? -3.887  8.407   -0.970  1.00 16.48 ? 53   GLU A N   1 
ATOM   453 C  CA  . GLU A 1 53 ? -4.922  8.711   0.015   1.00 16.93 ? 53   GLU A CA  1 
ATOM   454 C  C   . GLU A 1 53 ? -6.292  8.873   -0.649  1.00 17.61 ? 53   GLU A C   1 
ATOM   455 O  O   . GLU A 1 53 ? -7.300  8.495   -0.070  1.00 17.70 ? 53   GLU A O   1 
ATOM   456 C  CB  . GLU A 1 53 ? -4.555  9.950   0.820   1.00 16.96 ? 53   GLU A CB  1 
ATOM   457 C  CG  . GLU A 1 53 ? -3.438  9.706   1.826   1.00 17.15 ? 53   GLU A CG  1 
ATOM   458 C  CD  . GLU A 1 53 ? -3.417  10.747  2.923   1.00 17.18 ? 53   GLU A CD  1 
ATOM   459 O  OE1 . GLU A 1 53 ? -4.474  10.925  3.573   1.00 16.77 ? 53   GLU A OE1 1 
ATOM   460 O  OE2 . GLU A 1 53 ? -2.361  11.392  3.124   1.00 16.52 ? 53   GLU A OE2 1 
ATOM   461 N  N   . LYS A 1 54 ? -6.315  9.403   -1.868  1.00 18.64 ? 54   LYS A N   1 
ATOM   462 C  CA  . LYS A 1 54 ? -7.563  9.494   -2.635  1.00 19.46 ? 54   LYS A CA  1 
ATOM   463 C  C   . LYS A 1 54 ? -8.102  8.107   -2.988  1.00 19.63 ? 54   LYS A C   1 
ATOM   464 O  O   . LYS A 1 54 ? -9.313  7.886   -3.006  1.00 19.68 ? 54   LYS A O   1 
ATOM   465 C  CB  . LYS A 1 54 ? -7.367  10.331  -3.896  1.00 19.84 ? 54   LYS A CB  1 
ATOM   466 C  CG  . LYS A 1 54 ? -7.199  11.816  -3.642  1.00 21.38 ? 54   LYS A CG  1 
ATOM   467 C  CD  . LYS A 1 54 ? -6.967  12.565  -4.944  1.00 23.92 ? 54   LYS A CD  1 
ATOM   468 C  CE  . LYS A 1 54 ? -6.743  14.043  -4.706  1.00 25.84 ? 54   LYS A CE  1 
ATOM   469 N  NZ  . LYS A 1 54 ? -6.379  14.763  -5.960  1.00 28.65 ? 54   LYS A NZ  1 
ATOM   470 N  N   . VAL A 1 55 ? -7.203  7.160   -3.251  1.00 19.63 ? 55   VAL A N   1 
ATOM   471 C  CA  . VAL A 1 55 ? -7.604  5.782   -3.512  1.00 19.98 ? 55   VAL A CA  1 
ATOM   472 C  C   . VAL A 1 55 ? -8.284  5.179   -2.275  1.00 20.03 ? 55   VAL A C   1 
ATOM   473 O  O   . VAL A 1 55 ? -9.276  4.466   -2.391  1.00 20.40 ? 55   VAL A O   1 
ATOM   474 C  CB  . VAL A 1 55 ? -6.397  4.919   -3.987  1.00 20.04 ? 55   VAL A CB  1 
ATOM   475 C  CG1 . VAL A 1 55 ? -6.752  3.439   -4.018  1.00 20.45 ? 55   VAL A CG1 1 
ATOM   476 C  CG2 . VAL A 1 55 ? -5.927  5.378   -5.351  1.00 20.24 ? 55   VAL A CG2 1 
ATOM   477 N  N   . HIS A 1 56 ? -7.757  5.476   -1.085  1.00 19.87 ? 56   HIS A N   1 
ATOM   478 C  CA  . HIS A 1 56 ? -8.376  5.039   0.169   1.00 19.76 ? 56   HIS A CA  1 
ATOM   479 C  C   . HIS A 1 56 ? -9.827  5.516   0.281   1.00 20.12 ? 56   HIS A C   1 
ATOM   480 O  O   . HIS A 1 56 ? -10.678 4.814   0.827   1.00 20.53 ? 56   HIS A O   1 
ATOM   481 C  CB  . HIS A 1 56 ? -7.590  5.574   1.378   1.00 19.65 ? 56   HIS A CB  1 
ATOM   482 C  CG  . HIS A 1 56 ? -6.518  4.654   1.870   1.00 18.51 ? 56   HIS A CG  1 
ATOM   483 N  ND1 . HIS A 1 56 ? -6.755  3.670   2.802   1.00 17.75 ? 56   HIS A ND1 1 
ATOM   484 C  CD2 . HIS A 1 56 ? -5.195  4.592   1.586   1.00 17.40 ? 56   HIS A CD2 1 
ATOM   485 C  CE1 . HIS A 1 56 ? -5.628  3.030   3.060   1.00 17.91 ? 56   HIS A CE1 1 
ATOM   486 N  NE2 . HIS A 1 56 ? -4.669  3.567   2.331   1.00 17.18 ? 56   HIS A NE2 1 
ATOM   487 N  N   . ALA A 1 57 ? -10.081 6.721   -0.217  1.00 20.44 ? 57   ALA A N   1 
ATOM   488 C  CA  . ALA A 1 57 ? -11.395 7.351   -0.137  1.00 21.04 ? 57   ALA A CA  1 
ATOM   489 C  C   . ALA A 1 57 ? -12.412 6.689   -1.071  1.00 21.56 ? 57   ALA A C   1 
ATOM   490 O  O   . ALA A 1 57 ? -13.616 6.775   -0.830  1.00 22.18 ? 57   ALA A O   1 
ATOM   491 C  CB  . ALA A 1 57 ? -11.283 8.829   -0.460  1.00 20.96 ? 57   ALA A CB  1 
ATOM   492 N  N   . GLY A 1 58 ? -11.922 6.032   -2.119  1.00 21.70 ? 58   GLY A N   1 
ATOM   493 C  CA  . GLY A 1 58 ? -12.770 5.378   -3.104  1.00 21.70 ? 58   GLY A CA  1 
ATOM   494 C  C   . GLY A 1 58 ? -13.384 4.054   -2.683  1.00 21.77 ? 58   GLY A C   1 
ATOM   495 O  O   . GLY A 1 58 ? -13.455 3.717   -1.500  1.00 21.70 ? 58   GLY A O   1 
ATOM   496 N  N   . TYR A 1 59 ? -13.819 3.285   -3.682  1.00 22.02 ? 59   TYR A N   1 
ATOM   497 C  CA  . TYR A 1 59 ? -14.601 2.073   -3.468  1.00 22.38 ? 59   TYR A CA  1 
ATOM   498 C  C   . TYR A 1 59 ? -13.846 0.871   -4.040  1.00 23.56 ? 59   TYR A C   1 
ATOM   499 O  O   . TYR A 1 59 ? -13.945 0.588   -5.228  1.00 23.17 ? 59   TYR A O   1 
ATOM   500 C  CB  . TYR A 1 59 ? -15.982 2.219   -4.134  1.00 22.05 ? 59   TYR A CB  1 
ATOM   501 C  CG  . TYR A 1 59 ? -16.751 3.422   -3.629  1.00 19.95 ? 59   TYR A CG  1 
ATOM   502 C  CD1 . TYR A 1 59 ? -17.493 3.357   -2.456  1.00 19.64 ? 59   TYR A CD1 1 
ATOM   503 C  CD2 . TYR A 1 59 ? -16.709 4.630   -4.309  1.00 19.04 ? 59   TYR A CD2 1 
ATOM   504 C  CE1 . TYR A 1 59 ? -18.178 4.468   -1.978  1.00 19.75 ? 59   TYR A CE1 1 
ATOM   505 C  CE2 . TYR A 1 59 ? -17.387 5.740   -3.844  1.00 19.24 ? 59   TYR A CE2 1 
ATOM   506 C  CZ  . TYR A 1 59 ? -18.122 5.654   -2.679  1.00 19.71 ? 59   TYR A CZ  1 
ATOM   507 O  OH  . TYR A 1 59 ? -18.803 6.758   -2.208  1.00 18.93 ? 59   TYR A OH  1 
ATOM   508 N  N   . PRO A 1 60 ? -13.073 0.177   -3.208  1.00 25.23 ? 60   PRO A N   1 
ATOM   509 C  CA  . PRO A 1 60 ? -12.259 -0.941  -3.698  1.00 26.43 ? 60   PRO A CA  1 
ATOM   510 C  C   . PRO A 1 60 ? -13.109 -2.165  -4.042  1.00 27.73 ? 60   PRO A C   1 
ATOM   511 O  O   . PRO A 1 60 ? -14.044 -2.491  -3.314  1.00 27.68 ? 60   PRO A O   1 
ATOM   512 C  CB  . PRO A 1 60 ? -11.328 -1.242  -2.518  1.00 26.30 ? 60   PRO A CB  1 
ATOM   513 C  CG  . PRO A 1 60 ? -12.076 -0.793  -1.317  1.00 25.71 ? 60   PRO A CG  1 
ATOM   514 C  CD  . PRO A 1 60 ? -12.909 0.383   -1.756  1.00 25.29 ? 60   PRO A CD  1 
ATOM   515 N  N   . CYS A 1 61 ? -12.778 -2.821  -5.148  1.00 29.58 ? 61   CYS A N   1 
ATOM   516 C  CA  . CYS A 1 61 ? -13.428 -4.062  -5.544  1.00 31.33 ? 61   CYS A CA  1 
ATOM   517 C  C   . CYS A 1 61 ? -13.009 -5.186  -4.607  1.00 33.16 ? 61   CYS A C   1 
ATOM   518 O  O   . CYS A 1 61 ? -11.817 -5.394  -4.381  1.00 33.54 ? 61   CYS A O   1 
ATOM   519 C  CB  . CYS A 1 61 ? -13.047 -4.420  -6.980  1.00 31.26 ? 61   CYS A CB  1 
ATOM   520 S  SG  . CYS A 1 61 ? -13.824 -5.932  -7.603  1.00 31.23 ? 61   CYS A SG  1 
ATOM   521 N  N   . LYS A 1 62 ? -13.988 -5.894  -4.050  1.00 35.48 ? 62   LYS A N   1 
ATOM   522 C  CA  . LYS A 1 62 ? -13.715 -7.063  -3.210  1.00 37.38 ? 62   LYS A CA  1 
ATOM   523 C  C   . LYS A 1 62 ? -14.385 -8.337  -3.740  1.00 38.48 ? 62   LYS A C   1 
ATOM   524 O  O   . LYS A 1 62 ? -14.423 -9.358  -3.048  1.00 39.14 ? 62   LYS A O   1 
ATOM   525 C  CB  . LYS A 1 62 ? -14.143 -6.788  -1.765  1.00 37.65 ? 62   LYS A CB  1 
ATOM   526 C  CG  . LYS A 1 62 ? -13.559 -5.498  -1.188  1.00 38.89 ? 62   LYS A CG  1 
ATOM   527 C  CD  . LYS A 1 62 ? -13.127 -5.666  0.259   1.00 40.57 ? 62   LYS A CD  1 
ATOM   528 C  CE  . LYS A 1 62 ? -12.986 -4.321  0.954   1.00 41.64 ? 62   LYS A CE  1 
ATOM   529 N  NZ  . LYS A 1 62 ? -12.456 -4.464  2.342   1.00 43.01 ? 62   LYS A NZ  1 
ATOM   530 N  N   . LYS A 1 63 ? -14.906 -8.277  -4.966  1.00 39.65 ? 63   LYS A N   1 
ATOM   531 C  CA  . LYS A 1 63 ? -15.430 -9.462  -5.649  1.00 40.45 ? 63   LYS A CA  1 
ATOM   532 C  C   . LYS A 1 63 ? -14.284 -10.428 -5.932  1.00 40.89 ? 63   LYS A C   1 
ATOM   533 O  O   . LYS A 1 63 ? -14.411 -11.640 -5.742  1.00 41.22 ? 63   LYS A O   1 
ATOM   534 C  CB  . LYS A 1 63 ? -16.118 -9.076  -6.965  1.00 40.63 ? 63   LYS A CB  1 
ATOM   535 C  CG  . LYS A 1 63 ? -17.632 -8.935  -6.869  1.00 41.62 ? 63   LYS A CG  1 
ATOM   536 C  CD  . LYS A 1 63 ? -18.056 -7.863  -5.865  1.00 42.41 ? 63   LYS A CD  1 
ATOM   537 C  CE  . LYS A 1 63 ? -18.496 -8.455  -4.527  1.00 42.92 ? 63   LYS A CE  1 
ATOM   538 N  NZ  . LYS A 1 63 ? -19.409 -7.535  -3.781  1.00 43.40 ? 63   LYS A NZ  1 
ATOM   539 N  N   . ASP A 1 64 ? -13.170 -9.869  -6.394  1.00 41.20 ? 64   ASP A N   1 
ATOM   540 C  CA  . ASP A 1 64 ? -11.935 -10.606 -6.619  1.00 41.43 ? 64   ASP A CA  1 
ATOM   541 C  C   . ASP A 1 64 ? -10.850 -10.016 -5.719  1.00 41.19 ? 64   ASP A C   1 
ATOM   542 O  O   . ASP A 1 64 ? -10.707 -8.794  -5.652  1.00 41.47 ? 64   ASP A O   1 
ATOM   543 C  CB  . ASP A 1 64 ? -11.531 -10.461 -8.085  1.00 41.68 ? 64   ASP A CB  1 
ATOM   544 C  CG  . ASP A 1 64 ? -10.850 -11.687 -8.628  1.00 42.78 ? 64   ASP A CG  1 
ATOM   545 O  OD1 . ASP A 1 64 ? -11.408 -12.312 -9.555  1.00 44.73 ? 64   ASP A OD1 1 
ATOM   546 O  OD2 . ASP A 1 64 ? -9.752  -12.099 -8.197  1.00 44.57 ? 64   ASP A OD2 1 
ATOM   547 N  N   . ASP A 1 65 ? -10.090 -10.867 -5.028  1.00 40.69 ? 65   ASP A N   1 
ATOM   548 C  CA  . ASP A 1 65 ? -8.967  -10.382 -4.210  1.00 40.20 ? 65   ASP A CA  1 
ATOM   549 C  C   . ASP A 1 65 ? -7.743  -10.022 -5.063  1.00 38.97 ? 65   ASP A C   1 
ATOM   550 O  O   . ASP A 1 65 ? -6.818  -9.370  -4.582  1.00 39.37 ? 65   ASP A O   1 
ATOM   551 C  CB  . ASP A 1 65 ? -8.592  -11.373 -3.089  1.00 40.57 ? 65   ASP A CB  1 
ATOM   552 C  CG  . ASP A 1 65 ? -8.201  -12.748 -3.608  1.00 41.82 ? 65   ASP A CG  1 
ATOM   553 O  OD1 . ASP A 1 65 ? -8.572  -13.749 -2.952  1.00 43.55 ? 65   ASP A OD1 1 
ATOM   554 O  OD2 . ASP A 1 65 ? -7.526  -12.936 -4.644  1.00 43.86 ? 65   ASP A OD2 1 
ATOM   555 N  N   . SER A 1 66 ? -7.750  -10.446 -6.324  1.00 37.39 ? 66   SER A N   1 
ATOM   556 C  CA  . SER A 1 66 ? -6.717  -10.067 -7.283  1.00 36.06 ? 66   SER A CA  1 
ATOM   557 C  C   . SER A 1 66 ? -7.008  -8.721  -7.959  1.00 34.31 ? 66   SER A C   1 
ATOM   558 O  O   . SER A 1 66 ? -6.089  -8.074  -8.465  1.00 34.47 ? 66   SER A O   1 
ATOM   559 C  CB  . SER A 1 66 ? -6.579  -11.143 -8.361  1.00 36.25 ? 66   SER A CB  1 
ATOM   560 O  OG  . SER A 1 66 ? -5.547  -10.818 -9.280  1.00 37.56 ? 66   SER A OG  1 
ATOM   561 N  N   . CYS A 1 67 ? -8.276  -8.308  -7.983  1.00 31.90 ? 67   CYS A N   1 
ATOM   562 C  CA  . CYS A 1 67 ? -8.680  -7.122  -8.740  1.00 29.84 ? 67   CYS A CA  1 
ATOM   563 C  C   . CYS A 1 67 ? -8.169  -5.836  -8.104  1.00 28.40 ? 67   CYS A C   1 
ATOM   564 O  O   . CYS A 1 67 ? -8.336  -5.623  -6.906  1.00 28.49 ? 67   CYS A O   1 
ATOM   565 C  CB  . CYS A 1 67 ? -10.201 -7.047  -8.868  1.00 29.76 ? 67   CYS A CB  1 
ATOM   566 S  SG  . CYS A 1 67 ? -10.750 -5.700  -9.938  1.00 27.40 ? 67   CYS A SG  1 
ATOM   567 N  N   . SER A 1 68 ? -7.573  -4.980  -8.926  1.00 26.56 ? 68   SER A N   1 
ATOM   568 C  CA  . SER A 1 68 ? -6.963  -3.736  -8.467  1.00 25.33 ? 68   SER A CA  1 
ATOM   569 C  C   . SER A 1 68 ? -7.857  -2.514  -8.715  1.00 23.86 ? 68   SER A C   1 
ATOM   570 O  O   . SER A 1 68 ? -7.401  -1.376  -8.609  1.00 22.94 ? 68   SER A O   1 
ATOM   571 C  CB  . SER A 1 68 ? -5.619  -3.533  -9.161  1.00 25.58 ? 68   SER A CB  1 
ATOM   572 O  OG  . SER A 1 68 ? -5.794  -3.407  -10.556 1.00 27.45 ? 68   SER A OG  1 
ATOM   573 N  N   . PHE A 1 69 ? -9.126  -2.749  -9.037  1.00 22.44 ? 69   PHE A N   1 
ATOM   574 C  CA  . PHE A 1 69 ? -10.067 -1.663  -9.297  1.00 21.68 ? 69   PHE A CA  1 
ATOM   575 C  C   . PHE A 1 69 ? -10.457 -0.964  -8.004  1.00 21.00 ? 69   PHE A C   1 
ATOM   576 O  O   . PHE A 1 69 ? -10.777 -1.616  -7.015  1.00 20.66 ? 69   PHE A O   1 
ATOM   577 C  CB  . PHE A 1 69 ? -11.332 -2.196  -9.970  1.00 21.55 ? 69   PHE A CB  1 
ATOM   578 C  CG  . PHE A 1 69 ? -12.374 -1.140  -10.233 1.00 21.09 ? 69   PHE A CG  1 
ATOM   579 C  CD1 . PHE A 1 69 ? -12.347 -0.397  -11.401 1.00 21.61 ? 69   PHE A CD1 1 
ATOM   580 C  CD2 . PHE A 1 69 ? -13.378 -0.897  -9.306  1.00 21.53 ? 69   PHE A CD2 1 
ATOM   581 C  CE1 . PHE A 1 69 ? -13.315 0.578   -11.646 1.00 22.32 ? 69   PHE A CE1 1 
ATOM   582 C  CE2 . PHE A 1 69 ? -14.344 0.074   -9.545  1.00 21.49 ? 69   PHE A CE2 1 
ATOM   583 C  CZ  . PHE A 1 69 ? -14.308 0.809   -10.710 1.00 21.31 ? 69   PHE A CZ  1 
ATOM   584 N  N   . VAL A 1 70 ? -10.429 0.363   -8.029  1.00 20.80 ? 70   VAL A N   1 
ATOM   585 C  CA  . VAL A 1 70 ? -10.969 1.183   -6.953  1.00 20.72 ? 70   VAL A CA  1 
ATOM   586 C  C   . VAL A 1 70 ? -11.798 2.294   -7.598  1.00 20.43 ? 70   VAL A C   1 
ATOM   587 O  O   . VAL A 1 70 ? -11.257 3.169   -8.268  1.00 21.20 ? 70   VAL A O   1 
ATOM   588 C  CB  . VAL A 1 70 ? -9.853  1.785   -6.070  1.00 20.73 ? 70   VAL A CB  1 
ATOM   589 C  CG1 . VAL A 1 70 ? -10.456 2.612   -4.938  1.00 20.84 ? 70   VAL A CG1 1 
ATOM   590 C  CG2 . VAL A 1 70 ? -8.962  0.681   -5.517  1.00 20.69 ? 70   VAL A CG2 1 
ATOM   591 N  N   . GLY A 1 71 ? -13.114 2.239   -7.419  1.00 20.38 ? 71   GLY A N   1 
ATOM   592 C  CA  . GLY A 1 71 ? -14.003 3.225   -8.010  1.00 20.17 ? 71   GLY A CA  1 
ATOM   593 C  C   . GLY A 1 71 ? -13.904 4.595   -7.367  1.00 19.87 ? 71   GLY A C   1 
ATOM   594 O  O   . GLY A 1 71 ? -13.865 4.706   -6.150  1.00 19.41 ? 71   GLY A O   1 
ATOM   595 N  N   . LYS A 1 72 ? -13.862 5.636   -8.194  1.00 19.90 ? 72   LYS A N   1 
ATOM   596 C  CA  . LYS A 1 72 ? -13.900 7.019   -7.717  1.00 20.03 ? 72   LYS A CA  1 
ATOM   597 C  C   . LYS A 1 72 ? -15.288 7.405   -7.208  1.00 19.31 ? 72   LYS A C   1 
ATOM   598 O  O   . LYS A 1 72 ? -15.411 8.273   -6.348  1.00 19.46 ? 72   LYS A O   1 
ATOM   599 C  CB  . LYS A 1 72 ? -13.507 7.988   -8.830  1.00 20.58 ? 72   LYS A CB  1 
ATOM   600 C  CG  . LYS A 1 72 ? -12.038 7.963   -9.183  1.00 23.26 ? 72   LYS A CG  1 
ATOM   601 C  CD  . LYS A 1 72 ? -11.749 8.941   -10.303 1.00 26.04 ? 72   LYS A CD  1 
ATOM   602 C  CE  . LYS A 1 72 ? -10.265 9.250   -10.437 1.00 27.34 ? 72   LYS A CE  1 
ATOM   603 N  NZ  . LYS A 1 72 ? -10.069 10.560  -11.099 1.00 28.94 ? 72   LYS A NZ  1 
ATOM   604 N  N   . THR A 1 73 ? -16.323 6.781   -7.770  1.00 18.63 ? 73   THR A N   1 
ATOM   605 C  CA  . THR A 1 73 ? -17.710 7.056   -7.392  1.00 18.13 ? 73   THR A CA  1 
ATOM   606 C  C   . THR A 1 73 ? -18.481 5.763   -7.197  1.00 18.23 ? 73   THR A C   1 
ATOM   607 O  O   . THR A 1 73 ? -18.082 4.703   -7.677  1.00 17.75 ? 73   THR A O   1 
ATOM   608 C  CB  . THR A 1 73 ? -18.439 7.874   -8.486  1.00 17.91 ? 73   THR A CB  1 
ATOM   609 O  OG1 . THR A 1 73 ? -18.467 7.121   -9.705  1.00 16.71 ? 73   THR A OG1 1 
ATOM   610 C  CG2 . THR A 1 73 ? -17.692 9.149   -8.840  1.00 17.75 ? 73   THR A CG2 1 
ATOM   611 N  N   . TRP A 1 74 ? -19.616 5.873   -6.525  1.00 18.33 ? 74   TRP A N   1 
ATOM   612 C  CA  . TRP A 1 74 ? -20.481 4.735   -6.284  1.00 18.82 ? 74   TRP A CA  1 
ATOM   613 C  C   . TRP A 1 74 ? -21.050 4.210   -7.601  1.00 18.52 ? 74   TRP A C   1 
ATOM   614 O  O   . TRP A 1 74 ? -21.132 3.007   -7.793  1.00 18.28 ? 74   TRP A O   1 
ATOM   615 C  CB  . TRP A 1 74 ? -21.597 5.140   -5.335  1.00 19.11 ? 74   TRP A CB  1 
ATOM   616 C  CG  . TRP A 1 74 ? -22.473 4.028   -4.881  1.00 21.03 ? 74   TRP A CG  1 
ATOM   617 C  CD1 . TRP A 1 74 ? -23.831 3.971   -4.984  1.00 22.62 ? 74   TRP A CD1 1 
ATOM   618 C  CD2 . TRP A 1 74 ? -22.070 2.824   -4.217  1.00 23.14 ? 74   TRP A CD2 1 
ATOM   619 N  NE1 . TRP A 1 74 ? -24.297 2.800   -4.436  1.00 23.81 ? 74   TRP A NE1 1 
ATOM   620 C  CE2 . TRP A 1 74 ? -23.237 2.076   -3.961  1.00 23.93 ? 74   TRP A CE2 1 
ATOM   621 C  CE3 . TRP A 1 74 ? -20.834 2.297   -3.814  1.00 24.33 ? 74   TRP A CE3 1 
ATOM   622 C  CZ2 . TRP A 1 74 ? -23.210 0.829   -3.325  1.00 25.45 ? 74   TRP A CZ2 1 
ATOM   623 C  CZ3 . TRP A 1 74 ? -20.807 1.056   -3.186  1.00 25.40 ? 74   TRP A CZ3 1 
ATOM   624 C  CH2 . TRP A 1 74 ? -21.988 0.338   -2.946  1.00 26.02 ? 74   TRP A CH2 1 
ATOM   625 N  N   . THR A 1 75 ? -21.397 5.120   -8.510  1.00 18.41 ? 75   THR A N   1 
ATOM   626 C  CA  . THR A 1 75 ? -21.895 4.756   -9.834  1.00 18.58 ? 75   THR A CA  1 
ATOM   627 C  C   . THR A 1 75 ? -20.893 3.889   -10.582 1.00 19.15 ? 75   THR A C   1 
ATOM   628 O  O   . THR A 1 75 ? -21.260 2.865   -11.153 1.00 19.22 ? 75   THR A O   1 
ATOM   629 C  CB  . THR A 1 75 ? -22.202 6.028   -10.652 1.00 18.88 ? 75   THR A CB  1 
ATOM   630 O  OG1 . THR A 1 75 ? -23.401 6.637   -10.163 1.00 17.75 ? 75   THR A OG1 1 
ATOM   631 C  CG2 . THR A 1 75 ? -22.532 5.697   -12.108 1.00 18.49 ? 75   THR A CG2 1 
ATOM   632 N  N   . LEU A 1 76 ? -19.631 4.304   -10.576 1.00 19.55 ? 76   LEU A N   1 
ATOM   633 C  CA  . LEU A 1 76 ? -18.579 3.572   -11.276 1.00 20.17 ? 76   LEU A CA  1 
ATOM   634 C  C   . LEU A 1 76 ? -18.232 2.262   -10.580 1.00 20.40 ? 76   LEU A C   1 
ATOM   635 O  O   . LEU A 1 76 ? -17.870 1.290   -11.240 1.00 20.47 ? 76   LEU A O   1 
ATOM   636 C  CB  . LEU A 1 76 ? -17.333 4.441   -11.453 1.00 20.00 ? 76   LEU A CB  1 
ATOM   637 C  CG  . LEU A 1 76 ? -17.509 5.596   -12.437 1.00 21.37 ? 76   LEU A CG  1 
ATOM   638 C  CD1 . LEU A 1 76 ? -16.304 6.519   -12.404 1.00 21.76 ? 76   LEU A CD1 1 
ATOM   639 C  CD2 . LEU A 1 76 ? -17.750 5.082   -13.858 1.00 22.03 ? 76   LEU A CD2 1 
ATOM   640 N  N   . TYR A 1 77 ? -18.350 2.226   -9.256  1.00 20.67 ? 77   TYR A N   1 
ATOM   641 C  CA  . TYR A 1 77 ? -18.166 0.979   -8.524  1.00 21.22 ? 77   TYR A CA  1 
ATOM   642 C  C   . TYR A 1 77 ? -19.217 -0.069  -8.910  1.00 21.58 ? 77   TYR A C   1 
ATOM   643 O  O   . TYR A 1 77 ? -18.877 -1.205  -9.221  1.00 21.04 ? 77   TYR A O   1 
ATOM   644 C  CB  . TYR A 1 77 ? -18.210 1.205   -7.017  1.00 21.48 ? 77   TYR A CB  1 
ATOM   645 C  CG  . TYR A 1 77 ? -18.190 -0.085  -6.248  1.00 22.30 ? 77   TYR A CG  1 
ATOM   646 C  CD1 . TYR A 1 77 ? -17.009 -0.801  -6.089  1.00 24.11 ? 77   TYR A CD1 1 
ATOM   647 C  CD2 . TYR A 1 77 ? -19.355 -0.605  -5.701  1.00 23.66 ? 77   TYR A CD2 1 
ATOM   648 C  CE1 . TYR A 1 77 ? -16.990 -2.000  -5.391  1.00 24.84 ? 77   TYR A CE1 1 
ATOM   649 C  CE2 . TYR A 1 77 ? -19.350 -1.801  -5.005  1.00 25.44 ? 77   TYR A CE2 1 
ATOM   650 C  CZ  . TYR A 1 77 ? -18.165 -2.493  -4.849  1.00 25.67 ? 77   TYR A CZ  1 
ATOM   651 O  OH  . TYR A 1 77 ? -18.173 -3.683  -4.150  1.00 28.41 ? 77   TYR A OH  1 
ATOM   652 N  N   . LEU A 1 78 ? -20.493 0.307   -8.876  1.00 22.07 ? 78   LEU A N   1 
ATOM   653 C  CA  . LEU A 1 78 ? -21.559 -0.659  -9.154  1.00 22.59 ? 78   LEU A CA  1 
ATOM   654 C  C   . LEU A 1 78 ? -21.539 -1.101  -10.618 1.00 23.20 ? 78   LEU A C   1 
ATOM   655 O  O   . LEU A 1 78 ? -21.914 -2.232  -10.926 1.00 23.66 ? 78   LEU A O   1 
ATOM   656 C  CB  . LEU A 1 78 ? -22.926 -0.103  -8.740  1.00 22.54 ? 78   LEU A CB  1 
ATOM   657 C  CG  . LEU A 1 78 ? -23.171 -0.071  -7.225  1.00 23.06 ? 78   LEU A CG  1 
ATOM   658 C  CD1 . LEU A 1 78 ? -24.543 0.508   -6.924  1.00 23.68 ? 78   LEU A CD1 1 
ATOM   659 C  CD2 . LEU A 1 78 ? -23.030 -1.451  -6.589  1.00 24.58 ? 78   LEU A CD2 1 
ATOM   660 N  N   . LYS A 1 79 ? -21.073 -0.226  -11.505 1.00 23.70 ? 79   LYS A N   1 
ATOM   661 C  CA  . LYS A 1 79 ? -20.894 -0.558  -12.913 1.00 24.49 ? 79   LYS A CA  1 
ATOM   662 C  C   . LYS A 1 79 ? -19.810 -1.617  -13.083 1.00 25.11 ? 79   LYS A C   1 
ATOM   663 O  O   . LYS A 1 79 ? -19.950 -2.548  -13.882 1.00 25.29 ? 79   LYS A O   1 
ATOM   664 C  CB  . LYS A 1 79 ? -20.506 0.695   -13.704 1.00 24.61 ? 79   LYS A CB  1 
ATOM   665 C  CG  . LYS A 1 79 ? -20.312 0.464   -15.203 1.00 25.94 ? 79   LYS A CG  1 
ATOM   666 C  CD  . LYS A 1 79 ? -19.832 1.730   -15.895 1.00 27.86 ? 79   LYS A CD  1 
ATOM   667 C  CE  . LYS A 1 79 ? -19.314 1.440   -17.286 1.00 29.68 ? 79   LYS A CE  1 
ATOM   668 N  NZ  . LYS A 1 79 ? -20.399 0.973   -18.187 1.00 31.04 ? 79   LYS A NZ  1 
ATOM   669 N  N   . HIS A 1 80 ? -18.718 -1.454  -12.338 1.00 25.77 ? 80   HIS A N   1 
ATOM   670 C  CA  . HIS A 1 80 ? -17.613 -2.404  -12.361 1.00 26.17 ? 80   HIS A CA  1 
ATOM   671 C  C   . HIS A 1 80 ? -18.060 -3.766  -11.852 1.00 27.47 ? 80   HIS A C   1 
ATOM   672 O  O   . HIS A 1 80 ? -17.751 -4.790  -12.457 1.00 27.51 ? 80   HIS A O   1 
ATOM   673 C  CB  . HIS A 1 80 ? -16.445 -1.896  -11.504 1.00 26.01 ? 80   HIS A CB  1 
ATOM   674 C  CG  . HIS A 1 80 ? -15.325 -2.882  -11.378 1.00 24.17 ? 80   HIS A CG  1 
ATOM   675 N  ND1 . HIS A 1 80 ? -14.336 -3.005  -12.328 1.00 22.53 ? 80   HIS A ND1 1 
ATOM   676 C  CD2 . HIS A 1 80 ? -15.060 -3.815  -10.435 1.00 24.25 ? 80   HIS A CD2 1 
ATOM   677 C  CE1 . HIS A 1 80 ? -13.501 -3.963  -11.968 1.00 21.93 ? 80   HIS A CE1 1 
ATOM   678 N  NE2 . HIS A 1 80 ? -13.921 -4.476  -10.827 1.00 23.12 ? 80   HIS A NE2 1 
ATOM   679 N  N   . VAL A 1 81 ? -18.779 -3.766  -10.733 1.00 29.03 ? 81   VAL A N   1 
ATOM   680 C  CA  . VAL A 1 81 ? -19.267 -4.989  -10.102 1.00 30.63 ? 81   VAL A CA  1 
ATOM   681 C  C   . VAL A 1 81 ? -20.186 -5.763  -11.051 1.00 31.67 ? 81   VAL A C   1 
ATOM   682 O  O   . VAL A 1 81 ? -20.167 -6.993  -11.070 1.00 32.22 ? 81   VAL A O   1 
ATOM   683 C  CB  . VAL A 1 81 ? -20.002 -4.670  -8.769  1.00 30.79 ? 81   VAL A CB  1 
ATOM   684 C  CG1 . VAL A 1 81 ? -20.845 -5.851  -8.287  1.00 31.86 ? 81   VAL A CG1 1 
ATOM   685 C  CG2 . VAL A 1 81 ? -18.996 -4.277  -7.692  1.00 31.21 ? 81   VAL A CG2 1 
ATOM   686 N  N   . ALA A 1 82 ? -20.960 -5.039  -11.854 1.00 32.81 ? 82   ALA A N   1 
ATOM   687 C  CA  . ALA A 1 82 ? -21.916 -5.651  -12.776 1.00 33.78 ? 82   ALA A CA  1 
ATOM   688 C  C   . ALA A 1 82 ? -21.242 -6.202  -14.032 1.00 34.65 ? 82   ALA A C   1 
ATOM   689 O  O   . ALA A 1 82 ? -21.634 -7.259  -14.532 1.00 34.92 ? 82   ALA A O   1 
ATOM   690 C  CB  . ALA A 1 82 ? -22.993 -4.638  -13.168 1.00 33.66 ? 82   ALA A CB  1 
ATOM   691 N  N   . GLU A 1 83 ? -20.228 -5.492  -14.525 1.00 35.63 ? 83   GLU A N   1 
ATOM   692 C  CA  . GLU A 1 83 ? -19.618 -5.790  -15.824 1.00 36.52 ? 83   GLU A CA  1 
ATOM   693 C  C   . GLU A 1 83 ? -18.385 -6.706  -15.744 1.00 37.33 ? 83   GLU A C   1 
ATOM   694 O  O   . GLU A 1 83 ? -17.923 -7.213  -16.772 1.00 37.51 ? 83   GLU A O   1 
ATOM   695 C  CB  . GLU A 1 83 ? -19.243 -4.487  -16.535 1.00 36.55 ? 83   GLU A CB  1 
ATOM   696 C  CG  . GLU A 1 83 ? -20.449 -3.681  -16.992 1.00 37.27 ? 83   GLU A CG  1 
ATOM   697 C  CD  . GLU A 1 83 ? -20.082 -2.343  -17.604 1.00 38.38 ? 83   GLU A CD  1 
ATOM   698 O  OE1 . GLU A 1 83 ? -21.009 -1.597  -17.987 1.00 39.78 ? 83   GLU A OE1 1 
ATOM   699 O  OE2 . GLU A 1 83 ? -18.874 -2.030  -17.704 1.00 39.64 ? 83   GLU A OE2 1 
ATOM   700 N  N   . CYS A 1 84 ? -17.868 -6.919  -14.534 1.00 38.07 ? 84   CYS A N   1 
ATOM   701 C  CA  . CYS A 1 84 ? -16.648 -7.700  -14.324 1.00 38.57 ? 84   CYS A CA  1 
ATOM   702 C  C   . CYS A 1 84 ? -16.880 -8.835  -13.326 1.00 39.25 ? 84   CYS A C   1 
ATOM   703 O  O   . CYS A 1 84 ? -17.828 -8.800  -12.542 1.00 39.32 ? 84   CYS A O   1 
ATOM   704 C  CB  . CYS A 1 84 ? -15.519 -6.790  -13.828 1.00 38.53 ? 84   CYS A CB  1 
ATOM   705 S  SG  . CYS A 1 84 ? -15.122 -5.407  -14.933 1.00 38.27 ? 84   CYS A SG  1 
ATOM   706 N  N   . HIS A 1 85 ? -16.000 -9.835  -13.365 1.00 40.15 ? 85   HIS A N   1 
ATOM   707 C  CA  . HIS A 1 85 ? -16.089 -11.025 -12.501 1.00 40.83 ? 85   HIS A CA  1 
ATOM   708 C  C   . HIS A 1 85 ? -17.367 -11.840 -12.728 1.00 41.08 ? 85   HIS A C   1 
ATOM   709 O  O   . HIS A 1 85 ? -17.881 -11.921 -13.846 1.00 41.75 ? 85   HIS A O   1 
ATOM   710 C  CB  . HIS A 1 85 ? -15.978 -10.648 -11.015 1.00 41.02 ? 85   HIS A CB  1 
ATOM   711 C  CG  . HIS A 1 85 ? -14.987 -9.562  -10.737 1.00 41.54 ? 85   HIS A CG  1 
ATOM   712 N  ND1 . HIS A 1 85 ? -13.672 -9.634  -11.144 1.00 42.50 ? 85   HIS A ND1 1 
ATOM   713 C  CD2 . HIS A 1 85 ? -15.122 -8.373  -10.103 1.00 42.03 ? 85   HIS A CD2 1 
ATOM   714 C  CE1 . HIS A 1 85 ? -13.038 -8.539  -10.768 1.00 42.15 ? 85   HIS A CE1 1 
ATOM   715 N  NE2 . HIS A 1 85 ? -13.896 -7.756  -10.136 1.00 41.94 ? 85   HIS A NE2 1 
HETATM 716 ZN ZN  . ZN  B 2 .  ? 14.745  -4.593  3.161   1.00 16.83 ? 1086 ZN  A ZN  1 
HETATM 717 ZN ZN  . ZN  C 2 .  ? -2.603  3.629   2.635   1.00 16.17 ? 1087 ZN  A ZN  1 
HETATM 718 ZN ZN  . ZN  D 2 .  ? -13.043 -5.928  -9.619  1.00 25.94 ? 1088 ZN  A ZN  1 
HETATM 719 S  S   . SO4 E 3 .  ? 4.038   9.757   -10.890 1.00 38.59 ? 1089 SO4 A S   1 
HETATM 720 O  O1  . SO4 E 3 .  ? 3.931   8.426   -10.300 1.00 37.87 ? 1089 SO4 A O1  1 
HETATM 721 O  O2  . SO4 E 3 .  ? 5.019   9.715   -11.966 1.00 38.94 ? 1089 SO4 A O2  1 
HETATM 722 O  O3  . SO4 E 3 .  ? 4.456   10.748  -9.903  1.00 38.56 ? 1089 SO4 A O3  1 
HETATM 723 O  O4  . SO4 E 3 .  ? 2.745   10.145  -11.438 1.00 39.20 ? 1089 SO4 A O4  1 
HETATM 724 O  O   . HOH F 4 .  ? 13.710  -18.580 12.779  1.00 19.18 ? 2001 HOH A O   1 
HETATM 725 O  O   . HOH F 4 .  ? 12.001  -11.198 19.190  1.00 46.26 ? 2002 HOH A O   1 
HETATM 726 O  O   . HOH F 4 .  ? 7.080   -9.695  3.620   1.00 38.67 ? 2003 HOH A O   1 
HETATM 727 O  O   . HOH F 4 .  ? 7.344   -9.650  6.124   1.00 29.36 ? 2004 HOH A O   1 
HETATM 728 O  O   . HOH F 4 .  ? 8.938   -6.281  7.281   1.00 19.71 ? 2005 HOH A O   1 
HETATM 729 O  O   . HOH F 4 .  ? 9.745   -9.611  1.113   1.00 19.11 ? 2006 HOH A O   1 
HETATM 730 O  O   . HOH F 4 .  ? 17.591  -4.926  -0.057  1.00 52.06 ? 2007 HOH A O   1 
HETATM 731 O  O   . HOH F 4 .  ? 10.494  -8.247  -1.097  1.00 18.36 ? 2008 HOH A O   1 
HETATM 732 O  O   . HOH F 4 .  ? 5.879   -5.219  -4.875  1.00 35.83 ? 2009 HOH A O   1 
HETATM 733 O  O   . HOH F 4 .  ? 11.899  -2.379  -6.739  1.00 31.48 ? 2010 HOH A O   1 
HETATM 734 O  O   . HOH F 4 .  ? 8.200   -0.206  -7.891  1.00 26.38 ? 2011 HOH A O   1 
HETATM 735 O  O   . HOH F 4 .  ? 21.194  -6.534  18.242  1.00 54.83 ? 2012 HOH A O   1 
HETATM 736 O  O   . HOH F 4 .  ? -6.083  8.497   -9.374  1.00 46.03 ? 2013 HOH A O   1 
HETATM 737 O  O   . HOH F 4 .  ? 15.890  -3.708  -1.892  1.00 38.38 ? 2014 HOH A O   1 
HETATM 738 O  O   . HOH F 4 .  ? 14.576  -2.643  -6.242  1.00 44.18 ? 2015 HOH A O   1 
HETATM 739 O  O   . HOH F 4 .  ? 11.205  2.074   12.998  1.00 35.96 ? 2016 HOH A O   1 
HETATM 740 O  O   . HOH F 4 .  ? 20.736  2.752   6.264   1.00 42.73 ? 2017 HOH A O   1 
HETATM 741 O  O   . HOH F 4 .  ? 22.052  -0.732  3.693   1.00 49.09 ? 2018 HOH A O   1 
HETATM 742 O  O   . HOH F 4 .  ? 8.802   0.255   7.943   1.00 49.71 ? 2019 HOH A O   1 
HETATM 743 O  O   . HOH F 4 .  ? 12.597  -13.296 1.680   1.00 17.28 ? 2020 HOH A O   1 
HETATM 744 O  O   . HOH F 4 .  ? -21.091 5.413   -15.562 1.00 38.93 ? 2021 HOH A O   1 
HETATM 745 O  O   . HOH F 4 .  ? 12.875  3.470   -3.070  1.00 41.93 ? 2022 HOH A O   1 
HETATM 746 O  O   . HOH F 4 .  ? 20.429  -10.095 6.192   1.00 44.22 ? 2023 HOH A O   1 
HETATM 747 O  O   . HOH F 4 .  ? 19.032  -12.147 4.554   1.00 30.68 ? 2024 HOH A O   1 
HETATM 748 O  O   . HOH F 4 .  ? 13.989  -14.648 15.043  1.00 45.53 ? 2025 HOH A O   1 
HETATM 749 O  O   . HOH F 4 .  ? -8.560  5.559   8.752   1.00 43.41 ? 2026 HOH A O   1 
HETATM 750 O  O   . HOH F 4 .  ? -7.883  3.217   7.746   1.00 68.26 ? 2027 HOH A O   1 
HETATM 751 O  O   . HOH F 4 .  ? 13.926  -9.869  18.840  1.00 37.18 ? 2028 HOH A O   1 
HETATM 752 O  O   . HOH F 4 .  ? 12.657  13.751  0.392   1.00 45.48 ? 2029 HOH A O   1 
HETATM 753 O  O   . HOH F 4 .  ? 14.681  -7.136  19.202  1.00 40.65 ? 2030 HOH A O   1 
HETATM 754 O  O   . HOH F 4 .  ? 19.324  -4.987  17.553  1.00 49.07 ? 2031 HOH A O   1 
HETATM 755 O  O   . HOH F 4 .  ? 18.902  -0.168  17.660  1.00 35.76 ? 2032 HOH A O   1 
HETATM 756 O  O   . HOH F 4 .  ? 0.100   16.564  -1.141  1.00 48.95 ? 2033 HOH A O   1 
HETATM 757 O  O   . HOH F 4 .  ? 3.328   17.866  -4.742  1.00 50.84 ? 2034 HOH A O   1 
HETATM 758 O  O   . HOH F 4 .  ? 7.518   16.833  -5.661  1.00 54.59 ? 2035 HOH A O   1 
HETATM 759 O  O   . HOH F 4 .  ? -0.112  12.767  -9.184  1.00 33.84 ? 2036 HOH A O   1 
HETATM 760 O  O   . HOH F 4 .  ? -1.018  16.263  -6.060  1.00 46.24 ? 2037 HOH A O   1 
HETATM 761 O  O   . HOH F 4 .  ? 20.526  -11.089 11.933  1.00 36.05 ? 2038 HOH A O   1 
HETATM 762 O  O   . HOH F 4 .  ? 22.082  -9.113  11.218  1.00 53.92 ? 2039 HOH A O   1 
HETATM 763 O  O   . HOH F 4 .  ? 20.358  -4.488  11.006  1.00 27.13 ? 2040 HOH A O   1 
HETATM 764 O  O   . HOH F 4 .  ? 23.180  -6.946  16.707  1.00 66.55 ? 2041 HOH A O   1 
HETATM 765 O  O   . HOH F 4 .  ? -3.435  12.136  -9.353  1.00 52.81 ? 2042 HOH A O   1 
HETATM 766 O  O   . HOH F 4 .  ? -3.616  0.918   -3.410  1.00 30.41 ? 2043 HOH A O   1 
HETATM 767 O  O   . HOH F 4 .  ? -5.375  11.208  -7.891  1.00 49.60 ? 2044 HOH A O   1 
HETATM 768 O  O   . HOH F 4 .  ? 12.508  0.939   10.901  1.00 28.57 ? 2045 HOH A O   1 
HETATM 769 O  O   . HOH F 4 .  ? -3.427  0.261   -0.713  1.00 36.09 ? 2046 HOH A O   1 
HETATM 770 O  O   . HOH F 4 .  ? 20.118  1.124   8.354   1.00 25.60 ? 2047 HOH A O   1 
HETATM 771 O  O   . HOH F 4 .  ? -21.652 3.556   -0.114  1.00 43.70 ? 2048 HOH A O   1 
HETATM 772 O  O   . HOH F 4 .  ? 20.875  -2.991  5.981   1.00 36.12 ? 2049 HOH A O   1 
HETATM 773 O  O   . HOH F 4 .  ? 10.316  -0.278  10.109  1.00 47.31 ? 2050 HOH A O   1 
HETATM 774 O  O   . HOH F 4 .  ? 18.721  4.573   1.980   1.00 46.21 ? 2051 HOH A O   1 
HETATM 775 O  O   . HOH F 4 .  ? 18.140  -1.596  1.515   1.00 44.81 ? 2052 HOH A O   1 
HETATM 776 O  O   . HOH F 4 .  ? -8.230  7.011   -8.778  1.00 42.98 ? 2053 HOH A O   1 
HETATM 777 O  O   . HOH F 4 .  ? -20.374 7.641   -14.311 1.00 29.65 ? 2054 HOH A O   1 
HETATM 778 O  O   . HOH F 4 .  ? -24.858 -0.230  -12.639 1.00 26.50 ? 2055 HOH A O   1 
HETATM 779 O  O   . HOH F 4 .  ? -22.987 3.698   -15.043 1.00 39.39 ? 2056 HOH A O   1 
HETATM 780 O  O   . HOH F 4 .  ? -14.268 3.326   -13.714 1.00 35.16 ? 2057 HOH A O   1 
HETATM 781 O  O   . HOH F 4 .  ? 13.995  6.542   8.080   1.00 28.55 ? 2058 HOH A O   1 
HETATM 782 O  O   . HOH F 4 .  ? 11.600  3.451   9.523   1.00 30.51 ? 2059 HOH A O   1 
HETATM 783 O  O   . HOH F 4 .  ? 11.910  8.491   6.373   1.00 34.64 ? 2060 HOH A O   1 
HETATM 784 O  O   . HOH F 4 .  ? 21.033  5.035   7.558   1.00 30.14 ? 2061 HOH A O   1 
HETATM 785 O  O   . HOH F 4 .  ? 22.019  7.561   6.327   1.00 46.99 ? 2062 HOH A O   1 
HETATM 786 O  O   . HOH F 4 .  ? 15.318  11.059  1.349   1.00 34.58 ? 2063 HOH A O   1 
HETATM 787 O  O   . HOH F 4 .  ? 16.848  6.650   8.754   1.00 23.19 ? 2064 HOH A O   1 
HETATM 788 O  O   . HOH F 4 .  ? 13.803  9.557   -2.174  1.00 34.76 ? 2065 HOH A O   1 
HETATM 789 O  O   . HOH F 4 .  ? 13.372  2.208   -0.782  1.00 39.11 ? 2066 HOH A O   1 
HETATM 790 O  O   . HOH F 4 .  ? 7.239   17.827  1.522   1.00 51.48 ? 2067 HOH A O   1 
HETATM 791 O  O   . HOH F 4 .  ? 1.731   11.309  5.950   1.00 21.56 ? 2068 HOH A O   1 
HETATM 792 O  O   . HOH F 4 .  ? 6.808   8.071   8.571   1.00 27.40 ? 2069 HOH A O   1 
HETATM 793 O  O   . HOH F 4 .  ? 0.489   3.989   8.379   1.00 25.76 ? 2070 HOH A O   1 
HETATM 794 O  O   . HOH F 4 .  ? -1.544  6.429   11.721  1.00 44.30 ? 2071 HOH A O   1 
HETATM 795 O  O   . HOH F 4 .  ? -6.702  5.242   10.429  1.00 34.40 ? 2072 HOH A O   1 
HETATM 796 O  O   . HOH F 4 .  ? -5.880  0.710   5.887   1.00 49.77 ? 2073 HOH A O   1 
HETATM 797 O  O   . HOH F 4 .  ? 0.079   4.532   11.003  1.00 42.02 ? 2074 HOH A O   1 
HETATM 798 O  O   . HOH F 4 .  ? 2.844   3.307   5.639   1.00 41.11 ? 2075 HOH A O   1 
HETATM 799 O  O   . HOH F 4 .  ? -0.537  -2.454  3.983   1.00 43.19 ? 2076 HOH A O   1 
HETATM 800 O  O   . HOH F 4 .  ? 6.765   0.685   1.209   1.00 42.55 ? 2077 HOH A O   1 
HETATM 801 O  O   . HOH F 4 .  ? 6.318   0.361   5.078   1.00 44.75 ? 2078 HOH A O   1 
HETATM 802 O  O   . HOH F 4 .  ? -0.741  -3.697  -2.526  1.00 48.30 ? 2079 HOH A O   1 
HETATM 803 O  O   . HOH F 4 .  ? 3.842   -1.281  -2.514  1.00 42.04 ? 2080 HOH A O   1 
HETATM 804 O  O   . HOH F 4 .  ? 4.833   0.732   -0.051  1.00 35.91 ? 2081 HOH A O   1 
HETATM 805 O  O   . HOH F 4 .  ? 4.308   2.239   -2.048  1.00 16.21 ? 2082 HOH A O   1 
HETATM 806 O  O   . HOH F 4 .  ? 5.478   2.098   6.641   1.00 44.42 ? 2083 HOH A O   1 
HETATM 807 O  O   . HOH F 4 .  ? 11.387  10.511  -6.020  1.00 31.21 ? 2084 HOH A O   1 
HETATM 808 O  O   . HOH F 4 .  ? 11.934  11.929  -1.441  1.00 38.33 ? 2085 HOH A O   1 
HETATM 809 O  O   . HOH F 4 .  ? 0.743   14.281  0.258   1.00 28.54 ? 2086 HOH A O   1 
HETATM 810 O  O   . HOH F 4 .  ? 0.977   16.921  -3.891  1.00 45.19 ? 2087 HOH A O   1 
HETATM 811 O  O   . HOH F 4 .  ? -1.359  13.629  -6.697  1.00 29.45 ? 2088 HOH A O   1 
HETATM 812 O  O   . HOH F 4 .  ? 5.500   15.203  -8.137  1.00 38.04 ? 2089 HOH A O   1 
HETATM 813 O  O   . HOH F 4 .  ? 5.160   15.868  -5.565  1.00 27.83 ? 2090 HOH A O   1 
HETATM 814 O  O   . HOH F 4 .  ? 10.441  6.267   -8.832  1.00 45.11 ? 2091 HOH A O   1 
HETATM 815 O  O   . HOH F 4 .  ? 11.254  8.352   -7.519  1.00 56.71 ? 2092 HOH A O   1 
HETATM 816 O  O   . HOH F 4 .  ? 10.796  10.606  -8.978  1.00 54.73 ? 2093 HOH A O   1 
HETATM 817 O  O   . HOH F 4 .  ? 11.041  8.318   -10.165 1.00 65.22 ? 2094 HOH A O   1 
HETATM 818 O  O   . HOH F 4 .  ? 0.074   6.906   -5.570  1.00 15.68 ? 2095 HOH A O   1 
HETATM 819 O  O   . HOH F 4 .  ? -2.973  19.630  -0.998  1.00 48.63 ? 2096 HOH A O   1 
HETATM 820 O  O   . HOH F 4 .  ? -6.877  18.143  -1.964  1.00 54.02 ? 2097 HOH A O   1 
HETATM 821 O  O   . HOH F 4 .  ? -2.818  17.522  0.213   1.00 51.24 ? 2098 HOH A O   1 
HETATM 822 O  O   . HOH F 4 .  ? -2.003  11.172  -11.188 1.00 37.15 ? 2099 HOH A O   1 
HETATM 823 O  O   . HOH F 4 .  ? -2.152  3.132   -4.028  1.00 18.91 ? 2100 HOH A O   1 
HETATM 824 O  O   . HOH F 4 .  ? -1.716  13.155  1.246   1.00 20.91 ? 2101 HOH A O   1 
HETATM 825 O  O   . HOH F 4 .  ? -7.693  8.989   2.481   1.00 17.54 ? 2102 HOH A O   1 
HETATM 826 O  O   . HOH F 4 .  ? -10.810 7.142   -5.125  1.00 30.79 ? 2103 HOH A O   1 
HETATM 827 O  O   . HOH F 4 .  ? -3.923  13.220  -6.453  1.00 43.48 ? 2104 HOH A O   1 
HETATM 828 O  O   . HOH F 4 .  ? -5.467  17.429  -5.454  1.00 56.61 ? 2105 HOH A O   1 
HETATM 829 O  O   . HOH F 4 .  ? -9.906  14.214  -7.589  0.50 36.36 ? 2106 HOH A O   1 
HETATM 830 O  O   . HOH F 4 .  ? -9.829  2.004   -1.392  1.00 30.99 ? 2107 HOH A O   1 
HETATM 831 O  O   . HOH F 4 .  ? -9.536  3.349   3.612   1.00 30.01 ? 2108 HOH A O   1 
HETATM 832 O  O   . HOH F 4 .  ? -5.957  0.861   0.281   1.00 48.33 ? 2109 HOH A O   1 
HETATM 833 O  O   . HOH F 4 .  ? -10.708 2.072   1.078   1.00 37.02 ? 2110 HOH A O   1 
HETATM 834 O  O   . HOH F 4 .  ? -15.702 5.713   0.310   1.00 43.15 ? 2111 HOH A O   1 
HETATM 835 O  O   . HOH F 4 .  ? -19.914 6.502   0.236   1.00 28.06 ? 2112 HOH A O   1 
HETATM 836 O  O   . HOH F 4 .  ? -15.958 -1.151  -1.746  1.00 46.92 ? 2113 HOH A O   1 
HETATM 837 O  O   . HOH F 4 .  ? -9.353  -6.919  -4.612  1.00 47.33 ? 2114 HOH A O   1 
HETATM 838 O  O   . HOH F 4 .  ? -6.502  -1.863  -5.426  1.00 35.49 ? 2115 HOH A O   1 
HETATM 839 O  O   . HOH F 4 .  ? -6.767  -5.583  -11.867 1.00 41.37 ? 2116 HOH A O   1 
HETATM 840 O  O   . HOH F 4 .  ? -4.269  -6.180  -11.708 1.00 42.14 ? 2117 HOH A O   1 
HETATM 841 O  O   . HOH F 4 .  ? -9.063  -3.183  -5.601  1.00 25.37 ? 2118 HOH A O   1 
HETATM 842 O  O   . HOH F 4 .  ? -9.824  5.512   -7.347  1.00 35.60 ? 2119 HOH A O   1 
HETATM 843 O  O   . HOH F 4 .  ? -13.133 8.998   -4.855  1.00 40.27 ? 2120 HOH A O   1 
HETATM 844 O  O   . HOH F 4 .  ? -19.443 8.557   -11.762 1.00 21.47 ? 2121 HOH A O   1 
HETATM 845 O  O   . HOH F 4 .  ? -25.752 6.383   -11.317 1.00 27.14 ? 2122 HOH A O   1 
HETATM 846 O  O   . HOH F 4 .  ? -23.703 2.324   -12.415 1.00 25.57 ? 2123 HOH A O   1 
HETATM 847 O  O   . HOH F 4 .  ? -16.579 1.391   -13.707 1.00 26.66 ? 2124 HOH A O   1 
HETATM 848 O  O   . HOH F 4 .  ? -20.657 -4.782  -4.078  1.00 52.98 ? 2125 HOH A O   1 
HETATM 849 O  O   . HOH F 4 .  ? -24.090 -3.456  -10.033 1.00 29.15 ? 2126 HOH A O   1 
HETATM 850 O  O   . HOH F 4 .  ? -14.608 -1.346  -14.722 1.00 38.87 ? 2127 HOH A O   1 
HETATM 851 O  O   . HOH F 4 .  ? 2.259   11.577  -8.359  1.00 24.00 ? 2128 HOH A O   1 
# 
